data_5F3G
#
_entry.id   5F3G
#
_cell.length_a   57.267
_cell.length_b   100.567
_cell.length_c   142.592
_cell.angle_alpha   90.00
_cell.angle_beta   99.43
_cell.angle_gamma   90.00
#
_symmetry.space_group_name_H-M   'P 1 21 1'
#
loop_
_entity.id
_entity.type
_entity.pdbx_description
1 polymer 'Lysine-specific demethylase 4A'
2 non-polymer 'ZINC ION'
3 non-polymer 8-[4-[2-[4-[(4-chlorophenyl)methyl]piperidin-1-yl]ethyl]pyrazol-1-yl]-3~{H}-pyrido[3,4-d]pyrimidin-4-one
4 non-polymer 'DIMETHYL SULFOXIDE'
5 non-polymer 'CHLORIDE ION'
6 water water
#
_entity_poly.entity_id   1
_entity_poly.type   'polypeptide(L)'
_entity_poly.pdbx_seq_one_letter_code
;SMASESETLNPSARIMTFYPTMEEFRNFSRYIAYIESQGAHRAGLAKVVPPKEWKPRASYDDIDDLVIPAPIQQLVTGQS
GLFTQYNIQKKAMTVREFRKIANSDKYCTPRYSEFEELERKYWKNLTFNPPIYGADVNGTLYEKHVDEWNIGRLRTILDL
VEKESGITIEGVNTPYLYFGMWKTSFAWHTEDMDLYSINYLHFGEPKSWYSVPPEHGKRLERLAKGFFPGSAQSCEAFLR
HKMTLISPLMLKKYGIPFDKVTQEAGEFMITFPYGYHAGFNHGFNCAESTNFATRRWIEYGKQAVLCSCRKDMVKISMDV
FVRKFQPERYKLWKAGKDNTVIDHTLPTPEAAEFLKESEL
;
_entity_poly.pdbx_strand_id   A,B,C,D
#
# COMPACT_ATOMS: atom_id res chain seq x y z
N LEU A 9 12.85 -35.20 -3.61
CA LEU A 9 12.14 -33.97 -3.88
C LEU A 9 11.31 -33.51 -2.67
N ASN A 10 10.17 -32.88 -2.93
CA ASN A 10 9.34 -32.39 -1.83
C ASN A 10 10.08 -31.43 -0.89
N PRO A 11 10.48 -30.30 -1.41
CA PRO A 11 11.23 -29.29 -0.64
C PRO A 11 10.56 -28.67 0.59
N SER A 12 9.27 -28.38 0.53
CA SER A 12 8.54 -27.76 1.65
C SER A 12 7.98 -28.72 2.66
N ALA A 13 8.17 -29.99 2.38
CA ALA A 13 7.75 -31.15 3.16
C ALA A 13 6.18 -31.27 3.34
N ARG A 14 5.39 -30.89 2.27
CA ARG A 14 3.92 -30.91 2.26
C ARG A 14 3.35 -32.31 2.01
N ILE A 15 2.15 -32.58 2.55
CA ILE A 15 1.45 -33.87 2.38
C ILE A 15 1.08 -34.05 0.87
N MET A 16 1.61 -35.12 0.27
CA MET A 16 1.36 -35.48 -1.12
C MET A 16 0.32 -36.55 -1.24
N THR A 17 -0.51 -36.48 -2.31
CA THR A 17 -1.56 -37.42 -2.67
C THR A 17 -1.16 -38.16 -3.97
N PHE A 18 -1.40 -39.48 -4.00
CA PHE A 18 -1.05 -40.34 -5.13
C PHE A 18 -2.26 -41.09 -5.65
N TYR A 19 -2.33 -41.27 -6.96
CA TYR A 19 -3.43 -41.95 -7.65
C TYR A 19 -2.86 -43.09 -8.50
N PRO A 20 -2.44 -44.23 -7.86
CA PRO A 20 -1.83 -45.32 -8.63
C PRO A 20 -2.80 -46.03 -9.55
N THR A 21 -2.31 -46.42 -10.75
CA THR A 21 -3.02 -47.23 -11.72
C THR A 21 -3.04 -48.63 -11.10
N MET A 22 -3.91 -49.53 -11.61
CA MET A 22 -4.03 -50.90 -11.12
C MET A 22 -2.69 -51.64 -11.18
N GLU A 23 -1.84 -51.35 -12.19
CA GLU A 23 -0.53 -51.97 -12.34
C GLU A 23 0.45 -51.48 -11.29
N GLU A 24 0.51 -50.16 -11.07
CA GLU A 24 1.38 -49.55 -10.06
C GLU A 24 0.99 -50.01 -8.66
N PHE A 25 -0.33 -50.00 -8.39
CA PHE A 25 -0.96 -50.39 -7.14
C PHE A 25 -0.70 -51.84 -6.71
N ARG A 26 -0.65 -52.77 -7.66
CA ARG A 26 -0.46 -54.21 -7.45
C ARG A 26 0.64 -54.59 -6.44
N ASN A 27 1.80 -53.91 -6.50
CA ASN A 27 2.91 -54.19 -5.59
C ASN A 27 3.00 -53.11 -4.52
N PHE A 28 2.74 -53.50 -3.26
CA PHE A 28 2.75 -52.58 -2.11
C PHE A 28 4.15 -52.02 -1.77
N SER A 29 5.14 -52.90 -1.57
CA SER A 29 6.51 -52.55 -1.25
C SER A 29 7.16 -51.70 -2.37
N ARG A 30 6.76 -51.92 -3.63
CA ARG A 30 7.28 -51.18 -4.77
C ARG A 30 6.70 -49.76 -4.79
N TYR A 31 5.40 -49.64 -4.57
CA TYR A 31 4.78 -48.33 -4.54
C TYR A 31 5.28 -47.46 -3.39
N ILE A 32 5.54 -48.07 -2.24
CA ILE A 32 6.04 -47.31 -1.12
C ILE A 32 7.42 -46.75 -1.47
N ALA A 33 8.22 -47.55 -2.15
CA ALA A 33 9.53 -47.13 -2.59
C ALA A 33 9.35 -46.01 -3.60
N TYR A 34 8.36 -46.15 -4.46
CA TYR A 34 8.03 -45.11 -5.44
C TYR A 34 7.70 -43.77 -4.80
N ILE A 35 6.72 -43.76 -3.85
CA ILE A 35 6.28 -42.52 -3.19
C ILE A 35 7.43 -41.91 -2.36
N GLU A 36 8.32 -42.75 -1.78
CA GLU A 36 9.52 -42.28 -1.09
C GLU A 36 10.47 -41.53 -2.07
N SER A 37 10.68 -42.12 -3.29
CA SER A 37 11.52 -41.54 -4.36
C SER A 37 11.04 -40.12 -4.80
N GLN A 38 9.72 -39.85 -4.63
CA GLN A 38 9.09 -38.56 -4.96
C GLN A 38 9.09 -37.59 -3.75
N GLY A 39 9.74 -38.00 -2.64
CA GLY A 39 9.84 -37.23 -1.40
C GLY A 39 8.62 -37.23 -0.49
N ALA A 40 7.68 -38.17 -0.68
CA ALA A 40 6.45 -38.26 0.12
C ALA A 40 6.69 -38.37 1.62
N HIS A 41 7.75 -39.10 2.01
CA HIS A 41 8.19 -39.36 3.39
C HIS A 41 8.59 -38.12 4.18
N ARG A 42 8.97 -37.03 3.49
CA ARG A 42 9.45 -35.78 4.09
C ARG A 42 8.37 -35.07 4.91
N ALA A 43 7.09 -35.27 4.55
CA ALA A 43 5.93 -34.73 5.23
C ALA A 43 5.58 -35.55 6.48
N GLY A 44 5.98 -36.83 6.51
CA GLY A 44 5.68 -37.77 7.59
C GLY A 44 4.39 -38.54 7.37
N LEU A 45 3.60 -38.07 6.37
CA LEU A 45 2.28 -38.57 6.03
C LEU A 45 1.99 -38.37 4.54
N ALA A 46 1.49 -39.41 3.87
CA ALA A 46 1.07 -39.37 2.47
C ALA A 46 -0.27 -40.06 2.26
N LYS A 47 -1.05 -39.55 1.25
CA LYS A 47 -2.35 -40.11 0.88
C LYS A 47 -2.27 -40.88 -0.43
N VAL A 48 -2.84 -42.09 -0.43
CA VAL A 48 -2.87 -42.96 -1.62
C VAL A 48 -4.32 -43.32 -1.89
N VAL A 49 -4.85 -42.74 -2.96
CA VAL A 49 -6.20 -42.99 -3.45
C VAL A 49 -6.06 -44.19 -4.40
N PRO A 50 -6.64 -45.37 -4.07
CA PRO A 50 -6.46 -46.55 -4.92
C PRO A 50 -7.29 -46.54 -6.21
N PRO A 51 -7.03 -47.44 -7.20
CA PRO A 51 -7.85 -47.45 -8.42
C PRO A 51 -9.35 -47.58 -8.15
N LYS A 52 -10.18 -46.89 -8.94
CA LYS A 52 -11.66 -46.91 -8.82
C LYS A 52 -12.30 -48.31 -8.91
N GLU A 53 -11.67 -49.21 -9.67
CA GLU A 53 -12.12 -50.59 -9.81
C GLU A 53 -11.83 -51.44 -8.55
N TRP A 54 -10.80 -51.06 -7.73
CA TRP A 54 -10.32 -51.75 -6.54
C TRP A 54 -11.23 -51.58 -5.31
N LYS A 55 -11.64 -52.71 -4.72
CA LYS A 55 -12.50 -52.79 -3.54
C LYS A 55 -12.03 -53.96 -2.65
N PRO A 56 -11.79 -53.78 -1.32
CA PRO A 56 -11.36 -54.91 -0.49
C PRO A 56 -12.47 -55.77 0.11
N ARG A 57 -13.75 -55.32 -0.01
CA ARG A 57 -14.96 -55.98 0.51
C ARG A 57 -16.14 -55.47 -0.31
N ALA A 58 -16.97 -56.38 -0.83
CA ALA A 58 -18.12 -56.05 -1.67
C ALA A 58 -19.23 -55.27 -0.94
N SER A 59 -19.37 -55.51 0.39
CA SER A 59 -20.40 -54.93 1.26
C SER A 59 -19.96 -54.89 2.76
N TYR A 60 -20.32 -53.80 3.45
CA TYR A 60 -20.07 -53.64 4.88
C TYR A 60 -21.35 -53.81 5.75
N ASP A 61 -22.42 -54.38 5.16
CA ASP A 61 -23.72 -54.62 5.79
C ASP A 61 -23.80 -55.92 6.60
N ASP A 62 -22.69 -56.66 6.69
CA ASP A 62 -22.62 -57.96 7.36
C ASP A 62 -21.74 -57.96 8.62
N ILE A 63 -21.53 -56.78 9.22
CA ILE A 63 -20.63 -56.67 10.39
C ILE A 63 -21.29 -56.10 11.65
N ASP A 64 -22.63 -55.98 11.69
CA ASP A 64 -23.34 -55.41 12.85
C ASP A 64 -23.14 -56.21 14.16
N ASP A 65 -22.92 -57.52 14.04
CA ASP A 65 -22.73 -58.45 15.16
C ASP A 65 -21.29 -58.60 15.59
N LEU A 66 -20.39 -57.89 14.89
CA LEU A 66 -18.95 -57.86 15.19
C LEU A 66 -18.75 -57.16 16.54
N VAL A 67 -17.98 -57.83 17.42
CA VAL A 67 -17.72 -57.41 18.80
C VAL A 67 -16.47 -56.55 18.88
N ILE A 68 -16.63 -55.42 19.61
CA ILE A 68 -15.61 -54.44 19.98
C ILE A 68 -15.38 -54.77 21.47
N PRO A 69 -14.34 -55.59 21.81
CA PRO A 69 -14.16 -56.04 23.20
C PRO A 69 -13.87 -54.94 24.23
N ALA A 70 -13.07 -53.94 23.86
CA ALA A 70 -12.74 -52.93 24.83
C ALA A 70 -12.96 -51.51 24.32
N PRO A 71 -14.24 -51.06 24.19
CA PRO A 71 -14.47 -49.65 23.78
C PRO A 71 -13.92 -48.66 24.82
N ILE A 72 -13.30 -47.59 24.36
CA ILE A 72 -12.73 -46.62 25.32
C ILE A 72 -13.51 -45.29 25.28
N GLN A 73 -13.95 -44.79 26.47
CA GLN A 73 -14.56 -43.46 26.57
C GLN A 73 -13.39 -42.49 26.76
N GLN A 74 -13.37 -41.50 25.85
CA GLN A 74 -12.28 -40.53 25.78
C GLN A 74 -12.58 -39.26 26.54
N LEU A 75 -11.92 -39.15 27.71
CA LEU A 75 -11.99 -38.00 28.59
C LEU A 75 -10.81 -37.09 28.41
N VAL A 76 -11.06 -35.83 28.01
CA VAL A 76 -10.04 -34.82 27.69
C VAL A 76 -10.05 -33.70 28.73
N THR A 77 -8.84 -33.40 29.21
CA THR A 77 -8.57 -32.36 30.18
C THR A 77 -7.57 -31.38 29.59
N GLY A 78 -7.86 -30.08 29.72
CA GLY A 78 -7.00 -29.04 29.20
C GLY A 78 -7.70 -27.74 28.81
N GLN A 79 -6.90 -26.84 28.25
CA GLN A 79 -7.29 -25.48 27.82
C GLN A 79 -6.14 -24.96 26.92
N SER A 80 -6.32 -23.73 26.37
CA SER A 80 -5.35 -23.01 25.55
C SER A 80 -4.60 -23.93 24.56
N GLY A 81 -5.34 -24.70 23.74
CA GLY A 81 -4.79 -25.67 22.80
C GLY A 81 -4.03 -26.87 23.37
N LEU A 82 -3.89 -26.94 24.70
CA LEU A 82 -3.13 -27.98 25.38
C LEU A 82 -4.02 -28.95 26.10
N PHE A 83 -3.91 -30.27 25.73
CA PHE A 83 -4.78 -31.28 26.31
C PHE A 83 -4.11 -32.64 26.65
N THR A 84 -4.76 -33.36 27.58
CA THR A 84 -4.43 -34.72 28.00
C THR A 84 -5.70 -35.55 27.84
N GLN A 85 -5.59 -36.67 27.15
CA GLN A 85 -6.68 -37.60 26.91
C GLN A 85 -6.51 -38.82 27.82
N TYR A 86 -7.51 -39.07 28.62
CA TYR A 86 -7.64 -40.19 29.52
C TYR A 86 -8.66 -41.14 28.94
N ASN A 87 -8.25 -42.41 28.76
CA ASN A 87 -9.11 -43.45 28.22
C ASN A 87 -9.74 -44.25 29.36
N ILE A 88 -11.10 -44.37 29.36
CA ILE A 88 -11.85 -45.16 30.33
C ILE A 88 -12.39 -46.41 29.59
N GLN A 89 -11.89 -47.60 29.93
CA GLN A 89 -12.33 -48.84 29.28
C GLN A 89 -13.76 -49.16 29.66
N LYS A 90 -14.59 -49.43 28.64
CA LYS A 90 -16.01 -49.72 28.83
C LYS A 90 -16.30 -51.18 28.46
N LYS A 91 -17.48 -51.70 28.86
CA LYS A 91 -17.83 -53.09 28.56
C LYS A 91 -18.02 -53.33 27.06
N ALA A 92 -17.73 -54.56 26.60
CA ALA A 92 -17.85 -54.99 25.20
C ALA A 92 -19.18 -54.66 24.58
N MET A 93 -19.15 -54.26 23.32
CA MET A 93 -20.35 -53.92 22.60
C MET A 93 -20.22 -54.30 21.12
N THR A 94 -21.36 -54.41 20.41
CA THR A 94 -21.40 -54.75 18.98
C THR A 94 -21.31 -53.47 18.15
N VAL A 95 -21.06 -53.61 16.83
CA VAL A 95 -21.02 -52.51 15.86
C VAL A 95 -22.42 -51.89 15.79
N ARG A 96 -23.47 -52.72 15.91
CA ARG A 96 -24.88 -52.32 15.93
C ARG A 96 -25.13 -51.38 17.11
N GLU A 97 -24.62 -51.76 18.31
CA GLU A 97 -24.74 -50.98 19.55
C GLU A 97 -23.96 -49.68 19.41
N PHE A 98 -22.72 -49.74 18.82
CA PHE A 98 -21.85 -48.58 18.61
C PHE A 98 -22.44 -47.55 17.64
N ARG A 99 -22.90 -47.99 16.44
CA ARG A 99 -23.48 -47.15 15.40
C ARG A 99 -24.71 -46.38 15.93
N LYS A 100 -25.56 -47.07 16.73
CA LYS A 100 -26.75 -46.50 17.37
C LYS A 100 -26.32 -45.31 18.25
N ILE A 101 -25.27 -45.50 19.09
CA ILE A 101 -24.70 -44.46 19.95
C ILE A 101 -24.13 -43.31 19.11
N ALA A 102 -23.23 -43.62 18.16
CA ALA A 102 -22.58 -42.67 17.26
C ALA A 102 -23.56 -41.71 16.58
N ASN A 103 -24.68 -42.26 16.04
CA ASN A 103 -25.75 -41.55 15.31
C ASN A 103 -26.80 -40.88 16.21
N SER A 104 -26.81 -41.20 17.54
CA SER A 104 -27.73 -40.60 18.52
C SER A 104 -27.50 -39.10 18.65
N ASP A 105 -28.54 -38.36 19.04
CA ASP A 105 -28.55 -36.89 19.20
C ASP A 105 -27.47 -36.44 20.15
N LYS A 106 -27.16 -37.29 21.15
CA LYS A 106 -26.12 -37.04 22.15
C LYS A 106 -24.71 -37.09 21.54
N TYR A 107 -24.50 -37.87 20.45
CA TYR A 107 -23.15 -38.04 19.94
C TYR A 107 -22.90 -37.69 18.47
N CYS A 108 -23.95 -37.47 17.68
N CYS A 108 -23.94 -37.54 17.64
CA CYS A 108 -23.87 -37.14 16.24
CA CYS A 108 -23.74 -37.29 16.21
C CYS A 108 -23.03 -35.90 15.92
C CYS A 108 -23.03 -35.95 15.90
N THR A 109 -22.43 -35.90 14.70
CA THR A 109 -21.65 -34.80 14.11
C THR A 109 -22.52 -33.57 14.04
N PRO A 110 -22.03 -32.37 14.44
CA PRO A 110 -22.87 -31.17 14.31
C PRO A 110 -23.02 -30.76 12.85
N ARG A 111 -24.01 -29.86 12.57
CA ARG A 111 -24.23 -29.33 11.23
C ARG A 111 -23.09 -28.36 10.92
N TYR A 112 -22.44 -28.53 9.77
CA TYR A 112 -21.32 -27.65 9.40
C TYR A 112 -21.17 -27.42 7.89
N SER A 113 -20.96 -26.17 7.51
CA SER A 113 -20.76 -25.76 6.12
C SER A 113 -19.45 -26.19 5.47
N GLU A 114 -18.36 -26.03 6.21
CA GLU A 114 -17.02 -26.34 5.73
C GLU A 114 -16.21 -27.01 6.83
N PHE A 115 -15.13 -27.67 6.46
CA PHE A 115 -14.30 -28.38 7.42
C PHE A 115 -13.73 -27.47 8.50
N GLU A 116 -13.19 -26.34 8.08
CA GLU A 116 -12.64 -25.36 9.02
C GLU A 116 -13.61 -25.15 10.18
N GLU A 117 -14.92 -25.24 9.89
CA GLU A 117 -16.03 -25.09 10.86
C GLU A 117 -16.06 -26.32 11.76
N LEU A 118 -15.96 -27.50 11.18
CA LEU A 118 -15.98 -28.72 11.98
C LEU A 118 -14.72 -28.82 12.85
N GLU A 119 -13.54 -28.42 12.29
CA GLU A 119 -12.26 -28.41 12.97
C GLU A 119 -12.36 -27.50 14.19
N ARG A 120 -12.88 -26.26 14.00
CA ARG A 120 -13.06 -25.28 15.08
C ARG A 120 -14.02 -25.81 16.15
N LYS A 121 -15.10 -26.50 15.74
CA LYS A 121 -16.09 -27.06 16.66
C LYS A 121 -15.47 -28.19 17.49
N TYR A 122 -14.49 -28.91 16.93
CA TYR A 122 -13.78 -29.99 17.59
C TYR A 122 -12.86 -29.41 18.66
N TRP A 123 -12.04 -28.43 18.29
CA TRP A 123 -11.08 -27.82 19.19
C TRP A 123 -11.77 -27.05 20.31
N LYS A 124 -13.04 -26.62 20.08
CA LYS A 124 -13.85 -25.93 21.07
C LYS A 124 -14.58 -26.91 22.01
N ASN A 125 -14.93 -28.13 21.52
CA ASN A 125 -15.74 -29.04 22.33
C ASN A 125 -15.12 -30.37 22.73
N LEU A 126 -13.86 -30.65 22.36
CA LEU A 126 -13.27 -31.98 22.64
C LEU A 126 -13.24 -32.37 24.15
N THR A 127 -13.41 -31.38 25.07
CA THR A 127 -13.43 -31.61 26.52
C THR A 127 -14.83 -31.93 27.07
N PHE A 128 -15.85 -31.71 26.26
CA PHE A 128 -17.23 -31.97 26.66
C PHE A 128 -17.89 -33.19 26.02
N ASN A 129 -18.87 -33.78 26.71
CA ASN A 129 -19.60 -34.92 26.17
C ASN A 129 -18.67 -35.99 25.65
N PRO A 130 -17.84 -36.55 26.51
CA PRO A 130 -16.84 -37.54 26.07
C PRO A 130 -17.37 -38.64 25.16
N PRO A 131 -16.77 -38.85 23.97
CA PRO A 131 -17.28 -39.90 23.07
C PRO A 131 -16.66 -41.26 23.34
N ILE A 132 -17.18 -42.31 22.69
CA ILE A 132 -16.67 -43.68 22.81
C ILE A 132 -15.97 -44.03 21.51
N TYR A 133 -14.74 -44.50 21.64
CA TYR A 133 -13.93 -44.88 20.49
C TYR A 133 -13.78 -46.37 20.60
N GLY A 134 -14.28 -47.07 19.59
CA GLY A 134 -14.25 -48.51 19.50
C GLY A 134 -13.00 -48.93 18.77
N ALA A 135 -11.86 -48.47 19.30
CA ALA A 135 -10.49 -48.64 18.82
C ALA A 135 -9.86 -50.02 19.13
N ASP A 136 -8.67 -50.28 18.51
CA ASP A 136 -7.80 -51.44 18.72
C ASP A 136 -8.54 -52.75 18.65
N VAL A 137 -9.37 -52.91 17.62
CA VAL A 137 -10.13 -54.14 17.49
C VAL A 137 -9.38 -55.08 16.56
N ASN A 138 -8.90 -56.20 17.11
CA ASN A 138 -8.21 -57.23 16.35
C ASN A 138 -9.14 -57.72 15.25
N GLY A 139 -8.68 -57.60 14.03
CA GLY A 139 -9.45 -58.06 12.90
C GLY A 139 -9.16 -57.33 11.60
N THR A 140 -9.81 -57.79 10.54
CA THR A 140 -9.70 -57.26 9.19
C THR A 140 -11.05 -57.26 8.51
N LEU A 141 -11.29 -56.27 7.64
CA LEU A 141 -12.53 -56.22 6.85
C LEU A 141 -12.25 -56.55 5.39
N TYR A 142 -11.00 -56.94 5.12
CA TYR A 142 -10.59 -57.38 3.79
C TYR A 142 -11.10 -58.78 3.53
N GLU A 143 -11.55 -59.04 2.31
CA GLU A 143 -11.94 -60.38 1.93
C GLU A 143 -10.64 -61.16 1.73
N LYS A 144 -10.63 -62.46 2.05
CA LYS A 144 -9.45 -63.32 2.02
C LYS A 144 -8.72 -63.34 0.67
N HIS A 145 -9.47 -63.33 -0.45
CA HIS A 145 -8.94 -63.36 -1.82
C HIS A 145 -8.22 -62.08 -2.26
N VAL A 146 -8.52 -60.93 -1.61
CA VAL A 146 -7.94 -59.60 -1.90
C VAL A 146 -6.42 -59.60 -1.66
N ASP A 147 -5.62 -59.58 -2.74
CA ASP A 147 -4.15 -59.63 -2.67
C ASP A 147 -3.44 -58.26 -2.67
N GLU A 148 -4.10 -57.22 -3.20
CA GLU A 148 -3.51 -55.89 -3.29
C GLU A 148 -3.70 -55.09 -2.02
N TRP A 149 -2.57 -54.61 -1.45
CA TRP A 149 -2.51 -53.75 -0.27
C TRP A 149 -3.26 -54.32 0.95
N ASN A 150 -3.23 -55.67 1.12
CA ASN A 150 -3.90 -56.34 2.22
C ASN A 150 -3.25 -56.06 3.55
N ILE A 151 -3.92 -55.31 4.40
CA ILE A 151 -3.39 -54.91 5.69
C ILE A 151 -3.11 -56.12 6.56
N GLY A 152 -3.93 -57.14 6.46
CA GLY A 152 -3.74 -58.35 7.23
C GLY A 152 -2.43 -59.04 6.93
N ARG A 153 -2.04 -59.06 5.67
CA ARG A 153 -0.80 -59.71 5.25
C ARG A 153 0.02 -58.87 4.27
N LEU A 154 0.64 -57.79 4.74
CA LEU A 154 1.46 -56.93 3.89
C LEU A 154 2.73 -57.57 3.35
N ARG A 155 3.27 -58.49 4.14
CA ARG A 155 4.47 -59.29 3.89
C ARG A 155 5.72 -58.42 3.63
N THR A 156 5.95 -57.47 4.55
CA THR A 156 7.11 -56.59 4.52
C THR A 156 8.22 -57.27 5.34
N ILE A 157 9.38 -56.62 5.44
CA ILE A 157 10.50 -57.14 6.20
C ILE A 157 10.18 -57.18 7.70
N LEU A 158 9.07 -56.53 8.12
CA LEU A 158 8.63 -56.52 9.52
C LEU A 158 8.27 -57.94 9.98
N ASP A 159 7.74 -58.77 9.07
CA ASP A 159 7.34 -60.17 9.27
C ASP A 159 8.45 -61.06 9.82
N LEU A 160 9.70 -60.52 9.89
CA LEU A 160 10.87 -61.21 10.41
C LEU A 160 10.78 -61.37 11.91
N VAL A 161 10.04 -60.45 12.58
CA VAL A 161 9.78 -60.42 14.02
C VAL A 161 9.09 -61.69 14.43
N GLU A 162 8.03 -62.04 13.68
CA GLU A 162 7.18 -63.21 13.91
C GLU A 162 7.82 -64.47 13.38
N LYS A 163 8.44 -64.39 12.18
CA LYS A 163 9.17 -65.47 11.51
C LYS A 163 10.27 -66.07 12.44
N GLU A 164 11.01 -65.21 13.17
CA GLU A 164 12.07 -65.59 14.11
C GLU A 164 11.55 -65.70 15.59
N SER A 165 10.73 -64.72 16.05
CA SER A 165 10.15 -64.70 17.41
C SER A 165 8.66 -65.00 17.39
N GLY A 171 1.07 -57.67 19.39
CA GLY A 171 0.56 -57.67 18.02
C GLY A 171 0.84 -56.39 17.25
N VAL A 172 2.03 -56.31 16.66
CA VAL A 172 2.43 -55.16 15.88
C VAL A 172 2.18 -55.37 14.41
N ASN A 173 2.25 -56.63 14.02
CA ASN A 173 2.10 -57.06 12.64
C ASN A 173 0.71 -57.49 12.26
N THR A 174 -0.22 -57.35 13.17
CA THR A 174 -1.59 -57.78 12.92
C THR A 174 -2.53 -56.60 12.67
N PRO A 175 -3.65 -56.80 11.96
CA PRO A 175 -4.55 -55.68 11.69
C PRO A 175 -5.41 -55.31 12.88
N TYR A 176 -5.85 -54.02 12.90
CA TYR A 176 -6.66 -53.43 13.95
C TYR A 176 -7.66 -52.52 13.31
N LEU A 177 -8.92 -52.63 13.72
CA LEU A 177 -10.07 -51.85 13.29
C LEU A 177 -10.33 -50.78 14.32
N TYR A 178 -10.81 -49.60 13.83
CA TYR A 178 -11.09 -48.38 14.58
C TYR A 178 -12.47 -47.85 14.21
N PHE A 179 -13.48 -48.24 15.02
CA PHE A 179 -14.85 -47.81 14.93
C PHE A 179 -14.94 -46.50 15.69
N GLY A 180 -15.02 -45.41 14.93
CA GLY A 180 -15.04 -44.07 15.47
C GLY A 180 -16.37 -43.36 15.35
N MET A 181 -16.57 -42.37 16.23
CA MET A 181 -17.73 -41.50 16.22
C MET A 181 -17.21 -40.05 16.17
N TRP A 182 -18.12 -39.08 16.12
CA TRP A 182 -17.68 -37.70 16.08
C TRP A 182 -16.87 -37.38 17.33
N LYS A 183 -15.78 -36.62 17.16
CA LYS A 183 -14.87 -36.13 18.23
C LYS A 183 -13.93 -37.16 18.80
N THR A 184 -14.01 -38.42 18.40
CA THR A 184 -13.05 -39.39 18.96
C THR A 184 -11.74 -39.04 18.33
N SER A 185 -10.67 -39.08 19.08
CA SER A 185 -9.42 -38.67 18.49
C SER A 185 -8.20 -39.44 18.91
N PHE A 186 -7.15 -39.25 18.14
CA PHE A 186 -5.85 -39.82 18.41
C PHE A 186 -4.86 -38.70 18.66
N ALA A 187 -4.11 -38.85 19.74
CA ALA A 187 -3.10 -37.91 20.19
C ALA A 187 -1.80 -37.95 19.41
N TRP A 188 -0.97 -36.92 19.56
CA TRP A 188 0.29 -36.84 18.84
C TRP A 188 1.21 -37.96 19.24
N HIS A 189 1.69 -38.67 18.23
CA HIS A 189 2.54 -39.80 18.44
C HIS A 189 3.24 -40.25 17.18
N THR A 190 4.24 -41.09 17.38
CA THR A 190 4.97 -41.70 16.29
C THR A 190 4.58 -43.14 16.41
N GLU A 191 4.89 -43.96 15.42
CA GLU A 191 4.48 -45.35 15.53
C GLU A 191 5.42 -46.04 16.51
N ASP A 192 4.99 -47.18 17.08
CA ASP A 192 5.84 -47.90 18.02
C ASP A 192 7.06 -48.39 17.26
N MET A 193 8.24 -48.13 17.83
CA MET A 193 9.57 -48.45 17.23
C MET A 193 9.90 -47.56 16.02
N ASP A 194 9.15 -46.45 15.89
CA ASP A 194 9.21 -45.49 14.79
C ASP A 194 9.02 -46.20 13.45
N LEU A 195 8.05 -47.12 13.42
CA LEU A 195 7.70 -47.90 12.26
C LEU A 195 6.79 -47.08 11.34
N TYR A 196 6.46 -47.66 10.17
CA TYR A 196 5.54 -47.07 9.19
C TYR A 196 4.13 -47.56 9.56
N SER A 197 3.11 -46.94 8.97
CA SER A 197 1.75 -47.40 9.17
C SER A 197 0.94 -47.24 7.91
N ILE A 198 -0.06 -48.07 7.74
CA ILE A 198 -1.03 -48.01 6.67
C ILE A 198 -2.37 -47.88 7.38
N ASN A 199 -3.27 -47.02 6.87
CA ASN A 199 -4.58 -46.84 7.50
C ASN A 199 -5.54 -46.64 6.39
N TYR A 200 -6.42 -47.61 6.20
CA TYR A 200 -7.45 -47.56 5.18
C TYR A 200 -8.75 -47.20 5.87
N LEU A 201 -9.48 -46.20 5.34
CA LEU A 201 -10.80 -45.87 5.87
C LEU A 201 -11.78 -46.67 4.97
N HIS A 202 -12.34 -47.78 5.54
CA HIS A 202 -13.27 -48.71 4.90
C HIS A 202 -14.56 -48.05 4.50
N PHE A 203 -15.19 -47.33 5.43
CA PHE A 203 -16.46 -46.65 5.21
C PHE A 203 -16.68 -45.57 6.26
N GLY A 204 -17.72 -44.77 6.03
CA GLY A 204 -18.18 -43.75 6.96
C GLY A 204 -17.69 -42.35 6.74
N GLU A 205 -17.83 -41.55 7.80
CA GLU A 205 -17.50 -40.15 7.83
C GLU A 205 -15.98 -39.92 7.84
N PRO A 206 -15.48 -38.75 7.30
CA PRO A 206 -14.01 -38.53 7.26
C PRO A 206 -13.25 -38.60 8.60
N LYS A 207 -11.92 -38.74 8.43
CA LYS A 207 -10.88 -38.85 9.44
C LYS A 207 -9.89 -37.73 9.13
N SER A 208 -9.78 -36.73 10.00
CA SER A 208 -8.86 -35.61 9.72
C SER A 208 -7.54 -35.82 10.41
N TRP A 209 -6.44 -35.48 9.72
CA TRP A 209 -5.07 -35.73 10.16
C TRP A 209 -4.23 -34.45 10.22
N TYR A 210 -3.35 -34.42 11.19
CA TYR A 210 -2.34 -33.37 11.39
C TYR A 210 -0.98 -34.08 11.37
N SER A 211 0.02 -33.50 10.69
CA SER A 211 1.35 -34.11 10.64
C SER A 211 2.46 -33.12 10.81
N VAL A 212 3.53 -33.56 11.46
CA VAL A 212 4.77 -32.78 11.62
C VAL A 212 5.87 -33.53 10.81
N PRO A 213 6.56 -32.86 9.85
CA PRO A 213 7.66 -33.54 9.11
C PRO A 213 8.71 -34.14 10.06
N PRO A 214 9.21 -35.39 9.87
CA PRO A 214 10.19 -35.94 10.83
C PRO A 214 11.39 -35.05 11.12
N GLU A 215 11.87 -34.28 10.12
CA GLU A 215 12.99 -33.34 10.28
C GLU A 215 12.69 -32.23 11.31
N HIS A 216 11.42 -32.08 11.73
CA HIS A 216 11.01 -31.11 12.76
C HIS A 216 10.39 -31.82 13.98
N GLY A 217 10.49 -33.16 14.00
CA GLY A 217 9.94 -34.03 15.04
C GLY A 217 10.39 -33.66 16.43
N LYS A 218 11.68 -33.33 16.53
CA LYS A 218 12.38 -32.91 17.74
C LYS A 218 11.90 -31.57 18.31
N ARG A 219 11.46 -30.64 17.43
CA ARG A 219 10.92 -29.33 17.82
C ARG A 219 9.61 -29.53 18.55
N LEU A 220 8.70 -30.37 18.00
CA LEU A 220 7.45 -30.71 18.66
C LEU A 220 7.72 -31.36 20.04
N GLU A 221 8.71 -32.29 20.12
CA GLU A 221 9.12 -32.97 21.36
C GLU A 221 9.56 -31.94 22.40
N ARG A 222 10.43 -31.00 21.99
CA ARG A 222 10.96 -29.93 22.83
C ARG A 222 9.83 -29.09 23.37
N LEU A 223 8.85 -28.77 22.50
CA LEU A 223 7.68 -27.97 22.86
C LEU A 223 6.83 -28.71 23.92
N ALA A 224 6.50 -29.99 23.70
CA ALA A 224 5.74 -30.84 24.63
C ALA A 224 6.46 -31.03 25.95
N LYS A 225 7.82 -31.20 25.93
CA LYS A 225 8.67 -31.33 27.11
C LYS A 225 8.56 -30.08 27.99
N GLY A 226 8.34 -28.93 27.37
CA GLY A 226 8.18 -27.65 28.05
C GLY A 226 6.82 -27.49 28.68
N PHE A 227 5.79 -28.05 28.02
CA PHE A 227 4.38 -28.01 28.43
C PHE A 227 4.01 -29.05 29.50
N PHE A 228 4.60 -30.25 29.41
CA PHE A 228 4.35 -31.33 30.37
C PHE A 228 5.68 -31.81 30.97
N PRO A 229 6.33 -30.95 31.83
CA PRO A 229 7.64 -31.34 32.39
C PRO A 229 7.58 -32.43 33.44
N GLY A 230 6.41 -32.57 34.08
CA GLY A 230 6.13 -33.60 35.08
C GLY A 230 6.05 -34.96 34.42
N SER A 231 5.41 -34.98 33.22
CA SER A 231 5.25 -36.17 32.36
C SER A 231 6.59 -36.55 31.70
N ALA A 232 7.41 -35.52 31.37
CA ALA A 232 8.74 -35.68 30.75
C ALA A 232 9.79 -36.18 31.75
N GLN A 233 9.68 -35.77 33.04
CA GLN A 233 10.56 -36.22 34.12
C GLN A 233 10.24 -37.66 34.52
N SER A 234 8.98 -38.10 34.29
CA SER A 234 8.49 -39.45 34.59
C SER A 234 8.85 -40.44 33.47
N CYS A 235 8.82 -39.97 32.21
CA CYS A 235 9.10 -40.78 31.02
C CYS A 235 9.77 -39.94 29.92
N GLU A 236 10.90 -40.44 29.38
CA GLU A 236 11.64 -39.80 28.28
C GLU A 236 10.78 -39.70 27.03
N ALA A 237 10.08 -40.79 26.69
CA ALA A 237 9.17 -40.89 25.54
C ALA A 237 7.71 -40.90 26.01
N PHE A 238 7.27 -39.83 26.69
CA PHE A 238 5.90 -39.74 27.24
C PHE A 238 4.85 -39.56 26.15
N LEU A 239 5.24 -39.04 24.94
CA LEU A 239 4.31 -38.89 23.83
C LEU A 239 3.78 -40.24 23.33
N ARG A 240 4.57 -41.32 23.57
CA ARG A 240 4.27 -42.71 23.24
C ARG A 240 3.02 -43.22 23.97
N HIS A 241 2.68 -42.62 25.13
CA HIS A 241 1.48 -42.91 25.93
C HIS A 241 0.22 -42.54 25.14
N LYS A 242 0.38 -41.78 24.03
CA LYS A 242 -0.66 -41.31 23.11
C LYS A 242 -1.81 -40.64 23.87
N MET A 243 -1.45 -39.66 24.69
CA MET A 243 -2.38 -38.94 25.53
C MET A 243 -2.32 -37.42 25.31
N THR A 244 -1.39 -36.93 24.48
CA THR A 244 -1.18 -35.49 24.34
C THR A 244 -1.84 -34.92 23.11
N LEU A 245 -2.71 -33.93 23.30
CA LEU A 245 -3.38 -33.26 22.18
C LEU A 245 -2.93 -31.80 22.16
N ILE A 246 -2.42 -31.33 21.01
CA ILE A 246 -1.96 -29.95 20.80
C ILE A 246 -2.70 -29.41 19.60
N SER A 247 -3.38 -28.28 19.74
CA SER A 247 -4.16 -27.70 18.64
C SER A 247 -3.31 -27.08 17.52
N PRO A 248 -3.78 -27.05 16.24
CA PRO A 248 -2.97 -26.44 15.16
C PRO A 248 -2.55 -25.02 15.45
N LEU A 249 -3.41 -24.23 16.13
CA LEU A 249 -3.16 -22.85 16.52
C LEU A 249 -1.97 -22.73 17.48
N MET A 250 -1.84 -23.70 18.41
CA MET A 250 -0.74 -23.79 19.39
C MET A 250 0.57 -24.03 18.64
N LEU A 251 0.55 -24.96 17.69
CA LEU A 251 1.69 -25.28 16.85
C LEU A 251 2.14 -24.04 16.05
N LYS A 252 1.17 -23.34 15.42
CA LYS A 252 1.39 -22.10 14.64
C LYS A 252 1.97 -20.99 15.53
N LYS A 253 1.46 -20.84 16.76
CA LYS A 253 1.91 -19.85 17.75
C LYS A 253 3.41 -20.03 18.06
N TYR A 254 3.83 -21.31 18.26
CA TYR A 254 5.20 -21.70 18.61
C TYR A 254 6.07 -22.03 17.41
N GLY A 255 5.60 -21.68 16.21
CA GLY A 255 6.33 -21.86 14.96
C GLY A 255 6.70 -23.28 14.54
N ILE A 256 5.91 -24.30 14.98
CA ILE A 256 6.13 -25.70 14.63
C ILE A 256 5.57 -25.99 13.23
N PRO A 257 6.40 -26.41 12.24
CA PRO A 257 5.86 -26.68 10.90
C PRO A 257 5.03 -27.95 10.89
N PHE A 258 3.86 -27.86 10.28
CA PHE A 258 2.90 -28.95 10.22
C PHE A 258 2.03 -28.79 9.00
N ASP A 259 1.36 -29.88 8.65
CA ASP A 259 0.43 -29.89 7.55
C ASP A 259 -0.83 -30.63 8.01
N LYS A 260 -1.96 -30.34 7.36
CA LYS A 260 -3.21 -31.03 7.66
C LYS A 260 -3.83 -31.63 6.39
N VAL A 261 -4.65 -32.68 6.55
CA VAL A 261 -5.29 -33.38 5.44
C VAL A 261 -6.50 -34.15 5.97
N THR A 262 -7.55 -34.25 5.15
CA THR A 262 -8.76 -35.03 5.46
C THR A 262 -8.80 -36.31 4.62
N GLN A 263 -8.85 -37.48 5.31
CA GLN A 263 -8.97 -38.78 4.69
C GLN A 263 -10.45 -39.11 4.56
N GLU A 264 -10.86 -39.48 3.35
CA GLU A 264 -12.23 -39.87 3.03
C GLU A 264 -12.27 -41.37 2.85
N ALA A 265 -13.48 -41.94 2.86
CA ALA A 265 -13.68 -43.38 2.73
C ALA A 265 -13.11 -43.86 1.41
N GLY A 266 -12.38 -44.99 1.51
CA GLY A 266 -11.74 -45.65 0.41
C GLY A 266 -10.39 -45.11 0.06
N GLU A 267 -9.80 -44.34 0.97
CA GLU A 267 -8.47 -43.76 0.79
C GLU A 267 -7.51 -44.35 1.81
N PHE A 268 -6.21 -44.33 1.50
CA PHE A 268 -5.17 -44.82 2.39
C PHE A 268 -4.29 -43.70 2.83
N MET A 269 -3.83 -43.75 4.07
CA MET A 269 -2.90 -42.80 4.63
C MET A 269 -1.67 -43.56 5.08
N ILE A 270 -0.50 -43.04 4.78
CA ILE A 270 0.74 -43.69 5.18
C ILE A 270 1.57 -42.80 6.12
N THR A 271 1.90 -43.33 7.29
CA THR A 271 2.73 -42.59 8.24
C THR A 271 4.13 -43.15 8.06
N PHE A 272 5.09 -42.26 7.98
CA PHE A 272 6.49 -42.64 7.76
C PHE A 272 7.27 -42.67 9.08
N PRO A 273 8.43 -43.38 9.18
CA PRO A 273 9.17 -43.43 10.45
C PRO A 273 9.44 -42.05 11.05
N TYR A 274 9.19 -41.95 12.37
CA TYR A 274 9.38 -40.74 13.19
C TYR A 274 8.53 -39.51 12.72
N GLY A 275 7.46 -39.78 11.96
CA GLY A 275 6.53 -38.76 11.46
C GLY A 275 5.33 -38.71 12.38
N TYR A 276 5.34 -37.72 13.31
CA TYR A 276 4.35 -37.41 14.37
C TYR A 276 3.03 -37.03 13.72
N HIS A 277 1.94 -37.58 14.26
CA HIS A 277 0.63 -37.33 13.71
C HIS A 277 -0.41 -37.45 14.80
N ALA A 278 -1.56 -36.85 14.62
CA ALA A 278 -2.77 -36.95 15.44
C ALA A 278 -3.92 -36.42 14.61
N GLY A 279 -5.12 -36.71 15.06
CA GLY A 279 -6.29 -36.26 14.35
C GLY A 279 -7.56 -36.63 15.05
N PHE A 280 -8.66 -36.53 14.33
CA PHE A 280 -9.98 -36.82 14.88
C PHE A 280 -10.92 -37.35 13.82
N ASN A 281 -11.99 -38.00 14.26
CA ASN A 281 -13.01 -38.54 13.37
C ASN A 281 -14.14 -37.53 13.32
N HIS A 282 -14.77 -37.42 12.12
CA HIS A 282 -15.90 -36.55 11.85
C HIS A 282 -17.16 -37.18 12.32
N GLY A 283 -17.21 -38.52 12.29
CA GLY A 283 -18.41 -39.24 12.70
C GLY A 283 -18.26 -40.73 12.67
N PHE A 284 -19.38 -41.46 12.51
CA PHE A 284 -19.35 -42.91 12.44
C PHE A 284 -18.55 -43.37 11.20
N ASN A 285 -17.49 -44.16 11.44
CA ASN A 285 -16.57 -44.66 10.42
C ASN A 285 -15.85 -45.93 10.86
N CYS A 286 -15.06 -46.51 9.94
CA CYS A 286 -14.25 -47.69 10.20
C CYS A 286 -12.98 -47.59 9.42
N ALA A 287 -11.85 -47.82 10.12
CA ALA A 287 -10.48 -47.79 9.61
C ALA A 287 -9.70 -48.98 10.11
N GLU A 288 -8.98 -49.61 9.21
CA GLU A 288 -8.14 -50.75 9.52
C GLU A 288 -6.75 -50.23 9.36
N SER A 289 -5.85 -50.67 10.25
CA SER A 289 -4.43 -50.26 10.27
C SER A 289 -3.49 -51.35 10.78
N THR A 290 -2.21 -51.21 10.45
CA THR A 290 -1.10 -52.03 10.89
C THR A 290 0.21 -51.29 10.70
N ASN A 291 1.29 -51.86 11.26
CA ASN A 291 2.63 -51.31 11.07
C ASN A 291 3.33 -52.11 10.02
N PHE A 292 4.27 -51.48 9.32
CA PHE A 292 5.08 -52.16 8.32
C PHE A 292 6.46 -51.55 8.31
N ALA A 293 7.37 -52.13 7.51
CA ALA A 293 8.74 -51.65 7.44
C ALA A 293 9.33 -51.76 6.03
N THR A 294 10.39 -50.99 5.79
CA THR A 294 11.24 -50.95 4.61
C THR A 294 12.66 -50.96 5.17
N ARG A 295 13.69 -51.24 4.33
CA ARG A 295 15.10 -51.27 4.77
C ARG A 295 15.55 -50.00 5.50
N ARG A 296 15.01 -48.82 5.09
CA ARG A 296 15.24 -47.50 5.70
C ARG A 296 14.83 -47.47 7.19
N TRP A 297 13.77 -48.21 7.57
CA TRP A 297 13.27 -48.23 8.94
C TRP A 297 14.28 -48.80 9.96
N ILE A 298 15.08 -49.83 9.57
CA ILE A 298 16.00 -50.50 10.49
C ILE A 298 16.80 -49.48 11.36
N GLU A 299 17.35 -48.40 10.76
CA GLU A 299 18.11 -47.41 11.50
C GLU A 299 17.26 -46.62 12.51
N TYR A 300 15.96 -46.39 12.19
CA TYR A 300 14.97 -45.76 13.05
C TYR A 300 14.59 -46.73 14.16
N GLY A 301 14.58 -48.02 13.88
CA GLY A 301 14.28 -49.04 14.88
C GLY A 301 15.35 -49.15 15.94
N LYS A 302 16.62 -49.05 15.51
CA LYS A 302 17.82 -49.10 16.35
C LYS A 302 17.99 -47.87 17.22
N GLN A 303 17.61 -46.67 16.70
CA GLN A 303 17.78 -45.38 17.36
C GLN A 303 16.56 -44.85 18.12
N ALA A 304 15.40 -45.55 18.02
CA ALA A 304 14.12 -45.20 18.65
C ALA A 304 14.17 -45.01 20.17
N VAL A 305 13.66 -43.85 20.64
CA VAL A 305 13.57 -43.53 22.08
C VAL A 305 12.25 -44.13 22.58
N LEU A 306 12.34 -45.13 23.44
CA LEU A 306 11.18 -45.88 23.90
C LEU A 306 10.70 -45.51 25.30
N CYS A 307 9.42 -45.84 25.56
CA CYS A 307 8.72 -45.65 26.83
C CYS A 307 9.45 -46.45 27.91
N SER A 308 10.00 -45.73 28.90
CA SER A 308 10.77 -46.29 30.03
C SER A 308 9.92 -46.72 31.22
N CYS A 309 8.74 -46.07 31.42
CA CYS A 309 7.83 -46.35 32.54
C CYS A 309 6.92 -47.56 32.27
N MET A 313 4.24 -52.06 27.02
CA MET A 313 4.62 -51.23 25.87
C MET A 313 5.21 -52.07 24.73
N VAL A 314 5.13 -51.57 23.48
CA VAL A 314 5.66 -52.30 22.32
C VAL A 314 7.18 -52.08 22.15
N LYS A 315 7.95 -53.19 22.30
CA LYS A 315 9.39 -53.22 22.11
C LYS A 315 9.73 -54.35 21.15
N ILE A 316 10.61 -54.07 20.17
CA ILE A 316 11.05 -55.05 19.16
C ILE A 316 12.57 -55.23 19.29
N SER A 317 13.04 -56.51 19.30
CA SER A 317 14.48 -56.78 19.35
C SER A 317 15.02 -56.51 17.94
N MET A 318 15.95 -55.56 17.87
CA MET A 318 16.54 -55.13 16.61
C MET A 318 17.58 -56.06 16.07
N ASP A 319 18.22 -56.86 16.96
CA ASP A 319 19.27 -57.84 16.70
C ASP A 319 19.10 -58.65 15.40
N VAL A 320 17.85 -59.13 15.08
CA VAL A 320 17.52 -59.91 13.88
C VAL A 320 17.65 -59.09 12.58
N PHE A 321 17.27 -57.80 12.62
CA PHE A 321 17.32 -56.88 11.47
C PHE A 321 18.77 -56.49 11.16
N VAL A 322 19.56 -56.29 12.21
CA VAL A 322 20.95 -55.87 12.13
C VAL A 322 21.80 -57.03 11.70
N ARG A 323 21.35 -58.25 11.99
CA ARG A 323 22.04 -59.46 11.55
C ARG A 323 21.98 -59.63 10.06
N LYS A 324 20.76 -59.48 9.51
CA LYS A 324 20.41 -59.72 8.11
C LYS A 324 20.76 -58.60 7.19
N PHE A 325 20.51 -57.36 7.60
CA PHE A 325 20.69 -56.23 6.70
C PHE A 325 21.94 -55.39 6.95
N GLN A 326 22.54 -55.48 8.15
CA GLN A 326 23.77 -54.76 8.50
C GLN A 326 24.80 -55.69 9.19
N PRO A 327 25.12 -56.90 8.69
CA PRO A 327 26.03 -57.79 9.44
C PRO A 327 27.43 -57.21 9.74
N GLU A 328 27.93 -56.30 8.87
CA GLU A 328 29.22 -55.60 8.99
C GLU A 328 29.20 -54.63 10.17
N ARG A 329 28.00 -54.11 10.52
CA ARG A 329 27.79 -53.18 11.63
C ARG A 329 27.32 -53.89 12.91
N TYR A 330 27.13 -55.22 12.85
CA TYR A 330 26.61 -55.99 13.97
C TYR A 330 27.45 -55.88 15.22
N LYS A 331 28.77 -56.05 15.07
CA LYS A 331 29.71 -56.00 16.18
C LYS A 331 29.78 -54.58 16.76
N LEU A 332 29.87 -53.56 15.88
CA LEU A 332 29.94 -52.15 16.28
C LEU A 332 28.67 -51.69 17.02
N TRP A 333 27.50 -52.17 16.58
CA TRP A 333 26.21 -51.85 17.16
C TRP A 333 26.03 -52.57 18.51
N LYS A 334 26.43 -53.84 18.57
CA LYS A 334 26.37 -54.67 19.80
C LYS A 334 27.35 -54.15 20.88
N ALA A 335 28.34 -53.32 20.48
CA ALA A 335 29.33 -52.67 21.34
C ALA A 335 28.86 -51.27 21.79
N GLY A 336 27.88 -50.73 21.07
CA GLY A 336 27.30 -49.42 21.36
C GLY A 336 28.01 -48.28 20.67
N LYS A 337 28.82 -48.61 19.64
CA LYS A 337 29.61 -47.64 18.86
C LYS A 337 28.95 -47.20 17.54
N ASP A 338 27.72 -47.71 17.22
CA ASP A 338 27.02 -47.31 16.01
C ASP A 338 26.52 -45.86 16.10
N ASN A 339 27.40 -44.93 15.68
CA ASN A 339 27.19 -43.48 15.70
C ASN A 339 26.58 -42.95 14.39
N THR A 340 25.78 -43.78 13.69
CA THR A 340 25.09 -43.43 12.44
C THR A 340 24.08 -42.31 12.68
N VAL A 341 24.14 -41.29 11.85
CA VAL A 341 23.21 -40.15 11.95
C VAL A 341 22.19 -40.33 10.87
N ILE A 342 20.89 -40.22 11.23
CA ILE A 342 19.75 -40.36 10.32
C ILE A 342 19.46 -39.05 9.57
N ASP A 343 19.23 -39.17 8.26
CA ASP A 343 18.86 -38.09 7.35
C ASP A 343 17.41 -38.38 7.01
N HIS A 344 16.49 -37.56 7.56
CA HIS A 344 15.04 -37.72 7.38
C HIS A 344 14.55 -37.49 5.93
N THR A 345 15.44 -36.99 5.06
CA THR A 345 15.13 -36.67 3.67
C THR A 345 15.58 -37.77 2.72
N LEU A 346 16.39 -38.73 3.19
CA LEU A 346 16.90 -39.81 2.33
C LEU A 346 15.82 -40.84 2.06
N PRO A 347 15.55 -41.20 0.78
CA PRO A 347 14.52 -42.23 0.51
C PRO A 347 15.00 -43.64 0.89
N THR A 348 14.10 -44.63 0.85
CA THR A 348 14.47 -46.01 1.20
C THR A 348 15.39 -46.59 0.11
N PRO A 349 16.37 -47.50 0.44
CA PRO A 349 17.23 -48.08 -0.61
C PRO A 349 16.47 -48.71 -1.79
N GLU A 350 15.23 -49.18 -1.53
CA GLU A 350 14.31 -49.80 -2.49
C GLU A 350 13.85 -48.81 -3.58
N ALA A 351 14.01 -47.48 -3.32
CA ALA A 351 13.64 -46.40 -4.23
C ALA A 351 14.65 -46.17 -5.36
N ALA A 352 15.84 -46.84 -5.30
CA ALA A 352 16.93 -46.77 -6.30
C ALA A 352 16.46 -46.91 -7.75
N GLU A 353 15.52 -47.87 -7.99
CA GLU A 353 14.87 -48.21 -9.25
C GLU A 353 14.08 -47.03 -9.87
N PHE A 354 13.91 -45.95 -9.08
CA PHE A 354 13.15 -44.76 -9.46
C PHE A 354 14.02 -43.47 -9.43
N LEU A 355 15.30 -43.57 -9.03
CA LEU A 355 16.17 -42.40 -8.93
C LEU A 355 17.04 -42.25 -10.16
N ASN B 10 2.41 -18.87 29.33
CA ASN B 10 3.75 -18.96 28.75
C ASN B 10 4.83 -19.21 29.86
N PRO B 11 5.02 -20.49 30.28
CA PRO B 11 5.97 -20.76 31.39
C PRO B 11 7.45 -20.95 30.99
N SER B 12 7.72 -21.34 29.72
CA SER B 12 9.08 -21.54 29.21
C SER B 12 9.61 -20.25 28.57
N ALA B 13 8.81 -19.14 28.63
CA ALA B 13 9.08 -17.78 28.11
C ALA B 13 9.58 -17.80 26.66
N ARG B 14 8.94 -18.64 25.79
CA ARG B 14 9.27 -18.78 24.38
C ARG B 14 8.59 -17.67 23.53
N ILE B 15 9.22 -17.29 22.42
CA ILE B 15 8.71 -16.30 21.49
C ILE B 15 7.45 -16.84 20.81
N MET B 16 6.33 -16.13 21.00
CA MET B 16 5.01 -16.48 20.45
C MET B 16 4.73 -15.63 19.23
N THR B 17 3.97 -16.23 18.28
CA THR B 17 3.54 -15.64 17.01
C THR B 17 2.01 -15.54 17.05
N PHE B 18 1.49 -14.42 16.57
CA PHE B 18 0.08 -14.09 16.54
C PHE B 18 -0.38 -13.78 15.12
N TYR B 19 -1.62 -14.21 14.80
CA TYR B 19 -2.22 -14.02 13.49
C TYR B 19 -3.57 -13.33 13.67
N PRO B 20 -3.58 -11.99 13.97
CA PRO B 20 -4.86 -11.30 14.15
C PRO B 20 -5.70 -11.22 12.88
N THR B 21 -7.02 -11.37 13.06
CA THR B 21 -8.03 -11.17 12.02
C THR B 21 -8.06 -9.63 11.82
N MET B 22 -8.66 -9.17 10.72
CA MET B 22 -8.78 -7.73 10.42
C MET B 22 -9.47 -6.97 11.57
N GLU B 23 -10.48 -7.60 12.24
CA GLU B 23 -11.22 -7.02 13.35
C GLU B 23 -10.35 -6.88 14.60
N GLU B 24 -9.59 -7.94 14.96
CA GLU B 24 -8.66 -7.93 16.10
C GLU B 24 -7.51 -6.91 15.90
N PHE B 25 -6.93 -6.88 14.69
CA PHE B 25 -5.81 -6.01 14.30
C PHE B 25 -6.16 -4.52 14.21
N ARG B 26 -7.45 -4.18 14.09
CA ARG B 26 -7.92 -2.80 14.02
C ARG B 26 -7.48 -1.90 15.21
N ASN B 27 -7.56 -2.42 16.46
CA ASN B 27 -7.17 -1.69 17.68
C ASN B 27 -5.80 -2.18 18.17
N PHE B 28 -4.79 -1.29 18.10
CA PHE B 28 -3.40 -1.59 18.49
C PHE B 28 -3.22 -1.84 20.00
N SER B 29 -3.67 -0.88 20.84
CA SER B 29 -3.59 -0.96 22.29
C SER B 29 -4.38 -2.13 22.88
N ARG B 30 -5.48 -2.53 22.21
CA ARG B 30 -6.27 -3.67 22.66
C ARG B 30 -5.52 -4.97 22.38
N TYR B 31 -4.97 -5.10 21.17
CA TYR B 31 -4.24 -6.30 20.81
C TYR B 31 -2.98 -6.45 21.66
N ILE B 32 -2.33 -5.36 22.00
CA ILE B 32 -1.13 -5.44 22.83
C ILE B 32 -1.51 -6.00 24.20
N ALA B 33 -2.63 -5.56 24.74
CA ALA B 33 -3.12 -6.07 26.00
C ALA B 33 -3.48 -7.53 25.84
N TYR B 34 -4.10 -7.87 24.71
CA TYR B 34 -4.45 -9.27 24.42
C TYR B 34 -3.24 -10.19 24.43
N ILE B 35 -2.16 -9.84 23.68
CA ILE B 35 -0.97 -10.69 23.59
C ILE B 35 -0.27 -10.78 24.96
N GLU B 36 -0.33 -9.69 25.78
CA GLU B 36 0.20 -9.68 27.15
C GLU B 36 -0.58 -10.70 28.02
N SER B 37 -1.92 -10.74 27.92
CA SER B 37 -2.76 -11.70 28.64
C SER B 37 -2.32 -13.15 28.40
N GLN B 38 -1.95 -13.46 27.15
CA GLN B 38 -1.49 -14.78 26.71
C GLN B 38 -0.03 -15.06 27.10
N GLY B 39 0.60 -14.16 27.86
CA GLY B 39 1.98 -14.25 28.33
C GLY B 39 3.08 -13.95 27.32
N ALA B 40 2.74 -13.29 26.20
CA ALA B 40 3.69 -12.97 25.12
C ALA B 40 4.90 -12.18 25.60
N HIS B 41 4.67 -11.26 26.55
CA HIS B 41 5.66 -10.36 27.17
C HIS B 41 6.79 -11.06 27.95
N ARG B 42 6.53 -12.29 28.42
CA ARG B 42 7.48 -13.09 29.21
C ARG B 42 8.76 -13.44 28.44
N ALA B 43 8.67 -13.57 27.11
CA ALA B 43 9.78 -13.84 26.21
C ALA B 43 10.58 -12.58 25.94
N GLY B 44 9.91 -11.41 26.02
CA GLY B 44 10.49 -10.09 25.78
C GLY B 44 10.52 -9.72 24.32
N LEU B 45 9.87 -10.56 23.50
CA LEU B 45 9.74 -10.40 22.08
C LEU B 45 8.60 -11.27 21.56
N ALA B 46 7.69 -10.69 20.75
CA ALA B 46 6.59 -11.38 20.10
C ALA B 46 6.46 -10.98 18.66
N LYS B 47 5.98 -11.94 17.82
CA LYS B 47 5.74 -11.73 16.38
C LYS B 47 4.25 -11.62 16.10
N VAL B 48 3.87 -10.58 15.32
CA VAL B 48 2.51 -10.36 14.90
C VAL B 48 2.47 -10.31 13.39
N VAL B 49 1.91 -11.34 12.79
CA VAL B 49 1.71 -11.48 11.36
C VAL B 49 0.36 -10.81 11.08
N PRO B 50 0.32 -9.64 10.39
CA PRO B 50 -0.95 -8.93 10.17
C PRO B 50 -1.85 -9.60 9.14
N PRO B 51 -3.15 -9.19 9.01
CA PRO B 51 -4.01 -9.79 7.99
C PRO B 51 -3.42 -9.69 6.60
N LYS B 52 -3.59 -10.74 5.81
CA LYS B 52 -3.11 -10.91 4.43
C LYS B 52 -3.54 -9.76 3.50
N GLU B 53 -4.76 -9.24 3.72
CA GLU B 53 -5.33 -8.12 2.96
C GLU B 53 -4.65 -6.78 3.25
N TRP B 54 -4.14 -6.61 4.50
CA TRP B 54 -3.51 -5.39 5.04
C TRP B 54 -2.12 -5.07 4.44
N LYS B 55 -1.98 -3.82 3.93
CA LYS B 55 -0.78 -3.25 3.32
C LYS B 55 -0.64 -1.76 3.73
N PRO B 56 0.55 -1.30 4.26
CA PRO B 56 0.68 0.12 4.65
C PRO B 56 1.09 1.09 3.52
N ARG B 57 1.51 0.56 2.35
CA ARG B 57 2.00 1.29 1.17
C ARG B 57 1.76 0.42 -0.05
N ALA B 58 1.14 1.00 -1.10
CA ALA B 58 0.79 0.29 -2.33
C ALA B 58 1.98 -0.21 -3.15
N SER B 59 3.16 0.48 -3.05
CA SER B 59 4.40 0.17 -3.78
C SER B 59 5.64 0.79 -3.13
N TYR B 60 6.76 0.06 -3.15
CA TYR B 60 8.06 0.53 -2.61
C TYR B 60 9.07 0.92 -3.72
N ASP B 61 8.59 1.10 -4.96
CA ASP B 61 9.38 1.47 -6.14
C ASP B 61 9.63 2.98 -6.31
N ASP B 62 9.13 3.78 -5.35
CA ASP B 62 9.22 5.24 -5.36
C ASP B 62 10.15 5.80 -4.26
N ILE B 63 11.09 4.98 -3.77
CA ILE B 63 11.96 5.40 -2.69
C ILE B 63 13.47 5.28 -2.99
N ASP B 64 13.88 5.02 -4.25
CA ASP B 64 15.30 4.93 -4.60
C ASP B 64 16.09 6.25 -4.38
N ASP B 65 15.40 7.40 -4.51
CA ASP B 65 15.96 8.75 -4.35
C ASP B 65 15.92 9.25 -2.91
N LEU B 66 15.41 8.42 -2.00
CA LEU B 66 15.31 8.72 -0.58
C LEU B 66 16.72 8.72 0.01
N VAL B 67 17.05 9.79 0.73
CA VAL B 67 18.35 10.01 1.35
C VAL B 67 18.42 9.44 2.75
N ILE B 68 19.53 8.72 3.00
CA ILE B 68 19.93 8.12 4.27
C ILE B 68 21.06 9.09 4.73
N PRO B 69 20.75 10.06 5.62
CA PRO B 69 21.76 11.06 5.98
C PRO B 69 23.03 10.55 6.66
N ALA B 70 22.88 9.58 7.58
CA ALA B 70 24.06 9.10 8.29
C ALA B 70 24.25 7.59 8.24
N PRO B 71 24.66 7.03 7.07
CA PRO B 71 24.93 5.57 7.02
C PRO B 71 26.11 5.19 7.92
N ILE B 72 26.05 4.06 8.60
CA ILE B 72 27.08 3.68 9.57
C ILE B 72 27.80 2.41 9.16
N GLN B 73 29.14 2.48 9.02
CA GLN B 73 29.90 1.27 8.76
C GLN B 73 30.14 0.58 10.10
N GLN B 74 29.76 -0.69 10.16
CA GLN B 74 29.82 -1.49 11.38
C GLN B 74 31.07 -2.33 11.48
N LEU B 75 32.00 -1.84 12.31
CA LEU B 75 33.27 -2.51 12.59
C LEU B 75 33.21 -3.29 13.88
N VAL B 76 33.43 -4.61 13.81
CA VAL B 76 33.32 -5.55 14.93
C VAL B 76 34.68 -6.10 15.28
N THR B 77 34.99 -6.02 16.58
CA THR B 77 36.23 -6.51 17.17
C THR B 77 35.89 -7.53 18.24
N GLY B 78 36.57 -8.65 18.23
CA GLY B 78 36.33 -9.71 19.18
C GLY B 78 36.73 -11.10 18.79
N GLN B 79 36.46 -12.04 19.71
N GLN B 79 36.47 -12.07 19.69
CA GLN B 79 36.81 -13.47 19.63
CA GLN B 79 36.80 -13.50 19.53
C GLN B 79 35.94 -14.22 20.63
C GLN B 79 36.05 -14.24 20.66
N SER B 80 35.89 -15.57 20.52
CA SER B 80 35.20 -16.47 21.47
C SER B 80 33.77 -16.02 21.82
N GLY B 81 33.00 -15.72 20.78
CA GLY B 81 31.62 -15.28 20.89
C GLY B 81 31.38 -13.93 21.54
N LEU B 82 32.48 -13.20 21.88
CA LEU B 82 32.49 -11.90 22.54
C LEU B 82 32.94 -10.83 21.60
N PHE B 83 32.10 -9.79 21.40
CA PHE B 83 32.38 -8.73 20.46
C PHE B 83 31.97 -7.31 20.90
N THR B 84 32.65 -6.30 20.31
CA THR B 84 32.39 -4.87 20.43
C THR B 84 32.22 -4.33 19.01
N GLN B 85 31.10 -3.62 18.80
CA GLN B 85 30.73 -3.02 17.54
C GLN B 85 30.98 -1.54 17.59
N TYR B 86 31.84 -1.07 16.71
CA TYR B 86 32.18 0.34 16.53
C TYR B 86 31.50 0.81 15.30
N ASN B 87 30.72 1.89 15.41
CA ASN B 87 29.99 2.48 14.30
C ASN B 87 30.76 3.66 13.74
N ILE B 88 31.00 3.65 12.40
CA ILE B 88 31.73 4.73 11.70
C ILE B 88 30.73 5.45 10.79
N GLN B 89 30.39 6.71 11.10
CA GLN B 89 29.47 7.51 10.31
C GLN B 89 30.06 7.82 8.94
N LYS B 90 29.30 7.55 7.88
CA LYS B 90 29.72 7.76 6.50
C LYS B 90 28.86 8.85 5.87
N LYS B 91 29.31 9.39 4.71
CA LYS B 91 28.62 10.43 3.94
C LYS B 91 27.23 9.98 3.50
N ALA B 92 26.27 10.91 3.46
CA ALA B 92 24.88 10.68 3.03
C ALA B 92 24.79 10.00 1.68
N MET B 93 23.89 9.05 1.56
CA MET B 93 23.71 8.31 0.33
C MET B 93 22.24 8.01 0.11
N THR B 94 21.87 7.65 -1.13
CA THR B 94 20.49 7.33 -1.46
C THR B 94 20.26 5.83 -1.32
N VAL B 95 18.96 5.39 -1.34
CA VAL B 95 18.53 3.99 -1.23
C VAL B 95 19.07 3.24 -2.45
N ARG B 96 19.12 3.92 -3.61
CA ARG B 96 19.68 3.40 -4.86
C ARG B 96 21.17 3.11 -4.66
N GLU B 97 21.90 4.02 -3.97
CA GLU B 97 23.34 3.91 -3.66
C GLU B 97 23.60 2.81 -2.63
N PHE B 98 22.67 2.65 -1.66
CA PHE B 98 22.75 1.64 -0.64
C PHE B 98 22.47 0.23 -1.17
N ARG B 99 21.36 0.04 -1.93
CA ARG B 99 20.96 -1.23 -2.55
C ARG B 99 22.05 -1.78 -3.48
N LYS B 100 22.71 -0.88 -4.27
CA LYS B 100 23.82 -1.23 -5.17
C LYS B 100 24.95 -1.88 -4.36
N ILE B 101 25.33 -1.26 -3.23
CA ILE B 101 26.36 -1.75 -2.33
C ILE B 101 25.93 -3.08 -1.73
N ALA B 102 24.71 -3.13 -1.10
CA ALA B 102 24.12 -4.31 -0.46
C ALA B 102 24.17 -5.56 -1.34
N ASN B 103 23.77 -5.41 -2.64
CA ASN B 103 23.70 -6.48 -3.62
C ASN B 103 25.04 -6.81 -4.30
N SER B 104 26.07 -5.95 -4.13
CA SER B 104 27.40 -6.16 -4.74
C SER B 104 28.07 -7.43 -4.22
N ASP B 105 28.97 -8.02 -5.02
CA ASP B 105 29.71 -9.25 -4.71
C ASP B 105 30.44 -9.15 -3.36
N LYS B 106 30.89 -7.94 -3.00
CA LYS B 106 31.58 -7.68 -1.75
C LYS B 106 30.62 -7.72 -0.55
N TYR B 107 29.32 -7.44 -0.74
CA TYR B 107 28.43 -7.36 0.42
C TYR B 107 27.20 -8.27 0.41
N CYS B 108 26.92 -8.97 -0.70
CA CYS B 108 25.77 -9.86 -0.85
C CYS B 108 25.75 -11.00 0.14
N THR B 109 24.55 -11.45 0.50
CA THR B 109 24.29 -12.59 1.38
C THR B 109 24.98 -13.81 0.76
N PRO B 110 25.71 -14.64 1.55
CA PRO B 110 26.30 -15.85 0.94
C PRO B 110 25.22 -16.89 0.58
N ARG B 111 25.59 -17.90 -0.24
CA ARG B 111 24.65 -18.96 -0.61
C ARG B 111 24.46 -19.86 0.61
N TYR B 112 23.22 -20.26 0.87
CA TYR B 112 22.94 -21.14 1.99
C TYR B 112 21.66 -21.90 1.75
N SER B 113 21.48 -22.99 2.47
CA SER B 113 20.27 -23.76 2.33
C SER B 113 19.31 -23.48 3.47
N GLU B 114 19.82 -23.48 4.69
CA GLU B 114 18.99 -23.27 5.87
C GLU B 114 19.51 -22.13 6.74
N PHE B 115 18.63 -21.60 7.57
CA PHE B 115 18.99 -20.48 8.40
C PHE B 115 20.15 -20.82 9.32
N GLU B 116 20.10 -21.97 9.95
CA GLU B 116 21.18 -22.43 10.84
C GLU B 116 22.54 -22.24 10.18
N GLU B 117 22.59 -22.44 8.85
CA GLU B 117 23.78 -22.26 8.02
C GLU B 117 24.14 -20.78 7.92
N LEU B 118 23.16 -19.90 7.60
CA LEU B 118 23.44 -18.45 7.51
C LEU B 118 23.83 -17.82 8.86
N GLU B 119 23.11 -18.23 9.93
CA GLU B 119 23.32 -17.85 11.32
C GLU B 119 24.78 -18.19 11.76
N ARG B 120 25.24 -19.44 11.43
CA ARG B 120 26.60 -19.89 11.72
C ARG B 120 27.62 -19.10 10.90
N LYS B 121 27.28 -18.77 9.63
CA LYS B 121 28.12 -17.95 8.73
C LYS B 121 28.28 -16.53 9.26
N TYR B 122 27.25 -16.01 9.94
CA TYR B 122 27.25 -14.67 10.54
C TYR B 122 28.19 -14.65 11.73
N TRP B 123 28.06 -15.61 12.65
CA TRP B 123 28.88 -15.66 13.85
C TRP B 123 30.34 -15.96 13.54
N LYS B 124 30.61 -16.58 12.36
CA LYS B 124 31.95 -16.86 11.88
C LYS B 124 32.57 -15.65 11.14
N ASN B 125 31.75 -14.80 10.52
CA ASN B 125 32.28 -13.71 9.69
C ASN B 125 31.93 -12.29 10.09
N LEU B 126 31.23 -12.06 11.22
CA LEU B 126 30.80 -10.71 11.61
C LEU B 126 31.94 -9.71 11.81
N THR B 127 33.21 -10.19 11.97
CA THR B 127 34.40 -9.34 12.11
C THR B 127 35.06 -8.97 10.78
N PHE B 128 34.71 -9.66 9.69
CA PHE B 128 35.26 -9.37 8.36
C PHE B 128 34.28 -8.62 7.46
N ASN B 129 34.80 -7.96 6.44
CA ASN B 129 33.96 -7.23 5.50
C ASN B 129 32.99 -6.29 6.18
N PRO B 130 33.46 -5.33 6.96
CA PRO B 130 32.44 -4.50 7.67
C PRO B 130 31.32 -3.95 6.79
N PRO B 131 30.04 -4.21 7.13
CA PRO B 131 28.94 -3.73 6.26
C PRO B 131 28.48 -2.33 6.59
N ILE B 132 27.65 -1.72 5.76
CA ILE B 132 27.07 -0.40 5.98
C ILE B 132 25.59 -0.55 6.39
N TYR B 133 25.17 0.19 7.44
CA TYR B 133 23.80 0.17 7.96
C TYR B 133 23.18 1.58 7.80
N GLY B 134 22.13 1.68 7.00
CA GLY B 134 21.41 2.93 6.79
C GLY B 134 20.31 2.97 7.83
N ALA B 135 20.71 3.19 9.07
CA ALA B 135 19.85 3.16 10.24
C ALA B 135 19.50 4.54 10.69
N ASP B 136 18.52 4.66 11.61
CA ASP B 136 18.08 5.93 12.26
C ASP B 136 17.65 6.99 11.25
N VAL B 137 16.89 6.58 10.23
CA VAL B 137 16.45 7.53 9.23
C VAL B 137 15.07 8.03 9.66
N ASN B 138 14.96 9.30 9.96
CA ASN B 138 13.68 9.93 10.31
C ASN B 138 12.74 9.77 9.14
N GLY B 139 11.61 9.13 9.40
CA GLY B 139 10.63 8.93 8.35
C GLY B 139 9.73 7.75 8.52
N THR B 140 8.74 7.68 7.65
CA THR B 140 7.74 6.63 7.59
C THR B 140 7.48 6.18 6.16
N LEU B 141 7.26 4.87 5.96
CA LEU B 141 6.91 4.37 4.64
C LEU B 141 5.42 4.01 4.60
N TYR B 142 4.73 4.24 5.73
CA TYR B 142 3.28 4.11 5.86
C TYR B 142 2.61 5.30 5.13
N GLU B 143 1.53 5.02 4.37
CA GLU B 143 0.76 6.06 3.70
C GLU B 143 -0.11 6.74 4.78
N LYS B 144 -0.34 8.06 4.64
CA LYS B 144 -1.07 8.90 5.60
C LYS B 144 -2.45 8.35 6.00
N HIS B 145 -3.23 7.82 5.05
CA HIS B 145 -4.58 7.30 5.27
C HIS B 145 -4.67 6.01 6.10
N VAL B 146 -3.59 5.21 6.16
CA VAL B 146 -3.58 3.91 6.86
C VAL B 146 -3.64 4.12 8.38
N ASP B 147 -4.77 3.69 8.97
CA ASP B 147 -5.06 3.85 10.40
C ASP B 147 -4.64 2.66 11.29
N GLU B 148 -4.52 1.43 10.73
CA GLU B 148 -4.17 0.24 11.52
C GLU B 148 -2.69 0.09 11.71
N TRP B 149 -2.26 0.02 13.00
CA TRP B 149 -0.89 -0.20 13.44
C TRP B 149 0.13 0.77 12.81
N ASN B 150 -0.28 2.07 12.61
CA ASN B 150 0.57 3.11 12.03
C ASN B 150 1.68 3.50 12.99
N ILE B 151 2.91 3.20 12.62
CA ILE B 151 4.06 3.50 13.46
C ILE B 151 4.22 4.99 13.72
N GLY B 152 3.93 5.82 12.73
CA GLY B 152 4.05 7.25 12.87
C GLY B 152 3.12 7.80 13.92
N ARG B 153 1.91 7.26 13.97
CA ARG B 153 0.92 7.69 14.95
C ARG B 153 0.20 6.54 15.65
N LEU B 154 0.89 5.84 16.54
CA LEU B 154 0.30 4.75 17.31
C LEU B 154 -0.81 5.16 18.27
N ARG B 155 -0.61 6.32 18.90
CA ARG B 155 -1.49 6.97 19.88
C ARG B 155 -1.59 6.18 21.19
N THR B 156 -0.44 5.79 21.73
CA THR B 156 -0.34 5.10 23.02
C THR B 156 -0.16 6.21 24.06
N ILE B 157 -0.06 5.85 25.36
CA ILE B 157 0.10 6.80 26.47
C ILE B 157 1.46 7.53 26.41
N LEU B 158 2.39 7.04 25.55
CA LEU B 158 3.70 7.64 25.35
C LEU B 158 3.57 9.04 24.76
N ASP B 159 2.53 9.26 23.93
CA ASP B 159 2.19 10.53 23.26
C ASP B 159 2.07 11.71 24.23
N LEU B 160 2.04 11.43 25.56
CA LEU B 160 1.95 12.42 26.62
C LEU B 160 3.22 13.25 26.72
N VAL B 161 4.36 12.65 26.31
CA VAL B 161 5.69 13.26 26.24
C VAL B 161 5.68 14.51 25.36
N GLU B 162 5.06 14.46 24.15
CA GLU B 162 4.99 15.61 23.24
C GLU B 162 3.79 16.51 23.55
N GLY B 171 13.35 12.28 19.95
CA GLY B 171 12.30 11.69 19.14
C GLY B 171 12.12 10.20 19.40
N VAL B 172 11.16 9.84 20.28
CA VAL B 172 10.83 8.45 20.62
C VAL B 172 9.35 8.12 20.27
N ASN B 173 8.60 9.14 19.86
CA ASN B 173 7.24 9.06 19.37
C ASN B 173 7.32 9.10 17.85
N THR B 174 8.55 9.29 17.31
CA THR B 174 8.76 9.42 15.87
C THR B 174 9.27 8.13 15.21
N PRO B 175 8.76 7.82 13.99
CA PRO B 175 9.28 6.65 13.26
C PRO B 175 10.69 6.85 12.70
N TYR B 176 11.46 5.73 12.65
CA TYR B 176 12.83 5.61 12.17
C TYR B 176 12.92 4.42 11.25
N LEU B 177 13.51 4.62 10.05
CA LEU B 177 13.72 3.66 8.96
C LEU B 177 15.11 3.03 9.01
N TYR B 178 15.18 1.75 8.67
CA TYR B 178 16.39 0.92 8.75
C TYR B 178 16.57 0.14 7.49
N PHE B 179 17.55 0.61 6.70
CA PHE B 179 17.96 0.09 5.41
C PHE B 179 19.17 -0.79 5.65
N GLY B 180 18.95 -2.09 5.65
CA GLY B 180 20.03 -3.00 6.00
C GLY B 180 20.65 -3.81 4.88
N MET B 181 21.76 -4.39 5.16
CA MET B 181 22.39 -5.28 4.22
C MET B 181 22.80 -6.52 4.99
N TRP B 182 23.37 -7.52 4.32
CA TRP B 182 23.78 -8.74 5.01
C TRP B 182 24.77 -8.39 6.08
N LYS B 183 24.63 -9.02 7.25
CA LYS B 183 25.57 -8.97 8.38
C LYS B 183 25.52 -7.67 9.19
N THR B 184 24.51 -6.81 8.92
CA THR B 184 24.35 -5.64 9.74
C THR B 184 23.71 -6.15 11.00
N SER B 185 23.97 -5.55 12.14
CA SER B 185 23.44 -6.05 13.38
C SER B 185 23.08 -4.99 14.34
N PHE B 186 22.22 -5.35 15.28
CA PHE B 186 21.89 -4.49 16.36
C PHE B 186 22.36 -5.24 17.60
N ALA B 187 23.16 -4.57 18.41
CA ALA B 187 23.75 -5.16 19.61
C ALA B 187 22.77 -5.33 20.72
N TRP B 188 23.12 -6.10 21.75
CA TRP B 188 22.23 -6.36 22.87
C TRP B 188 21.87 -5.09 23.65
N HIS B 189 20.58 -4.83 23.77
CA HIS B 189 20.05 -3.65 24.44
C HIS B 189 18.59 -3.77 24.82
N THR B 190 18.12 -2.87 25.66
CA THR B 190 16.72 -2.82 26.01
C THR B 190 16.36 -1.46 25.46
N GLU B 191 15.10 -1.20 25.21
CA GLU B 191 14.73 0.09 24.62
C GLU B 191 15.10 1.24 25.56
N ASP B 192 15.27 2.46 25.01
CA ASP B 192 15.59 3.63 25.82
C ASP B 192 14.43 3.86 26.79
N MET B 193 14.74 4.00 28.11
CA MET B 193 13.77 4.16 29.21
C MET B 193 12.98 2.88 29.46
N ASP B 194 13.47 1.73 28.92
CA ASP B 194 12.87 0.39 28.98
C ASP B 194 11.45 0.39 28.38
N LEU B 195 11.26 1.11 27.27
CA LEU B 195 9.97 1.18 26.59
C LEU B 195 9.72 -0.10 25.75
N TYR B 196 8.56 -0.11 25.08
CA TYR B 196 8.17 -1.13 24.13
C TYR B 196 8.65 -0.64 22.78
N SER B 197 8.65 -1.53 21.79
CA SER B 197 8.98 -1.16 20.42
C SER B 197 8.20 -2.02 19.42
N ILE B 198 7.82 -1.41 18.32
CA ILE B 198 7.17 -2.02 17.18
C ILE B 198 8.17 -1.96 16.03
N ASN B 199 8.30 -3.07 15.30
CA ASN B 199 9.28 -3.18 14.23
C ASN B 199 8.68 -3.86 13.00
N TYR B 200 8.26 -3.08 12.00
CA TYR B 200 7.66 -3.65 10.81
C TYR B 200 8.74 -3.78 9.75
N LEU B 201 8.76 -4.96 9.09
CA LEU B 201 9.71 -5.21 7.99
C LEU B 201 8.93 -4.92 6.71
N HIS B 202 9.13 -3.72 6.12
CA HIS B 202 8.43 -3.25 4.91
C HIS B 202 8.64 -4.15 3.69
N PHE B 203 9.90 -4.45 3.41
CA PHE B 203 10.32 -5.27 2.27
C PHE B 203 11.74 -5.79 2.49
N GLY B 204 12.16 -6.71 1.64
CA GLY B 204 13.51 -7.23 1.63
C GLY B 204 13.74 -8.57 2.28
N GLU B 205 15.01 -8.86 2.47
CA GLU B 205 15.52 -10.09 3.07
C GLU B 205 15.26 -10.12 4.59
N PRO B 206 15.15 -11.34 5.21
CA PRO B 206 14.84 -11.39 6.66
C PRO B 206 15.78 -10.66 7.62
N LYS B 207 15.25 -10.46 8.82
CA LYS B 207 15.90 -9.91 9.97
C LYS B 207 15.79 -11.01 11.02
N SER B 208 16.92 -11.47 11.56
CA SER B 208 16.88 -12.48 12.62
C SER B 208 17.05 -11.83 13.96
N TRP B 209 16.31 -12.31 14.97
CA TRP B 209 16.30 -11.73 16.32
C TRP B 209 16.69 -12.75 17.38
N TYR B 210 17.34 -12.26 18.45
CA TYR B 210 17.70 -13.01 19.66
C TYR B 210 17.07 -12.26 20.82
N SER B 211 16.49 -12.97 21.80
CA SER B 211 15.88 -12.32 22.94
C SER B 211 16.15 -13.03 24.25
N VAL B 212 16.30 -12.25 25.33
CA VAL B 212 16.44 -12.74 26.69
C VAL B 212 15.14 -12.32 27.45
N PRO B 213 14.40 -13.28 28.09
CA PRO B 213 13.19 -12.90 28.84
C PRO B 213 13.47 -11.81 29.88
N PRO B 214 12.60 -10.75 30.03
CA PRO B 214 12.86 -9.72 31.05
C PRO B 214 13.22 -10.26 32.45
N GLU B 215 12.65 -11.39 32.90
CA GLU B 215 12.94 -12.01 34.21
C GLU B 215 14.40 -12.52 34.33
N HIS B 216 15.17 -12.55 33.23
CA HIS B 216 16.57 -12.96 33.21
C HIS B 216 17.55 -11.87 32.74
N GLY B 217 17.06 -10.67 32.42
CA GLY B 217 17.89 -9.56 31.96
C GLY B 217 19.07 -9.30 32.88
N LYS B 218 18.82 -9.24 34.20
CA LYS B 218 19.89 -9.00 35.17
C LYS B 218 21.08 -10.01 35.08
N ARG B 219 20.81 -11.29 34.68
N ARG B 219 20.80 -11.28 34.68
CA ARG B 219 21.81 -12.35 34.46
CA ARG B 219 21.77 -12.36 34.47
C ARG B 219 22.67 -12.00 33.25
C ARG B 219 22.65 -12.05 33.24
N LEU B 220 22.06 -11.46 32.18
CA LEU B 220 22.79 -11.03 30.99
C LEU B 220 23.70 -9.83 31.35
N GLU B 221 23.16 -8.88 32.15
CA GLU B 221 23.86 -7.68 32.61
C GLU B 221 25.09 -8.08 33.42
N ARG B 222 24.90 -9.00 34.41
CA ARG B 222 25.95 -9.53 35.28
C ARG B 222 27.05 -10.17 34.45
N LEU B 223 26.65 -10.92 33.41
CA LEU B 223 27.56 -11.59 32.49
C LEU B 223 28.41 -10.56 31.73
N ALA B 224 27.74 -9.54 31.12
CA ALA B 224 28.39 -8.44 30.38
C ALA B 224 29.33 -7.60 31.30
N LYS B 225 28.93 -7.40 32.58
CA LYS B 225 29.73 -6.67 33.58
C LYS B 225 31.05 -7.39 33.88
N GLY B 226 31.01 -8.73 33.80
CA GLY B 226 32.17 -9.58 34.02
C GLY B 226 33.11 -9.61 32.85
N PHE B 227 32.55 -9.50 31.63
CA PHE B 227 33.30 -9.52 30.36
C PHE B 227 33.92 -8.19 29.97
N PHE B 228 33.21 -7.08 30.24
CA PHE B 228 33.70 -5.74 29.93
C PHE B 228 33.70 -4.90 31.23
N PRO B 229 34.63 -5.21 32.19
CA PRO B 229 34.65 -4.47 33.46
C PRO B 229 35.16 -3.03 33.34
N GLY B 230 35.94 -2.74 32.31
CA GLY B 230 36.45 -1.41 32.01
C GLY B 230 35.32 -0.51 31.54
N SER B 231 34.42 -1.09 30.71
CA SER B 231 33.23 -0.45 30.17
C SER B 231 32.16 -0.29 31.27
N ALA B 232 32.08 -1.25 32.21
CA ALA B 232 31.16 -1.26 33.34
C ALA B 232 31.56 -0.27 34.44
N GLN B 233 32.89 -0.06 34.64
CA GLN B 233 33.42 0.90 35.61
C GLN B 233 33.24 2.34 35.10
N SER B 234 33.19 2.51 33.76
CA SER B 234 33.00 3.78 33.07
C SER B 234 31.50 4.18 32.99
N CYS B 235 30.61 3.18 32.85
CA CYS B 235 29.16 3.39 32.73
C CYS B 235 28.39 2.22 33.36
N GLU B 236 27.43 2.52 34.25
CA GLU B 236 26.57 1.53 34.90
C GLU B 236 25.72 0.79 33.84
N ALA B 237 25.14 1.56 32.89
CA ALA B 237 24.31 1.04 31.80
C ALA B 237 25.08 1.12 30.47
N PHE B 238 26.26 0.44 30.38
CA PHE B 238 27.10 0.46 29.18
C PHE B 238 26.47 -0.31 28.01
N LEU B 239 25.53 -1.25 28.26
CA LEU B 239 24.84 -1.98 27.18
C LEU B 239 23.96 -1.04 26.35
N ARG B 240 23.56 0.11 26.95
CA ARG B 240 22.77 1.18 26.31
C ARG B 240 23.51 1.82 25.12
N HIS B 241 24.87 1.75 25.12
CA HIS B 241 25.77 2.24 24.07
C HIS B 241 25.55 1.43 22.79
N LYS B 242 24.83 0.28 22.90
CA LYS B 242 24.49 -0.68 21.84
C LYS B 242 25.71 -1.07 21.05
N MET B 243 26.72 -1.57 21.75
CA MET B 243 28.01 -1.96 21.18
C MET B 243 28.40 -3.40 21.49
N THR B 244 27.64 -4.10 22.35
CA THR B 244 28.05 -5.44 22.79
C THR B 244 27.35 -6.54 22.02
N LEU B 245 28.14 -7.44 21.42
CA LEU B 245 27.60 -8.61 20.71
C LEU B 245 28.05 -9.88 21.43
N ILE B 246 27.07 -10.73 21.77
CA ILE B 246 27.29 -11.99 22.50
C ILE B 246 26.62 -13.09 21.70
N SER B 247 27.38 -14.10 21.28
CA SER B 247 26.84 -15.19 20.43
C SER B 247 25.91 -16.13 21.19
N PRO B 248 24.91 -16.80 20.50
CA PRO B 248 24.03 -17.74 21.20
C PRO B 248 24.77 -18.83 21.97
N LEU B 249 25.94 -19.27 21.45
CA LEU B 249 26.77 -20.28 22.09
C LEU B 249 27.31 -19.80 23.44
N MET B 250 27.67 -18.51 23.53
CA MET B 250 28.22 -17.86 24.71
C MET B 250 27.13 -17.79 25.78
N LEU B 251 25.90 -17.40 25.40
CA LEU B 251 24.71 -17.38 26.26
C LEU B 251 24.38 -18.78 26.78
N LYS B 252 24.47 -19.81 25.91
CA LYS B 252 24.23 -21.20 26.28
C LYS B 252 25.28 -21.69 27.27
N LYS B 253 26.55 -21.34 27.04
CA LYS B 253 27.70 -21.71 27.88
C LYS B 253 27.53 -21.20 29.30
N TYR B 254 27.11 -19.92 29.43
CA TYR B 254 26.95 -19.23 30.70
C TYR B 254 25.54 -19.38 31.30
N GLY B 255 24.75 -20.27 30.72
CA GLY B 255 23.41 -20.61 31.18
C GLY B 255 22.37 -19.52 31.12
N ILE B 256 22.55 -18.52 30.21
CA ILE B 256 21.61 -17.41 30.03
C ILE B 256 20.44 -17.87 29.13
N PRO B 257 19.19 -17.87 29.63
CA PRO B 257 18.05 -18.32 28.81
C PRO B 257 17.75 -17.30 27.75
N PHE B 258 17.52 -17.79 26.52
CA PHE B 258 17.24 -16.95 25.37
C PHE B 258 16.45 -17.71 24.34
N ASP B 259 15.88 -16.97 23.39
CA ASP B 259 15.15 -17.53 22.28
C ASP B 259 15.53 -16.79 21.02
N LYS B 260 15.32 -17.41 19.85
CA LYS B 260 15.60 -16.79 18.54
C LYS B 260 14.35 -16.87 17.62
N VAL B 261 14.22 -15.92 16.71
CA VAL B 261 13.11 -15.88 15.74
C VAL B 261 13.54 -15.07 14.49
N THR B 262 13.05 -15.50 13.32
CA THR B 262 13.32 -14.82 12.06
C THR B 262 12.08 -14.06 11.61
N GLN B 263 12.22 -12.72 11.44
CA GLN B 263 11.20 -11.81 10.96
C GLN B 263 11.34 -11.73 9.44
N GLU B 264 10.25 -11.95 8.75
CA GLU B 264 10.19 -11.84 7.28
C GLU B 264 9.47 -10.56 6.90
N ALA B 265 9.48 -10.21 5.61
CA ALA B 265 8.82 -9.01 5.11
C ALA B 265 7.33 -9.10 5.35
N GLY B 266 6.78 -8.01 5.86
CA GLY B 266 5.36 -7.86 6.15
C GLY B 266 4.97 -8.38 7.50
N GLU B 267 5.94 -8.48 8.39
CA GLU B 267 5.76 -8.99 9.74
C GLU B 267 6.11 -7.97 10.76
N PHE B 268 5.48 -8.04 11.95
CA PHE B 268 5.77 -7.13 13.05
C PHE B 268 6.43 -7.85 14.17
N MET B 269 7.42 -7.19 14.79
CA MET B 269 8.06 -7.67 16.00
C MET B 269 7.79 -6.64 17.08
N ILE B 270 7.40 -7.13 18.26
CA ILE B 270 7.13 -6.32 19.42
C ILE B 270 8.16 -6.61 20.50
N THR B 271 8.91 -5.58 20.95
CA THR B 271 9.84 -5.76 22.10
C THR B 271 9.13 -5.23 23.34
N PHE B 272 9.21 -6.00 24.43
CA PHE B 272 8.53 -5.64 25.67
C PHE B 272 9.49 -4.95 26.63
N PRO B 273 9.00 -4.15 27.64
CA PRO B 273 9.92 -3.46 28.57
C PRO B 273 10.94 -4.36 29.21
N TYR B 274 12.21 -3.89 29.22
CA TYR B 274 13.40 -4.54 29.80
C TYR B 274 13.72 -5.89 29.13
N GLY B 275 13.21 -6.06 27.90
CA GLY B 275 13.42 -7.23 27.06
C GLY B 275 14.61 -6.97 26.19
N TYR B 276 15.77 -7.57 26.56
CA TYR B 276 17.05 -7.44 25.87
C TYR B 276 16.97 -8.20 24.56
N HIS B 277 17.46 -7.58 23.49
CA HIS B 277 17.41 -8.18 22.18
C HIS B 277 18.60 -7.71 21.36
N ALA B 278 18.97 -8.54 20.39
CA ALA B 278 20.01 -8.32 19.41
C ALA B 278 19.55 -9.05 18.15
N GLY B 279 20.14 -8.73 17.03
CA GLY B 279 19.87 -9.46 15.81
C GLY B 279 20.72 -8.99 14.66
N PHE B 280 20.54 -9.65 13.51
CA PHE B 280 21.26 -9.32 12.28
C PHE B 280 20.35 -9.36 11.08
N ASN B 281 20.71 -8.59 10.05
CA ASN B 281 19.97 -8.59 8.81
C ASN B 281 20.56 -9.66 7.83
N HIS B 282 19.70 -10.38 7.08
CA HIS B 282 20.12 -11.40 6.10
C HIS B 282 20.57 -10.78 4.83
N GLY B 283 19.99 -9.65 4.48
CA GLY B 283 20.32 -9.00 3.22
C GLY B 283 19.62 -7.68 3.10
N PHE B 284 19.52 -7.17 1.89
CA PHE B 284 18.88 -5.89 1.70
C PHE B 284 17.44 -5.91 2.15
N ASN B 285 17.09 -4.92 2.95
CA ASN B 285 15.76 -4.81 3.47
C ASN B 285 15.52 -3.45 4.06
N CYS B 286 14.26 -3.15 4.34
CA CYS B 286 13.89 -1.92 4.97
C CYS B 286 12.89 -2.18 6.08
N ALA B 287 13.15 -1.64 7.25
CA ALA B 287 12.28 -1.73 8.43
C ALA B 287 11.98 -0.37 9.09
N GLU B 288 10.79 -0.25 9.68
CA GLU B 288 10.38 0.96 10.38
C GLU B 288 10.12 0.59 11.80
N SER B 289 10.48 1.51 12.70
CA SER B 289 10.29 1.28 14.12
C SER B 289 10.07 2.56 14.92
N THR B 290 9.48 2.37 16.11
CA THR B 290 9.28 3.41 17.11
C THR B 290 9.08 2.80 18.46
N ASN B 291 9.02 3.65 19.49
CA ASN B 291 8.77 3.19 20.85
C ASN B 291 7.35 3.49 21.19
N PHE B 292 6.76 2.69 22.08
CA PHE B 292 5.40 2.91 22.55
C PHE B 292 5.31 2.50 24.00
N ALA B 293 4.15 2.72 24.63
CA ALA B 293 3.96 2.41 26.03
C ALA B 293 2.55 1.91 26.34
N THR B 294 2.41 1.23 27.49
CA THR B 294 1.17 0.75 28.13
C THR B 294 1.33 1.17 29.61
N ARG B 295 0.24 1.12 30.42
CA ARG B 295 0.31 1.49 31.83
C ARG B 295 1.40 0.76 32.63
N ARG B 296 1.71 -0.51 32.27
CA ARG B 296 2.73 -1.35 32.88
C ARG B 296 4.13 -0.72 32.74
N TRP B 297 4.36 0.03 31.64
CA TRP B 297 5.65 0.68 31.35
C TRP B 297 6.06 1.73 32.38
N ILE B 298 5.11 2.50 32.89
CA ILE B 298 5.40 3.59 33.82
C ILE B 298 6.38 3.15 34.92
N GLU B 299 6.17 1.95 35.53
CA GLU B 299 7.06 1.44 36.60
C GLU B 299 8.47 1.13 36.09
N TYR B 300 8.57 0.66 34.81
CA TYR B 300 9.83 0.39 34.16
C TYR B 300 10.53 1.71 33.80
N GLY B 301 9.75 2.74 33.48
CA GLY B 301 10.25 4.08 33.16
C GLY B 301 10.89 4.76 34.36
N LYS B 302 10.26 4.59 35.53
CA LYS B 302 10.67 5.13 36.82
C LYS B 302 11.90 4.43 37.39
N GLN B 303 12.02 3.11 37.17
CA GLN B 303 13.10 2.29 37.71
C GLN B 303 14.29 2.05 36.77
N ALA B 304 14.19 2.50 35.49
CA ALA B 304 15.21 2.32 34.44
C ALA B 304 16.62 2.83 34.78
N VAL B 305 17.64 1.95 34.65
CA VAL B 305 19.05 2.30 34.87
C VAL B 305 19.58 2.89 33.57
N LEU B 306 19.87 4.20 33.59
CA LEU B 306 20.28 4.94 32.40
C LEU B 306 21.78 5.19 32.31
N CYS B 307 22.22 5.47 31.06
CA CYS B 307 23.58 5.80 30.66
C CYS B 307 24.01 7.07 31.40
N SER B 308 25.05 6.92 32.25
CA SER B 308 25.61 7.98 33.08
C SER B 308 26.70 8.81 32.40
N CYS B 309 27.42 8.22 31.42
CA CYS B 309 28.52 8.86 30.68
C CYS B 309 28.07 9.81 29.57
N ARG B 310 27.02 9.46 28.80
CA ARG B 310 26.52 10.35 27.74
C ARG B 310 25.40 11.23 28.31
N MET B 313 22.18 11.02 25.27
CA MET B 313 21.35 9.83 25.42
C MET B 313 19.86 10.20 25.61
N VAL B 314 18.94 9.24 25.36
CA VAL B 314 17.49 9.45 25.47
C VAL B 314 17.00 9.39 26.92
N LYS B 315 16.45 10.52 27.41
CA LYS B 315 15.90 10.64 28.76
C LYS B 315 14.46 11.17 28.65
N ILE B 316 13.54 10.59 29.46
CA ILE B 316 12.12 10.98 29.51
C ILE B 316 11.79 11.41 30.93
N SER B 317 11.08 12.57 31.07
CA SER B 317 10.64 13.08 32.36
C SER B 317 9.51 12.16 32.83
N MET B 318 9.75 11.41 33.91
CA MET B 318 8.78 10.48 34.48
C MET B 318 7.72 11.13 35.37
N ASP B 319 7.78 12.47 35.52
CA ASP B 319 6.86 13.29 36.31
C ASP B 319 5.41 13.27 35.84
N VAL B 320 5.18 13.52 34.54
CA VAL B 320 3.86 13.58 33.92
C VAL B 320 3.07 12.25 34.03
N PHE B 321 3.77 11.09 33.92
CA PHE B 321 3.17 9.76 33.98
C PHE B 321 2.73 9.38 35.39
N VAL B 322 3.59 9.59 36.41
CA VAL B 322 3.28 9.27 37.80
C VAL B 322 2.19 10.23 38.31
N ARG B 323 2.19 11.49 37.86
CA ARG B 323 1.20 12.50 38.24
C ARG B 323 -0.18 12.19 37.65
N LYS B 324 -0.23 11.47 36.52
CA LYS B 324 -1.47 11.12 35.83
C LYS B 324 -2.04 9.75 36.21
N PHE B 325 -1.18 8.73 36.22
CA PHE B 325 -1.58 7.33 36.46
C PHE B 325 -1.34 6.82 37.87
N GLN B 326 -0.50 7.50 38.66
CA GLN B 326 -0.21 7.13 40.04
C GLN B 326 -0.27 8.35 40.99
N PRO B 327 -1.35 9.20 41.03
CA PRO B 327 -1.33 10.38 41.91
C PRO B 327 -1.16 10.11 43.41
N GLU B 328 -1.57 8.92 43.86
CA GLU B 328 -1.45 8.45 45.24
C GLU B 328 0.01 8.14 45.58
N ARG B 329 0.82 7.78 44.56
CA ARG B 329 2.24 7.45 44.69
C ARG B 329 3.15 8.60 44.30
N TYR B 330 2.59 9.69 43.70
CA TYR B 330 3.39 10.84 43.27
C TYR B 330 4.27 11.35 44.40
N LYS B 331 3.66 11.72 45.56
CA LYS B 331 4.37 12.25 46.74
C LYS B 331 5.47 11.30 47.23
N LEU B 332 5.14 10.00 47.40
CA LEU B 332 6.04 8.93 47.84
C LEU B 332 7.19 8.69 46.86
N TRP B 333 6.93 8.83 45.55
CA TRP B 333 7.94 8.67 44.50
C TRP B 333 8.84 9.90 44.41
N LYS B 334 8.25 11.11 44.53
CA LYS B 334 8.96 12.39 44.49
C LYS B 334 9.89 12.54 45.72
N ALA B 335 9.61 11.77 46.80
CA ALA B 335 10.39 11.72 48.04
C ALA B 335 11.48 10.65 48.01
N GLY B 336 11.34 9.70 47.08
CA GLY B 336 12.28 8.60 46.90
C GLY B 336 11.97 7.39 47.76
N LYS B 337 10.72 7.30 48.24
CA LYS B 337 10.22 6.20 49.08
C LYS B 337 9.48 5.10 48.29
N ASP B 338 9.29 5.28 46.96
CA ASP B 338 8.63 4.26 46.12
C ASP B 338 9.47 2.98 45.98
N ASN B 339 9.25 2.04 46.92
CA ASN B 339 9.96 0.76 47.03
C ASN B 339 9.30 -0.38 46.25
N THR B 340 8.53 -0.04 45.19
CA THR B 340 7.83 -0.99 44.32
C THR B 340 8.80 -1.93 43.61
N VAL B 341 8.54 -3.24 43.72
CA VAL B 341 9.32 -4.29 43.07
C VAL B 341 8.49 -4.71 41.85
N ILE B 342 9.14 -4.79 40.68
CA ILE B 342 8.50 -5.18 39.42
C ILE B 342 8.42 -6.71 39.28
N ASP B 343 7.27 -7.21 38.81
CA ASP B 343 7.03 -8.61 38.48
C ASP B 343 6.98 -8.68 36.94
N HIS B 344 8.03 -9.23 36.33
CA HIS B 344 8.16 -9.29 34.87
C HIS B 344 7.15 -10.23 34.18
N THR B 345 6.38 -10.99 34.97
CA THR B 345 5.38 -11.96 34.50
C THR B 345 3.97 -11.39 34.52
N LEU B 346 3.76 -10.26 35.23
CA LEU B 346 2.44 -9.64 35.35
C LEU B 346 2.07 -8.93 34.07
N PRO B 347 0.86 -9.19 33.49
CA PRO B 347 0.46 -8.49 32.26
C PRO B 347 0.12 -7.02 32.54
N THR B 348 -0.11 -6.23 31.48
CA THR B 348 -0.48 -4.82 31.61
C THR B 348 -1.91 -4.71 32.23
N PRO B 349 -2.21 -3.66 33.06
CA PRO B 349 -3.58 -3.52 33.61
C PRO B 349 -4.69 -3.55 32.55
N GLU B 350 -4.37 -3.14 31.29
CA GLU B 350 -5.26 -3.12 30.13
C GLU B 350 -5.70 -4.54 29.68
N ALA B 351 -4.96 -5.57 30.13
CA ALA B 351 -5.23 -6.97 29.83
C ALA B 351 -6.38 -7.54 30.68
N ALA B 352 -6.91 -6.79 31.70
CA ALA B 352 -8.01 -7.18 32.61
C ALA B 352 -9.24 -7.75 31.87
N GLU B 353 -9.60 -7.12 30.73
CA GLU B 353 -10.69 -7.46 29.80
C GLU B 353 -10.54 -8.89 29.20
N PHE B 354 -9.35 -9.50 29.40
CA PHE B 354 -9.00 -10.83 28.89
C PHE B 354 -8.66 -11.76 30.07
N LEU C 9 -22.97 32.14 -21.09
CA LEU C 9 -24.07 31.25 -20.75
C LEU C 9 -24.67 31.55 -19.38
N ASN C 10 -25.92 31.97 -19.35
CA ASN C 10 -26.63 32.28 -18.11
C ASN C 10 -25.93 33.24 -17.18
N PRO C 11 -25.57 34.46 -17.72
CA PRO C 11 -24.90 35.38 -16.80
C PRO C 11 -25.74 35.86 -15.61
N SER C 12 -27.04 36.09 -15.78
CA SER C 12 -27.91 36.57 -14.70
C SER C 12 -28.38 35.51 -13.69
N ALA C 13 -27.94 34.29 -13.91
CA ALA C 13 -28.22 33.08 -13.11
C ALA C 13 -29.71 32.86 -12.87
N ARG C 14 -30.55 33.10 -13.90
CA ARG C 14 -32.01 32.93 -13.84
C ARG C 14 -32.41 31.47 -14.08
N ILE C 15 -33.53 31.05 -13.49
CA ILE C 15 -34.09 29.70 -13.64
C ILE C 15 -34.52 29.49 -15.10
N MET C 16 -33.90 28.49 -15.74
CA MET C 16 -34.19 28.12 -17.12
C MET C 16 -35.12 26.94 -17.17
N THR C 17 -35.98 26.90 -18.21
CA THR C 17 -36.95 25.86 -18.51
C THR C 17 -36.52 25.22 -19.85
N PHE C 18 -36.61 23.88 -19.90
CA PHE C 18 -36.24 23.06 -21.06
C PHE C 18 -37.41 22.21 -21.49
N TYR C 19 -37.53 22.05 -22.81
CA TYR C 19 -38.59 21.25 -23.45
C TYR C 19 -37.92 20.18 -24.33
N PRO C 20 -37.38 19.08 -23.72
CA PRO C 20 -36.70 18.07 -24.53
C PRO C 20 -37.64 17.26 -25.39
N THR C 21 -37.19 16.95 -26.61
CA THR C 21 -37.90 16.10 -27.55
C THR C 21 -37.74 14.68 -26.94
N MET C 22 -38.57 13.72 -27.37
CA MET C 22 -38.50 12.33 -26.91
C MET C 22 -37.09 11.73 -27.09
N GLU C 23 -36.38 12.11 -28.18
CA GLU C 23 -35.02 11.63 -28.46
C GLU C 23 -34.00 12.21 -27.47
N GLU C 24 -34.05 13.53 -27.20
CA GLU C 24 -33.17 14.22 -26.24
C GLU C 24 -33.42 13.72 -24.80
N PHE C 25 -34.71 13.58 -24.43
CA PHE C 25 -35.19 13.16 -23.11
C PHE C 25 -34.88 11.67 -22.79
N ARG C 26 -34.61 10.82 -23.81
CA ARG C 26 -34.28 9.38 -23.64
C ARG C 26 -33.10 9.08 -22.70
N ASN C 27 -32.00 9.87 -22.82
CA ASN C 27 -30.80 9.71 -21.99
C ASN C 27 -30.78 10.80 -20.93
N PHE C 28 -30.90 10.39 -19.66
CA PHE C 28 -30.94 11.29 -18.51
C PHE C 28 -29.61 12.01 -18.25
N SER C 29 -28.50 11.26 -18.12
CA SER C 29 -27.17 11.79 -17.88
C SER C 29 -26.66 12.68 -19.01
N ARG C 30 -27.11 12.41 -20.24
CA ARG C 30 -26.70 13.20 -21.39
C ARG C 30 -27.44 14.53 -21.35
N TYR C 31 -28.72 14.49 -21.04
CA TYR C 31 -29.51 15.71 -20.93
C TYR C 31 -29.05 16.62 -19.80
N ILE C 32 -28.65 16.04 -18.69
CA ILE C 32 -28.16 16.82 -17.57
C ILE C 32 -26.90 17.55 -18.00
N ALA C 33 -26.05 16.87 -18.75
CA ALA C 33 -24.84 17.48 -19.29
C ALA C 33 -25.22 18.59 -20.25
N TYR C 34 -26.21 18.33 -21.10
CA TYR C 34 -26.72 19.34 -22.03
C TYR C 34 -27.18 20.62 -21.33
N ILE C 35 -28.09 20.51 -20.30
CA ILE C 35 -28.62 21.69 -19.59
C ILE C 35 -27.51 22.43 -18.82
N GLU C 36 -26.49 21.69 -18.33
CA GLU C 36 -25.31 22.29 -17.70
C GLU C 36 -24.55 23.15 -18.73
N SER C 37 -24.33 22.63 -19.98
CA SER C 37 -23.64 23.32 -21.10
C SER C 37 -24.30 24.63 -21.47
N GLN C 38 -25.62 24.76 -21.21
CA GLN C 38 -26.43 25.96 -21.47
C GLN C 38 -26.47 26.90 -20.24
N GLY C 39 -25.72 26.54 -19.18
CA GLY C 39 -25.60 27.31 -17.93
C GLY C 39 -26.73 27.19 -16.94
N ALA C 40 -27.59 26.16 -17.10
CA ALA C 40 -28.76 25.92 -16.23
C ALA C 40 -28.42 25.84 -14.74
N HIS C 41 -27.28 25.21 -14.44
CA HIS C 41 -26.71 24.98 -13.09
C HIS C 41 -26.42 26.25 -12.29
N ARG C 42 -26.19 27.37 -12.98
CA ARG C 42 -25.82 28.66 -12.36
C ARG C 42 -26.92 29.23 -11.48
N ALA C 43 -28.18 28.92 -11.80
CA ALA C 43 -29.36 29.33 -11.02
C ALA C 43 -29.54 28.45 -9.81
N GLY C 44 -29.02 27.23 -9.90
CA GLY C 44 -29.12 26.22 -8.85
C GLY C 44 -30.31 25.31 -9.04
N LEU C 45 -31.28 25.74 -9.86
CA LEU C 45 -32.52 25.09 -10.12
C LEU C 45 -32.92 25.26 -11.55
N ALA C 46 -33.36 24.16 -12.20
CA ALA C 46 -33.85 24.18 -13.58
C ALA C 46 -35.14 23.34 -13.71
N LYS C 47 -36.00 23.77 -14.66
CA LYS C 47 -37.24 23.08 -14.96
C LYS C 47 -37.16 22.36 -16.29
N VAL C 48 -37.56 21.08 -16.28
CA VAL C 48 -37.58 20.24 -17.47
C VAL C 48 -39.01 19.76 -17.66
N VAL C 49 -39.66 20.29 -18.68
CA VAL C 49 -41.01 19.91 -19.08
C VAL C 49 -40.80 18.77 -20.07
N PRO C 50 -41.25 17.54 -19.72
CA PRO C 50 -41.05 16.40 -20.63
C PRO C 50 -41.88 16.46 -21.92
N PRO C 51 -41.59 15.61 -22.95
CA PRO C 51 -42.45 15.61 -24.15
C PRO C 51 -43.85 15.17 -23.76
N LYS C 52 -44.86 15.87 -24.28
CA LYS C 52 -46.30 15.69 -24.04
C LYS C 52 -46.77 14.23 -24.07
N GLU C 53 -46.16 13.43 -24.95
CA GLU C 53 -46.44 12.00 -25.10
C GLU C 53 -45.96 11.14 -23.92
N TRP C 54 -44.91 11.59 -23.18
CA TRP C 54 -44.31 10.87 -22.06
C TRP C 54 -45.15 10.90 -20.75
N LYS C 55 -45.44 9.71 -20.19
CA LYS C 55 -46.21 9.48 -18.96
C LYS C 55 -45.57 8.32 -18.14
N PRO C 56 -45.28 8.49 -16.83
CA PRO C 56 -44.68 7.38 -16.06
C PRO C 56 -45.67 6.37 -15.43
N ARG C 57 -46.97 6.69 -15.44
CA ARG C 57 -48.05 5.90 -14.86
C ARG C 57 -49.34 6.26 -15.60
N ALA C 58 -50.09 5.23 -16.07
CA ALA C 58 -51.33 5.41 -16.83
C ALA C 58 -52.48 6.04 -16.03
N SER C 59 -52.51 5.84 -14.68
CA SER C 59 -53.55 6.35 -13.77
C SER C 59 -53.06 6.38 -12.32
N TYR C 60 -53.47 7.42 -11.56
CA TYR C 60 -53.15 7.63 -10.15
C TYR C 60 -54.34 7.33 -9.21
N ASP C 61 -55.38 6.68 -9.73
CA ASP C 61 -56.61 6.33 -9.01
C ASP C 61 -56.53 5.02 -8.20
N ASP C 62 -55.36 4.37 -8.22
CA ASP C 62 -55.10 3.09 -7.56
C ASP C 62 -54.16 3.19 -6.35
N ILE C 63 -54.08 4.39 -5.73
CA ILE C 63 -53.14 4.59 -4.63
C ILE C 63 -53.80 5.11 -3.33
N ASP C 64 -55.13 5.09 -3.21
CA ASP C 64 -55.80 5.58 -1.99
C ASP C 64 -55.44 4.82 -0.70
N ASP C 65 -55.12 3.52 -0.84
CA ASP C 65 -54.77 2.61 0.26
C ASP C 65 -53.31 2.60 0.58
N LEU C 66 -52.53 3.42 -0.15
CA LEU C 66 -51.10 3.57 0.07
C LEU C 66 -50.90 4.28 1.40
N VAL C 67 -50.04 3.70 2.24
CA VAL C 67 -49.70 4.16 3.58
C VAL C 67 -48.54 5.14 3.57
N ILE C 68 -48.74 6.27 4.27
CA ILE C 68 -47.80 7.35 4.54
C ILE C 68 -47.41 7.06 5.99
N PRO C 69 -46.25 6.41 6.24
CA PRO C 69 -45.93 5.98 7.62
C PRO C 69 -45.74 7.09 8.62
N ALA C 70 -45.11 8.17 8.22
CA ALA C 70 -44.83 9.23 9.18
C ALA C 70 -45.30 10.62 8.72
N PRO C 71 -46.63 10.89 8.69
CA PRO C 71 -47.07 12.26 8.33
C PRO C 71 -46.58 13.29 9.37
N ILE C 72 -46.18 14.45 8.92
CA ILE C 72 -45.61 15.46 9.81
C ILE C 72 -46.48 16.70 9.86
N GLN C 73 -46.96 17.09 11.07
CA GLN C 73 -47.67 18.36 11.21
C GLN C 73 -46.59 19.44 11.34
N GLN C 74 -46.71 20.44 10.46
CA GLN C 74 -45.73 21.52 10.35
C GLN C 74 -46.12 22.74 11.11
N LEU C 75 -45.42 22.93 12.25
CA LEU C 75 -45.58 24.06 13.14
C LEU C 75 -44.49 25.10 12.91
N VAL C 76 -44.89 26.30 12.51
CA VAL C 76 -44.00 27.40 12.15
C VAL C 76 -44.06 28.51 13.19
N THR C 77 -42.89 28.93 13.65
CA THR C 77 -42.70 29.99 14.61
C THR C 77 -41.82 31.07 13.99
N GLY C 78 -42.23 32.32 14.14
CA GLY C 78 -41.50 33.46 13.61
C GLY C 78 -42.34 34.68 13.28
N GLN C 79 -41.72 35.65 12.62
CA GLN C 79 -42.26 36.95 12.22
C GLN C 79 -41.20 37.58 11.28
N SER C 80 -41.51 38.81 10.75
CA SER C 80 -40.63 39.62 9.91
C SER C 80 -39.89 38.78 8.89
N GLY C 81 -40.63 37.95 8.17
CA GLY C 81 -40.07 37.05 7.15
C GLY C 81 -39.11 35.96 7.61
N LEU C 82 -38.86 35.84 8.92
CA LEU C 82 -37.94 34.90 9.54
C LEU C 82 -38.71 33.85 10.31
N PHE C 83 -38.48 32.57 9.97
CA PHE C 83 -39.22 31.47 10.59
C PHE C 83 -38.41 30.19 10.88
N THR C 84 -38.90 29.41 11.85
CA THR C 84 -38.41 28.07 12.23
C THR C 84 -39.59 27.12 12.15
N GLN C 85 -39.39 26.02 11.41
CA GLN C 85 -40.38 24.98 11.22
C GLN C 85 -40.07 23.79 12.11
N TYR C 86 -41.02 23.47 13.00
CA TYR C 86 -40.95 22.32 13.88
C TYR C 86 -41.90 21.29 13.34
N ASN C 87 -41.40 20.06 13.18
CA ASN C 87 -42.16 18.97 12.60
C ASN C 87 -42.63 18.06 13.71
N ILE C 88 -43.94 17.76 13.72
CA ILE C 88 -44.57 16.90 14.73
C ILE C 88 -44.99 15.63 14.01
N GLN C 89 -44.31 14.48 14.30
CA GLN C 89 -44.64 13.20 13.67
C GLN C 89 -46.00 12.73 14.15
N LYS C 90 -46.87 12.34 13.21
CA LYS C 90 -48.22 11.85 13.49
C LYS C 90 -48.31 10.39 13.10
N LYS C 91 -49.33 9.67 13.60
CA LYS C 91 -49.50 8.25 13.27
C LYS C 91 -49.85 8.05 11.77
N ALA C 92 -49.49 6.86 11.26
CA ALA C 92 -49.62 6.47 9.87
C ALA C 92 -51.00 6.69 9.34
N MET C 93 -51.04 7.26 8.12
CA MET C 93 -52.31 7.52 7.43
C MET C 93 -52.28 7.11 5.95
N THR C 94 -53.44 6.88 5.36
CA THR C 94 -53.48 6.51 3.93
C THR C 94 -53.49 7.79 3.08
N VAL C 95 -53.51 7.63 1.77
CA VAL C 95 -53.60 8.73 0.83
C VAL C 95 -55.05 9.22 0.85
N ARG C 96 -56.02 8.26 1.05
CA ARG C 96 -57.44 8.52 1.16
C ARG C 96 -57.73 9.45 2.34
N GLU C 97 -57.12 9.14 3.52
CA GLU C 97 -57.24 9.92 4.76
C GLU C 97 -56.63 11.28 4.56
N PHE C 98 -55.44 11.35 3.90
CA PHE C 98 -54.70 12.58 3.64
C PHE C 98 -55.45 13.56 2.69
N ARG C 99 -55.94 13.05 1.53
CA ARG C 99 -56.67 13.81 0.52
C ARG C 99 -57.95 14.41 1.09
N LYS C 100 -58.67 13.64 1.94
CA LYS C 100 -59.89 14.10 2.63
C LYS C 100 -59.55 15.33 3.49
N ILE C 101 -58.44 15.27 4.28
CA ILE C 101 -57.96 16.40 5.11
C ILE C 101 -57.54 17.58 4.20
N ALA C 102 -56.62 17.33 3.23
CA ALA C 102 -56.10 18.32 2.25
C ALA C 102 -57.21 19.14 1.57
N ASN C 103 -58.38 18.51 1.21
CA ASN C 103 -59.54 19.11 0.51
C ASN C 103 -60.61 19.69 1.47
N SER C 104 -60.52 19.41 2.79
CA SER C 104 -61.46 19.90 3.80
C SER C 104 -61.38 21.44 3.90
N ASP C 105 -62.48 22.06 4.35
CA ASP C 105 -62.59 23.51 4.51
C ASP C 105 -61.51 24.07 5.42
N LYS C 106 -61.07 23.26 6.40
CA LYS C 106 -60.01 23.66 7.33
C LYS C 106 -58.65 23.73 6.66
N TYR C 107 -58.41 22.96 5.58
CA TYR C 107 -57.07 22.91 5.00
C TYR C 107 -56.92 23.26 3.54
N CYS C 108 -58.03 23.39 2.79
N CYS C 108 -58.01 23.32 2.75
CA CYS C 108 -58.06 23.72 1.36
CA CYS C 108 -57.90 23.60 1.33
C CYS C 108 -57.37 25.07 1.04
C CYS C 108 -57.37 25.01 1.02
N THR C 109 -56.79 25.13 -0.17
CA THR C 109 -56.16 26.31 -0.77
C THR C 109 -57.18 27.44 -0.78
N PRO C 110 -56.80 28.67 -0.43
CA PRO C 110 -57.78 29.77 -0.48
C PRO C 110 -58.04 30.17 -1.92
N ARG C 111 -59.12 30.94 -2.16
CA ARG C 111 -59.45 31.47 -3.48
C ARG C 111 -58.44 32.56 -3.82
N TYR C 112 -57.85 32.50 -5.00
CA TYR C 112 -56.86 33.49 -5.41
C TYR C 112 -56.92 33.74 -6.90
N SER C 113 -56.43 34.89 -7.35
CA SER C 113 -56.47 35.17 -8.77
C SER C 113 -55.15 34.86 -9.46
N GLU C 114 -54.08 35.41 -8.92
CA GLU C 114 -52.75 35.23 -9.48
C GLU C 114 -51.85 34.68 -8.40
N PHE C 115 -50.73 34.08 -8.80
CA PHE C 115 -49.84 33.45 -7.85
C PHE C 115 -49.34 34.43 -6.80
N GLU C 116 -48.95 35.61 -7.23
CA GLU C 116 -48.48 36.64 -6.31
C GLU C 116 -49.40 36.76 -5.09
N GLU C 117 -50.72 36.54 -5.30
CA GLU C 117 -51.78 36.56 -4.29
C GLU C 117 -51.63 35.32 -3.40
N LEU C 118 -51.42 34.14 -4.00
CA LEU C 118 -51.24 32.91 -3.22
C LEU C 118 -49.95 32.91 -2.41
N GLU C 119 -48.89 33.47 -3.01
CA GLU C 119 -47.58 33.62 -2.39
C GLU C 119 -47.72 34.51 -1.14
N ARG C 120 -48.37 35.70 -1.30
CA ARG C 120 -48.58 36.67 -0.22
C ARG C 120 -49.42 36.06 0.90
N LYS C 121 -50.46 35.26 0.56
CA LYS C 121 -51.32 34.60 1.52
C LYS C 121 -50.53 33.55 2.33
N TYR C 122 -49.55 32.92 1.71
CA TYR C 122 -48.70 31.91 2.34
C TYR C 122 -47.77 32.58 3.35
N TRP C 123 -47.09 33.65 2.94
CA TRP C 123 -46.15 34.35 3.81
C TRP C 123 -46.87 35.04 4.98
N LYS C 124 -48.16 35.33 4.81
CA LYS C 124 -48.99 35.95 5.85
C LYS C 124 -49.61 34.89 6.80
N ASN C 125 -49.83 33.65 6.32
CA ASN C 125 -50.51 32.63 7.13
C ASN C 125 -49.75 31.36 7.48
N LEU C 126 -48.48 31.23 7.09
CA LEU C 126 -47.72 29.99 7.33
C LEU C 126 -47.58 29.59 8.82
N THR C 127 -47.82 30.53 9.76
CA THR C 127 -47.77 30.28 11.22
C THR C 127 -49.10 29.82 11.81
N PHE C 128 -50.22 30.01 11.07
CA PHE C 128 -51.58 29.66 11.50
C PHE C 128 -52.05 28.36 10.91
N ASN C 129 -53.05 27.70 11.55
N ASN C 129 -53.07 27.72 11.54
CA ASN C 129 -53.65 26.43 11.15
CA ASN C 129 -53.66 26.43 11.12
C ASN C 129 -52.58 25.46 10.57
C ASN C 129 -52.56 25.46 10.55
N PRO C 130 -51.63 24.92 11.40
CA PRO C 130 -50.57 24.03 10.89
C PRO C 130 -51.03 22.88 9.98
N PRO C 131 -50.45 22.74 8.77
CA PRO C 131 -50.90 21.65 7.86
C PRO C 131 -50.12 20.36 8.09
N ILE C 132 -50.56 19.26 7.47
CA ILE C 132 -49.91 17.93 7.55
C ILE C 132 -49.20 17.64 6.20
N TYR C 133 -47.94 17.12 6.25
CA TYR C 133 -47.12 16.79 5.08
C TYR C 133 -46.81 15.30 5.12
N GLY C 134 -47.23 14.59 4.09
CA GLY C 134 -46.97 13.16 3.92
C GLY C 134 -45.62 13.00 3.25
N ALA C 135 -44.59 13.62 3.86
CA ALA C 135 -43.23 13.62 3.35
C ALA C 135 -42.38 12.42 3.78
N ASP C 136 -41.39 12.11 2.91
CA ASP C 136 -40.40 11.06 3.04
C ASP C 136 -41.02 9.68 2.96
N VAL C 137 -41.86 9.46 1.97
CA VAL C 137 -42.50 8.16 1.83
C VAL C 137 -41.67 7.30 0.89
N ASN C 138 -41.05 6.22 1.41
CA ASN C 138 -40.27 5.27 0.61
C ASN C 138 -41.17 4.65 -0.43
N GLY C 139 -40.82 4.85 -1.70
CA GLY C 139 -41.63 4.32 -2.80
C GLY C 139 -41.52 5.08 -4.10
N THR C 140 -42.17 4.55 -5.14
CA THR C 140 -42.19 5.12 -6.49
C THR C 140 -43.57 4.97 -7.10
N LEU C 141 -43.98 5.96 -7.93
CA LEU C 141 -45.25 5.86 -8.66
C LEU C 141 -45.01 5.58 -10.16
N TYR C 142 -43.74 5.33 -10.52
CA TYR C 142 -43.34 4.96 -11.87
C TYR C 142 -43.68 3.50 -12.13
N GLU C 143 -44.20 3.22 -13.33
CA GLU C 143 -44.46 1.84 -13.72
C GLU C 143 -43.11 1.21 -14.04
N LYS C 144 -42.94 -0.10 -13.74
CA LYS C 144 -41.67 -0.82 -13.87
C LYS C 144 -41.04 -0.71 -15.27
N HIS C 145 -41.85 -0.77 -16.34
CA HIS C 145 -41.40 -0.71 -17.72
C HIS C 145 -40.85 0.66 -18.16
N VAL C 146 -41.25 1.76 -17.47
CA VAL C 146 -40.82 3.13 -17.77
C VAL C 146 -39.28 3.31 -17.61
N ASP C 147 -38.55 3.43 -18.74
CA ASP C 147 -37.09 3.55 -18.76
C ASP C 147 -36.54 4.99 -18.77
N GLU C 148 -37.33 5.96 -19.27
CA GLU C 148 -36.91 7.35 -19.36
C GLU C 148 -37.10 8.12 -18.07
N TRP C 149 -36.02 8.69 -17.55
CA TRP C 149 -35.99 9.54 -16.35
C TRP C 149 -36.60 8.88 -15.12
N ASN C 150 -36.42 7.55 -14.96
CA ASN C 150 -36.95 6.79 -13.82
C ASN C 150 -36.24 7.14 -12.52
N ILE C 151 -36.94 7.79 -11.61
CA ILE C 151 -36.34 8.21 -10.35
C ILE C 151 -35.81 7.07 -9.49
N GLY C 152 -36.50 5.95 -9.48
CA GLY C 152 -36.06 4.81 -8.70
C GLY C 152 -34.72 4.27 -9.15
N ARG C 153 -34.50 4.26 -10.45
CA ARG C 153 -33.26 3.77 -11.01
C ARG C 153 -32.66 4.68 -12.07
N LEU C 154 -32.14 5.82 -11.68
CA LEU C 154 -31.51 6.74 -12.63
C LEU C 154 -30.25 6.21 -13.31
N ARG C 155 -29.48 5.46 -12.55
CA ARG C 155 -28.21 4.84 -12.95
C ARG C 155 -27.10 5.89 -13.23
N THR C 156 -26.90 6.83 -12.29
CA THR C 156 -25.85 7.84 -12.35
C THR C 156 -24.62 7.27 -11.64
N ILE C 157 -23.55 8.06 -11.57
CA ILE C 157 -22.30 7.64 -10.92
C ILE C 157 -22.50 7.49 -9.40
N LEU C 158 -23.65 7.99 -8.87
CA LEU C 158 -23.99 7.90 -7.45
C LEU C 158 -24.17 6.43 -7.04
N ASP C 159 -24.65 5.58 -7.98
CA ASP C 159 -24.87 4.13 -7.82
C ASP C 159 -23.65 3.37 -7.35
N LEU C 160 -22.50 4.03 -7.37
CA LEU C 160 -21.23 3.47 -6.96
C LEU C 160 -21.21 3.25 -5.46
N VAL C 161 -22.20 3.79 -4.79
CA VAL C 161 -22.26 3.67 -3.35
C VAL C 161 -22.83 2.33 -3.02
N GLU C 162 -21.99 1.30 -3.12
CA GLU C 162 -22.38 -0.07 -2.82
C GLU C 162 -21.18 -1.01 -2.90
N GLY C 171 -31.46 4.50 1.66
CA GLY C 171 -30.20 5.00 1.12
C GLY C 171 -30.36 6.31 0.38
N VAL C 172 -29.30 6.81 -0.29
CA VAL C 172 -29.40 8.09 -1.01
C VAL C 172 -29.97 7.91 -2.42
N ASN C 173 -29.83 6.69 -2.99
CA ASN C 173 -30.27 6.36 -4.35
C ASN C 173 -31.71 5.83 -4.42
N THR C 174 -32.49 5.97 -3.32
CA THR C 174 -33.87 5.45 -3.25
C THR C 174 -34.94 6.56 -3.48
N PRO C 175 -36.09 6.22 -4.11
CA PRO C 175 -37.11 7.25 -4.30
C PRO C 175 -37.93 7.51 -3.05
N TYR C 176 -38.51 8.73 -2.98
CA TYR C 176 -39.30 9.23 -1.87
C TYR C 176 -40.44 9.99 -2.44
N LEU C 177 -41.63 9.82 -1.81
CA LEU C 177 -42.87 10.42 -2.24
C LEU C 177 -43.34 11.49 -1.25
N TYR C 178 -43.82 12.61 -1.82
CA TYR C 178 -44.25 13.77 -1.05
C TYR C 178 -45.65 14.10 -1.38
N PHE C 179 -46.52 13.76 -0.46
CA PHE C 179 -47.93 14.07 -0.52
C PHE C 179 -48.10 15.35 0.27
N GLY C 180 -48.35 16.43 -0.46
CA GLY C 180 -48.50 17.77 0.10
C GLY C 180 -49.89 18.37 0.05
N MET C 181 -50.18 19.29 1.00
CA MET C 181 -51.43 20.02 1.06
C MET C 181 -51.10 21.52 1.02
N TRP C 182 -52.10 22.40 1.03
CA TRP C 182 -51.84 23.82 0.98
C TRP C 182 -51.01 24.22 2.18
N LYS C 183 -50.01 25.10 1.96
CA LYS C 183 -49.13 25.67 2.99
C LYS C 183 -48.04 24.75 3.49
N THR C 184 -47.96 23.49 3.04
CA THR C 184 -46.87 22.64 3.50
C THR C 184 -45.65 23.16 2.86
N SER C 185 -44.55 23.17 3.61
CA SER C 185 -43.30 23.75 3.17
C SER C 185 -42.05 22.94 3.33
N PHE C 186 -41.06 23.31 2.53
CA PHE C 186 -39.76 22.73 2.63
C PHE C 186 -38.87 23.93 2.86
N ALA C 187 -38.04 23.84 3.87
CA ALA C 187 -37.14 24.88 4.28
C ALA C 187 -35.92 25.02 3.39
N TRP C 188 -35.20 26.13 3.51
CA TRP C 188 -34.00 26.40 2.74
C TRP C 188 -32.90 25.40 3.06
N HIS C 189 -32.38 24.76 2.02
CA HIS C 189 -31.36 23.74 2.16
C HIS C 189 -30.66 23.39 0.84
N THR C 190 -29.56 22.68 0.94
CA THR C 190 -28.84 22.18 -0.21
C THR C 190 -29.09 20.70 -0.04
N GLU C 191 -28.79 19.89 -1.04
CA GLU C 191 -29.04 18.47 -0.93
C GLU C 191 -28.03 17.86 0.05
N ASP C 192 -28.35 16.69 0.64
CA ASP C 192 -27.40 16.06 1.57
C ASP C 192 -26.18 15.67 0.75
N MET C 193 -24.99 16.03 1.25
CA MET C 193 -23.70 15.83 0.61
C MET C 193 -23.54 16.75 -0.63
N ASP C 194 -24.45 17.76 -0.75
CA ASP C 194 -24.48 18.73 -1.88
C ASP C 194 -24.66 18.02 -3.24
N LEU C 195 -25.51 17.00 -3.28
CA LEU C 195 -25.78 16.29 -4.50
C LEU C 195 -26.77 17.05 -5.34
N TYR C 196 -27.19 16.43 -6.41
CA TYR C 196 -28.20 16.94 -7.31
C TYR C 196 -29.48 16.29 -6.87
N SER C 197 -30.63 16.83 -7.35
CA SER C 197 -31.89 16.15 -7.10
C SER C 197 -32.84 16.36 -8.25
N ILE C 198 -33.69 15.36 -8.44
CA ILE C 198 -34.75 15.33 -9.42
C ILE C 198 -36.04 15.32 -8.62
N ASN C 199 -36.97 16.13 -9.03
CA ASN C 199 -38.25 16.18 -8.40
C ASN C 199 -39.34 16.20 -9.49
N TYR C 200 -40.15 15.12 -9.57
CA TYR C 200 -41.25 15.06 -10.52
C TYR C 200 -42.55 15.27 -9.77
N LEU C 201 -43.44 16.16 -10.29
CA LEU C 201 -44.77 16.38 -9.70
C LEU C 201 -45.80 15.46 -10.42
N HIS C 202 -46.06 14.27 -9.88
CA HIS C 202 -46.95 13.27 -10.48
C HIS C 202 -48.34 13.78 -10.81
N PHE C 203 -48.96 14.45 -9.82
CA PHE C 203 -50.31 14.98 -9.94
C PHE C 203 -50.58 16.04 -8.88
N GLY C 204 -51.70 16.73 -9.04
CA GLY C 204 -52.17 17.68 -8.05
C GLY C 204 -51.94 19.13 -8.34
N GLU C 205 -52.02 19.92 -7.26
CA GLU C 205 -51.87 21.35 -7.25
C GLU C 205 -50.37 21.74 -7.32
N PRO C 206 -50.02 22.93 -7.85
CA PRO C 206 -48.59 23.29 -7.96
C PRO C 206 -47.74 23.31 -6.67
N LYS C 207 -46.43 23.36 -6.89
CA LYS C 207 -45.38 23.45 -5.90
C LYS C 207 -44.62 24.65 -6.33
N SER C 208 -44.44 25.62 -5.42
CA SER C 208 -43.66 26.79 -5.74
C SER C 208 -42.31 26.70 -5.16
N TRP C 209 -41.29 27.16 -5.92
CA TRP C 209 -39.89 27.05 -5.57
C TRP C 209 -39.19 28.39 -5.52
N TYR C 210 -38.21 28.51 -4.61
CA TYR C 210 -37.33 29.65 -4.45
C TYR C 210 -35.91 29.08 -4.56
N SER C 211 -35.01 29.79 -5.25
CA SER C 211 -33.62 29.34 -5.37
C SER C 211 -32.62 30.44 -5.22
N VAL C 212 -31.45 30.12 -4.64
CA VAL C 212 -30.31 31.01 -4.54
C VAL C 212 -29.19 30.40 -5.42
N PRO C 213 -28.62 31.15 -6.40
CA PRO C 213 -27.53 30.58 -7.23
C PRO C 213 -26.37 30.01 -6.39
N PRO C 214 -25.80 28.84 -6.74
CA PRO C 214 -24.70 28.26 -5.94
C PRO C 214 -23.52 29.18 -5.64
N GLU C 215 -23.25 30.19 -6.49
CA GLU C 215 -22.20 31.20 -6.32
C GLU C 215 -22.54 32.22 -5.24
N HIS C 216 -23.78 32.24 -4.74
CA HIS C 216 -24.22 33.15 -3.67
C HIS C 216 -24.69 32.43 -2.42
N GLY C 217 -24.50 31.11 -2.40
CA GLY C 217 -24.90 30.24 -1.29
C GLY C 217 -24.31 30.63 0.03
N LYS C 218 -23.08 31.15 0.01
CA LYS C 218 -22.33 31.61 1.19
C LYS C 218 -22.92 32.87 1.81
N ARG C 219 -23.53 33.73 0.97
CA ARG C 219 -24.16 34.98 1.41
C ARG C 219 -25.39 34.63 2.20
N LEU C 220 -26.23 33.68 1.70
CA LEU C 220 -27.42 33.20 2.40
C LEU C 220 -27.02 32.61 3.74
N GLU C 221 -25.92 31.80 3.78
CA GLU C 221 -25.37 31.18 4.98
C GLU C 221 -25.00 32.24 6.00
N ARG C 222 -24.21 33.25 5.57
CA ARG C 222 -23.77 34.38 6.40
C ARG C 222 -24.97 35.11 7.00
N LEU C 223 -26.02 35.33 6.18
CA LEU C 223 -27.25 35.99 6.58
C LEU C 223 -27.96 35.19 7.69
N ALA C 224 -28.19 33.86 7.46
CA ALA C 224 -28.81 32.95 8.41
C ALA C 224 -27.99 32.80 9.70
N LYS C 225 -26.64 32.82 9.60
CA LYS C 225 -25.73 32.74 10.74
C LYS C 225 -25.91 33.96 11.66
N GLY C 226 -26.27 35.09 11.07
CA GLY C 226 -26.54 36.34 11.78
C GLY C 226 -27.88 36.33 12.46
N PHE C 227 -28.87 35.68 11.84
CA PHE C 227 -30.25 35.56 12.33
C PHE C 227 -30.45 34.48 13.38
N PHE C 228 -29.78 33.34 13.24
CA PHE C 228 -29.89 32.23 14.20
C PHE C 228 -28.49 31.89 14.73
N PRO C 229 -27.88 32.80 15.56
CA PRO C 229 -26.50 32.54 16.05
C PRO C 229 -26.39 31.43 17.07
N GLY C 230 -27.50 31.14 17.77
CA GLY C 230 -27.58 30.07 18.75
C GLY C 230 -27.55 28.73 18.05
N SER C 231 -28.26 28.66 16.91
CA SER C 231 -28.34 27.49 16.02
C SER C 231 -27.02 27.28 15.28
N ALA C 232 -26.33 28.39 14.93
CA ALA C 232 -25.04 28.41 14.22
C ALA C 232 -23.88 28.00 15.13
N GLN C 233 -23.93 28.37 16.43
CA GLN C 233 -22.92 28.02 17.42
C GLN C 233 -23.04 26.55 17.82
N SER C 234 -24.26 25.97 17.68
CA SER C 234 -24.60 24.58 17.98
C SER C 234 -24.26 23.63 16.81
N CYS C 235 -24.38 24.13 15.56
CA CYS C 235 -24.11 23.37 14.33
C CYS C 235 -23.61 24.30 13.22
N GLU C 236 -22.47 23.92 12.59
CA GLU C 236 -21.88 24.66 11.48
C GLU C 236 -22.83 24.68 10.28
N ALA C 237 -23.42 23.52 9.96
CA ALA C 237 -24.35 23.34 8.87
C ALA C 237 -25.79 23.16 9.42
N PHE C 238 -26.29 24.17 10.15
CA PHE C 238 -27.63 24.11 10.78
C PHE C 238 -28.77 24.20 9.74
N LEU C 239 -28.49 24.77 8.55
CA LEU C 239 -29.50 24.83 7.49
C LEU C 239 -29.91 23.43 6.98
N ARG C 240 -28.98 22.45 7.16
CA ARG C 240 -29.16 21.04 6.79
C ARG C 240 -30.30 20.39 7.60
N HIS C 241 -30.64 20.95 8.80
CA HIS C 241 -31.75 20.53 9.69
C HIS C 241 -33.08 20.76 9.02
N LYS C 242 -33.08 21.55 7.91
CA LYS C 242 -34.22 21.92 7.05
C LYS C 242 -35.36 22.43 7.88
N MET C 243 -35.07 23.44 8.72
CA MET C 243 -36.07 24.05 9.62
C MET C 243 -36.18 25.58 9.40
N THR C 244 -35.33 26.19 8.56
CA THR C 244 -35.29 27.63 8.41
C THR C 244 -36.08 28.13 7.21
N LEU C 245 -37.04 29.03 7.47
CA LEU C 245 -37.84 29.64 6.38
C LEU C 245 -37.53 31.13 6.33
N ILE C 246 -37.17 31.62 5.14
CA ILE C 246 -36.80 33.04 4.91
C ILE C 246 -37.64 33.52 3.76
N SER C 247 -38.41 34.59 3.95
CA SER C 247 -39.31 35.10 2.90
C SER C 247 -38.56 35.79 1.77
N PRO C 248 -39.10 35.78 0.52
CA PRO C 248 -38.43 36.49 -0.58
C PRO C 248 -38.10 37.95 -0.30
N LEU C 249 -38.96 38.63 0.43
CA LEU C 249 -38.82 40.03 0.84
C LEU C 249 -37.61 40.25 1.73
N MET C 250 -37.36 39.29 2.64
CA MET C 250 -36.22 39.29 3.57
C MET C 250 -34.95 39.18 2.79
N LEU C 251 -34.93 38.26 1.79
CA LEU C 251 -33.77 38.06 0.92
C LEU C 251 -33.49 39.32 0.11
N LYS C 252 -34.54 39.95 -0.43
CA LYS C 252 -34.43 41.19 -1.21
C LYS C 252 -33.89 42.33 -0.32
N LYS C 253 -34.36 42.40 0.94
CA LYS C 253 -33.96 43.44 1.91
C LYS C 253 -32.46 43.37 2.19
N TYR C 254 -31.94 42.15 2.36
CA TYR C 254 -30.53 41.91 2.65
C TYR C 254 -29.68 41.60 1.41
N GLY C 255 -30.21 41.96 0.25
CA GLY C 255 -29.53 41.89 -1.04
C GLY C 255 -29.06 40.52 -1.50
N ILE C 256 -29.75 39.45 -1.08
CA ILE C 256 -29.43 38.08 -1.48
C ILE C 256 -30.08 37.78 -2.87
N PRO C 257 -29.25 37.45 -3.91
CA PRO C 257 -29.84 37.16 -5.22
C PRO C 257 -30.58 35.83 -5.20
N PHE C 258 -31.79 35.82 -5.78
CA PHE C 258 -32.63 34.63 -5.81
C PHE C 258 -33.60 34.68 -6.97
N ASP C 259 -34.17 33.52 -7.30
CA ASP C 259 -35.19 33.44 -8.32
C ASP C 259 -36.32 32.56 -7.83
N LYS C 260 -37.51 32.72 -8.42
CA LYS C 260 -38.67 31.91 -8.09
C LYS C 260 -39.29 31.24 -9.35
N VAL C 261 -39.94 30.08 -9.16
CA VAL C 261 -40.58 29.31 -10.23
C VAL C 261 -41.67 28.42 -9.64
N THR C 262 -42.75 28.18 -10.41
CA THR C 262 -43.85 27.30 -10.02
C THR C 262 -43.80 26.03 -10.86
N GLN C 263 -43.72 24.88 -10.18
CA GLN C 263 -43.72 23.56 -10.79
C GLN C 263 -45.17 23.07 -10.83
N GLU C 264 -45.63 22.69 -12.00
CA GLU C 264 -46.98 22.15 -12.21
C GLU C 264 -46.84 20.66 -12.42
N ALA C 265 -47.97 19.96 -12.37
CA ALA C 265 -48.05 18.52 -12.53
C ALA C 265 -47.51 18.11 -13.87
N GLY C 266 -46.67 17.09 -13.84
CA GLY C 266 -46.02 16.52 -15.02
C GLY C 266 -44.74 17.23 -15.44
N GLU C 267 -44.17 18.02 -14.54
CA GLU C 267 -42.95 18.77 -14.77
C GLU C 267 -41.87 18.27 -13.83
N PHE C 268 -40.59 18.47 -14.22
CA PHE C 268 -39.45 18.08 -13.42
C PHE C 268 -38.66 19.30 -12.97
N MET C 269 -38.19 19.26 -11.72
CA MET C 269 -37.29 20.26 -11.19
C MET C 269 -35.99 19.57 -10.87
N ILE C 270 -34.88 20.22 -11.23
CA ILE C 270 -33.54 19.71 -11.01
C ILE C 270 -32.80 20.69 -10.10
N THR C 271 -32.30 20.17 -8.95
CA THR C 271 -31.46 20.97 -8.05
C THR C 271 -30.05 20.60 -8.36
N PHE C 272 -29.20 21.62 -8.42
CA PHE C 272 -27.77 21.46 -8.72
C PHE C 272 -26.94 21.51 -7.45
N PRO C 273 -25.70 20.94 -7.43
CA PRO C 273 -24.90 20.95 -6.19
C PRO C 273 -24.74 22.35 -5.60
N TYR C 274 -24.96 22.44 -4.28
CA TYR C 274 -24.83 23.63 -3.45
C TYR C 274 -25.84 24.74 -3.83
N GLY C 275 -26.89 24.34 -4.52
CA GLY C 275 -28.01 25.20 -4.91
C GLY C 275 -29.07 25.11 -3.83
N TYR C 276 -29.13 26.16 -2.97
CA TYR C 276 -30.08 26.33 -1.86
C TYR C 276 -31.48 26.56 -2.44
N HIS C 277 -32.46 25.88 -1.88
CA HIS C 277 -33.83 26.00 -2.36
C HIS C 277 -34.80 25.80 -1.21
N ALA C 278 -36.03 26.39 -1.39
CA ALA C 278 -37.17 26.35 -0.48
C ALA C 278 -38.40 26.45 -1.34
N GLY C 279 -39.56 26.34 -0.69
CA GLY C 279 -40.84 26.49 -1.36
C GLY C 279 -41.94 25.88 -0.53
N PHE C 280 -43.13 25.90 -1.13
CA PHE C 280 -44.36 25.48 -0.52
C PHE C 280 -45.28 24.85 -1.56
N ASN C 281 -46.33 24.18 -1.08
CA ASN C 281 -47.30 23.50 -1.91
C ASN C 281 -48.64 24.26 -1.92
N HIS C 282 -49.20 24.37 -3.11
CA HIS C 282 -50.42 25.12 -3.31
C HIS C 282 -51.62 24.38 -2.81
N GLY C 283 -51.61 23.05 -2.88
CA GLY C 283 -52.74 22.25 -2.42
C GLY C 283 -52.41 20.79 -2.49
N PHE C 284 -53.41 19.93 -2.53
CA PHE C 284 -53.16 18.50 -2.60
C PHE C 284 -52.35 18.15 -3.84
N ASN C 285 -51.27 17.40 -3.65
CA ASN C 285 -50.39 16.99 -4.71
C ASN C 285 -49.45 15.87 -4.35
N CYS C 286 -48.77 15.32 -5.34
CA CYS C 286 -47.79 14.30 -5.10
C CYS C 286 -46.55 14.44 -5.99
N ALA C 287 -45.38 14.56 -5.38
CA ALA C 287 -44.09 14.62 -6.08
C ALA C 287 -43.15 13.50 -5.64
N GLU C 288 -42.43 12.88 -6.59
CA GLU C 288 -41.42 11.87 -6.33
C GLU C 288 -40.02 12.53 -6.45
N SER C 289 -39.04 12.08 -5.62
CA SER C 289 -37.69 12.64 -5.67
C SER C 289 -36.59 11.66 -5.21
N THR C 290 -35.34 11.97 -5.60
CA THR C 290 -34.13 11.27 -5.24
C THR C 290 -32.93 12.13 -5.54
N ASN C 291 -31.75 11.68 -5.09
CA ASN C 291 -30.50 12.37 -5.35
C ASN C 291 -29.77 11.67 -6.47
N PHE C 292 -28.96 12.40 -7.21
CA PHE C 292 -28.13 11.86 -8.27
C PHE C 292 -26.83 12.64 -8.33
N ALA C 293 -25.90 12.19 -9.17
CA ALA C 293 -24.58 12.81 -9.31
C ALA C 293 -24.08 12.79 -10.76
N THR C 294 -23.09 13.67 -11.05
CA THR C 294 -22.33 13.81 -12.30
C THR C 294 -20.88 13.95 -11.84
N ARG C 295 -19.87 13.81 -12.75
CA ARG C 295 -18.45 13.95 -12.43
C ARG C 295 -18.11 15.25 -11.67
N ARG C 296 -18.78 16.35 -12.01
CA ARG C 296 -18.66 17.66 -11.38
C ARG C 296 -19.04 17.62 -9.85
N TRP C 297 -19.97 16.76 -9.44
CA TRP C 297 -20.37 16.65 -8.03
C TRP C 297 -19.26 16.19 -7.09
N ILE C 298 -18.36 15.29 -7.56
CA ILE C 298 -17.29 14.71 -6.73
C ILE C 298 -16.55 15.79 -5.90
N GLU C 299 -16.20 16.96 -6.50
CA GLU C 299 -15.51 18.04 -5.77
C GLU C 299 -16.37 18.68 -4.69
N TYR C 300 -17.69 18.72 -4.91
CA TYR C 300 -18.69 19.21 -3.96
C TYR C 300 -18.85 18.20 -2.86
N GLY C 301 -18.75 16.92 -3.18
CA GLY C 301 -18.86 15.83 -2.21
C GLY C 301 -17.72 15.83 -1.21
N LYS C 302 -16.51 16.09 -1.72
CA LYS C 302 -15.25 16.18 -0.96
C LYS C 302 -15.19 17.43 -0.05
N GLN C 303 -15.76 18.55 -0.50
CA GLN C 303 -15.71 19.84 0.21
C GLN C 303 -16.97 20.19 1.03
N ALA C 304 -18.01 19.33 1.01
CA ALA C 304 -19.29 19.54 1.69
C ALA C 304 -19.19 19.71 3.22
N VAL C 305 -19.74 20.85 3.75
CA VAL C 305 -19.79 21.13 5.19
C VAL C 305 -21.07 20.45 5.72
N LEU C 306 -20.87 19.43 6.55
CA LEU C 306 -21.96 18.60 7.04
C LEU C 306 -22.39 18.91 8.44
N CYS C 307 -23.61 18.44 8.78
CA CYS C 307 -24.23 18.55 10.08
C CYS C 307 -23.37 17.82 11.12
N SER C 308 -22.84 18.57 12.08
CA SER C 308 -21.94 18.10 13.15
C SER C 308 -22.68 17.60 14.42
N CYS C 309 -23.91 18.07 14.66
CA CYS C 309 -24.71 17.70 15.81
C CYS C 309 -25.46 16.36 15.65
N ARG C 310 -26.02 16.05 14.46
CA ARG C 310 -26.73 14.78 14.26
N MET C 313 -27.32 11.75 10.46
CA MET C 313 -27.48 12.48 9.22
C MET C 313 -26.88 11.70 8.03
N VAL C 314 -27.10 12.19 6.79
CA VAL C 314 -26.58 11.54 5.58
C VAL C 314 -25.10 11.87 5.32
N LYS C 315 -24.23 10.85 5.40
CA LYS C 315 -22.80 10.98 5.13
C LYS C 315 -22.38 9.92 4.12
N ILE C 316 -21.54 10.30 3.14
CA ILE C 316 -21.05 9.42 2.08
C ILE C 316 -19.53 9.37 2.12
N SER C 317 -18.94 8.15 2.00
CA SER C 317 -17.47 7.98 1.93
C SER C 317 -17.07 8.43 0.52
N MET C 318 -16.24 9.47 0.44
CA MET C 318 -15.81 10.02 -0.85
C MET C 318 -14.71 9.25 -1.53
N ASP C 319 -13.89 8.49 -0.76
CA ASP C 319 -12.75 7.71 -1.23
C ASP C 319 -13.00 6.97 -2.56
N VAL C 320 -14.14 6.25 -2.65
CA VAL C 320 -14.50 5.47 -3.85
C VAL C 320 -14.56 6.35 -5.12
N PHE C 321 -15.08 7.58 -5.00
CA PHE C 321 -15.19 8.54 -6.09
C PHE C 321 -13.81 9.11 -6.49
N VAL C 322 -12.92 9.36 -5.50
CA VAL C 322 -11.56 9.88 -5.72
C VAL C 322 -10.63 8.81 -6.32
N ARG C 323 -10.80 7.52 -5.93
CA ARG C 323 -9.99 6.42 -6.47
C ARG C 323 -10.37 6.05 -7.90
N LYS C 324 -11.59 6.44 -8.35
CA LYS C 324 -12.03 6.13 -9.71
C LYS C 324 -11.90 7.31 -10.66
N PHE C 325 -12.25 8.54 -10.20
CA PHE C 325 -12.28 9.69 -11.08
C PHE C 325 -11.14 10.68 -10.90
N GLN C 326 -10.44 10.65 -9.75
CA GLN C 326 -9.28 11.51 -9.50
C GLN C 326 -8.11 10.69 -8.90
N PRO C 327 -7.67 9.52 -9.46
CA PRO C 327 -6.60 8.74 -8.80
C PRO C 327 -5.25 9.46 -8.64
N GLU C 328 -4.97 10.46 -9.50
CA GLU C 328 -3.77 11.30 -9.44
C GLU C 328 -3.81 12.24 -8.22
N ARG C 329 -5.04 12.59 -7.75
CA ARG C 329 -5.27 13.45 -6.60
C ARG C 329 -5.59 12.63 -5.33
N TYR C 330 -5.75 11.29 -5.46
CA TYR C 330 -6.12 10.34 -4.40
C TYR C 330 -5.10 10.24 -3.23
N LYS C 331 -3.81 10.53 -3.47
CA LYS C 331 -2.80 10.55 -2.41
C LYS C 331 -2.80 11.94 -1.74
N LEU C 332 -2.83 13.02 -2.52
CA LEU C 332 -2.85 14.42 -2.05
C LEU C 332 -4.09 14.72 -1.21
N TRP C 333 -5.26 14.17 -1.61
CA TRP C 333 -6.53 14.36 -0.92
C TRP C 333 -6.56 13.54 0.37
N LYS C 334 -6.04 12.29 0.32
CA LYS C 334 -5.96 11.40 1.49
C LYS C 334 -4.96 11.93 2.54
N ALA C 335 -4.06 12.85 2.13
CA ALA C 335 -3.07 13.53 2.98
C ALA C 335 -3.62 14.85 3.55
N GLY C 336 -4.68 15.38 2.92
CA GLY C 336 -5.33 16.61 3.34
C GLY C 336 -4.78 17.86 2.68
N LYS C 337 -4.02 17.67 1.58
CA LYS C 337 -3.39 18.75 0.81
C LYS C 337 -4.19 19.20 -0.43
N ASP C 338 -5.35 18.58 -0.73
CA ASP C 338 -6.17 18.98 -1.89
C ASP C 338 -6.81 20.37 -1.67
N ASN C 339 -6.10 21.41 -2.13
CA ASN C 339 -6.48 22.81 -2.01
C ASN C 339 -7.33 23.35 -3.19
N THR C 340 -8.08 22.45 -3.87
CA THR C 340 -8.94 22.76 -5.02
C THR C 340 -10.04 23.73 -4.66
N VAL C 341 -10.17 24.81 -5.45
CA VAL C 341 -11.21 25.80 -5.27
C VAL C 341 -12.23 25.53 -6.36
N ILE C 342 -13.53 25.48 -5.97
CA ILE C 342 -14.65 25.19 -6.88
C ILE C 342 -15.10 26.43 -7.65
N ASP C 343 -15.36 26.26 -8.96
CA ASP C 343 -15.91 27.28 -9.85
C ASP C 343 -17.38 26.85 -10.09
N HIS C 344 -18.32 27.58 -9.46
CA HIS C 344 -19.76 27.27 -9.53
C HIS C 344 -20.38 27.48 -10.92
N THR C 345 -19.60 28.11 -11.83
CA THR C 345 -20.04 28.45 -13.20
C THR C 345 -19.55 27.44 -14.24
N LEU C 346 -18.60 26.58 -13.87
CA LEU C 346 -18.05 25.57 -14.77
C LEU C 346 -19.03 24.43 -14.97
N PRO C 347 -19.36 24.04 -16.22
CA PRO C 347 -20.28 22.91 -16.42
C PRO C 347 -19.61 21.56 -16.07
N THR C 348 -20.39 20.46 -16.07
CA THR C 348 -19.85 19.14 -15.80
C THR C 348 -18.93 18.67 -16.95
N PRO C 349 -17.84 17.89 -16.71
CA PRO C 349 -17.00 17.42 -17.83
C PRO C 349 -17.78 16.73 -18.95
N GLU C 350 -18.94 16.13 -18.63
CA GLU C 350 -19.85 15.42 -19.55
C GLU C 350 -20.45 16.36 -20.59
N ALA C 351 -20.44 17.69 -20.30
CA ALA C 351 -20.97 18.73 -21.17
C ALA C 351 -20.03 19.10 -22.35
N ALA C 352 -18.79 18.53 -22.39
CA ALA C 352 -17.76 18.77 -23.43
C ALA C 352 -18.26 18.59 -24.86
N GLU C 353 -18.97 17.48 -25.13
CA GLU C 353 -19.58 17.18 -26.43
C GLU C 353 -20.59 18.25 -26.92
N PHE C 354 -20.99 19.19 -26.03
CA PHE C 354 -21.92 20.30 -26.33
C PHE C 354 -21.23 21.68 -26.39
N LEU C 355 -19.92 21.74 -26.07
CA LEU C 355 -19.17 23.00 -26.06
C LEU C 355 -18.32 23.16 -27.29
N SER D 12 8.43 43.49 -20.67
CA SER D 12 8.86 43.76 -22.04
C SER D 12 9.67 42.58 -22.65
N ALA D 13 9.72 41.43 -21.93
CA ALA D 13 10.45 40.20 -22.30
C ALA D 13 11.93 40.43 -22.68
N ARG D 14 12.60 41.29 -21.89
CA ARG D 14 14.01 41.63 -22.03
C ARG D 14 14.94 40.58 -21.38
N ILE D 15 16.15 40.43 -21.94
CA ILE D 15 17.16 39.51 -21.43
C ILE D 15 17.63 39.95 -20.05
N MET D 16 17.45 39.08 -19.05
CA MET D 16 17.84 39.35 -17.65
C MET D 16 19.13 38.66 -17.30
N THR D 17 19.90 39.26 -16.39
CA THR D 17 21.20 38.83 -15.86
C THR D 17 21.03 38.57 -14.37
N PHE D 18 21.62 37.47 -13.90
CA PHE D 18 21.56 37.01 -12.51
C PHE D 18 22.93 36.82 -11.93
N TYR D 19 23.08 37.14 -10.65
CA TYR D 19 24.35 37.06 -9.91
C TYR D 19 24.17 36.21 -8.65
N PRO D 20 24.09 34.87 -8.79
CA PRO D 20 23.86 34.04 -7.61
C PRO D 20 25.03 34.01 -6.65
N THR D 21 24.70 33.97 -5.35
CA THR D 21 25.65 33.82 -4.25
C THR D 21 26.06 32.35 -4.33
N MET D 22 27.17 31.97 -3.68
CA MET D 22 27.66 30.59 -3.66
C MET D 22 26.59 29.60 -3.14
N GLU D 23 25.76 30.04 -2.17
CA GLU D 23 24.68 29.22 -1.63
C GLU D 23 23.54 29.01 -2.64
N GLU D 24 23.09 30.08 -3.33
CA GLU D 24 22.06 30.03 -4.38
C GLU D 24 22.52 29.18 -5.59
N PHE D 25 23.79 29.37 -6.01
CA PHE D 25 24.46 28.69 -7.12
C PHE D 25 24.61 27.17 -7.01
N ARG D 26 24.77 26.61 -5.79
CA ARG D 26 24.97 25.16 -5.55
C ARG D 26 23.89 24.25 -6.16
N ASN D 27 22.59 24.69 -6.17
CA ASN D 27 21.49 23.88 -6.72
C ASN D 27 21.09 24.42 -8.07
N PHE D 28 21.33 23.63 -9.11
CA PHE D 28 21.06 24.01 -10.48
C PHE D 28 19.57 24.17 -10.75
N SER D 29 18.81 23.06 -10.61
CA SER D 29 17.37 23.01 -10.84
C SER D 29 16.59 24.02 -10.02
N ARG D 30 17.07 24.38 -8.80
CA ARG D 30 16.49 25.36 -7.88
C ARG D 30 16.67 26.78 -8.45
N TYR D 31 17.90 27.07 -8.86
CA TYR D 31 18.21 28.36 -9.44
C TYR D 31 17.44 28.54 -10.74
N ILE D 32 17.30 27.45 -11.48
CA ILE D 32 16.54 27.51 -12.71
C ILE D 32 15.08 27.84 -12.41
N ALA D 33 14.55 27.25 -11.36
CA ALA D 33 13.18 27.50 -10.94
C ALA D 33 13.03 28.95 -10.53
N TYR D 34 14.04 29.42 -9.84
CA TYR D 34 14.14 30.78 -9.35
C TYR D 34 14.08 31.82 -10.48
N ILE D 35 14.97 31.69 -11.51
CA ILE D 35 15.05 32.65 -12.61
C ILE D 35 13.75 32.62 -13.43
N GLU D 36 13.07 31.46 -13.53
CA GLU D 36 11.77 31.35 -14.19
C GLU D 36 10.70 32.17 -13.41
N SER D 37 10.69 32.05 -12.05
CA SER D 37 9.78 32.79 -11.14
C SER D 37 9.89 34.32 -11.29
N GLN D 38 11.07 34.81 -11.74
CA GLN D 38 11.35 36.23 -11.97
C GLN D 38 11.05 36.62 -13.44
N GLY D 39 10.49 35.70 -14.23
CA GLY D 39 10.12 35.89 -15.63
C GLY D 39 11.26 35.85 -16.64
N ALA D 40 12.43 35.30 -16.27
CA ALA D 40 13.61 35.22 -17.13
C ALA D 40 13.35 34.51 -18.46
N HIS D 41 12.51 33.47 -18.43
CA HIS D 41 12.10 32.62 -19.56
C HIS D 41 11.34 33.34 -20.67
N ARG D 42 10.72 34.48 -20.35
CA ARG D 42 9.90 35.27 -21.28
C ARG D 42 10.71 35.84 -22.40
N ALA D 43 12.01 36.11 -22.18
CA ALA D 43 12.95 36.60 -23.19
C ALA D 43 13.44 35.44 -24.06
N GLY D 44 13.43 34.26 -23.47
CA GLY D 44 13.88 33.05 -24.14
C GLY D 44 15.36 32.83 -24.05
N LEU D 45 16.06 33.75 -23.33
CA LEU D 45 17.50 33.74 -23.06
C LEU D 45 17.79 34.51 -21.79
N ALA D 46 18.58 33.92 -20.87
CA ALA D 46 19.02 34.59 -19.63
C ALA D 46 20.51 34.37 -19.36
N LYS D 47 21.15 35.36 -18.72
CA LYS D 47 22.56 35.30 -18.34
C LYS D 47 22.73 35.09 -16.85
N VAL D 48 23.62 34.17 -16.48
CA VAL D 48 23.94 33.84 -15.09
C VAL D 48 25.43 34.00 -14.90
N VAL D 49 25.80 35.02 -14.18
CA VAL D 49 27.19 35.32 -13.80
C VAL D 49 27.45 34.56 -12.49
N PRO D 50 28.31 33.52 -12.49
CA PRO D 50 28.49 32.71 -11.28
C PRO D 50 29.33 33.40 -10.21
N PRO D 51 29.38 32.87 -8.94
CA PRO D 51 30.23 33.50 -7.92
C PRO D 51 31.68 33.61 -8.35
N LYS D 52 32.32 34.75 -7.99
CA LYS D 52 33.72 35.09 -8.30
C LYS D 52 34.71 34.01 -7.86
N GLU D 53 34.45 33.39 -6.69
CA GLU D 53 35.27 32.32 -6.11
C GLU D 53 35.24 31.01 -6.90
N TRP D 54 34.14 30.75 -7.64
CA TRP D 54 33.90 29.53 -8.44
C TRP D 54 34.67 29.49 -9.79
N LYS D 55 35.48 28.44 -9.98
CA LYS D 55 36.28 28.22 -11.19
C LYS D 55 36.09 26.77 -11.63
N PRO D 56 35.73 26.46 -12.91
CA PRO D 56 35.52 25.04 -13.30
C PRO D 56 36.78 24.27 -13.69
N ARG D 57 37.89 25.00 -14.01
CA ARG D 57 39.23 24.52 -14.41
C ARG D 57 40.28 25.55 -13.98
N ALA D 58 41.37 25.10 -13.31
CA ALA D 58 42.44 25.95 -12.78
C ALA D 58 43.25 26.67 -13.86
N SER D 59 43.38 26.05 -15.07
CA SER D 59 44.13 26.58 -16.21
C SER D 59 43.67 26.02 -17.57
N TYR D 60 43.76 26.84 -18.62
CA TYR D 60 43.40 26.43 -19.97
C TYR D 60 44.61 26.28 -20.91
N ASP D 61 45.82 26.30 -20.33
CA ASP D 61 47.08 26.21 -21.07
C ASP D 61 47.53 24.77 -21.39
N ASP D 62 46.71 23.76 -21.01
CA ASP D 62 46.99 22.34 -21.18
C ASP D 62 46.10 21.66 -22.23
N ILE D 63 45.53 22.43 -23.17
CA ILE D 63 44.61 21.84 -24.15
C ILE D 63 45.03 22.08 -25.64
N ASP D 64 46.26 22.52 -25.91
CA ASP D 64 46.70 22.78 -27.29
C ASP D 64 46.70 21.54 -28.20
N ASP D 65 46.92 20.35 -27.61
CA ASP D 65 46.97 19.07 -28.31
C ASP D 65 45.61 18.41 -28.44
N LEU D 66 44.56 19.05 -27.90
CA LEU D 66 43.18 18.57 -27.97
C LEU D 66 42.71 18.62 -29.41
N VAL D 67 42.17 17.49 -29.88
CA VAL D 67 41.68 17.28 -31.24
C VAL D 67 40.23 17.66 -31.40
N ILE D 68 39.97 18.44 -32.48
CA ILE D 68 38.69 18.90 -32.97
C ILE D 68 38.50 18.00 -34.22
N PRO D 69 37.73 16.89 -34.09
CA PRO D 69 37.63 15.93 -35.20
C PRO D 69 37.03 16.42 -36.50
N ALA D 70 35.97 17.22 -36.41
CA ALA D 70 35.33 17.69 -37.62
C ALA D 70 35.14 19.22 -37.67
N PRO D 71 36.25 20.00 -37.87
CA PRO D 71 36.09 21.46 -37.99
C PRO D 71 35.27 21.83 -39.22
N ILE D 72 34.46 22.86 -39.11
CA ILE D 72 33.56 23.21 -40.20
C ILE D 72 33.85 24.60 -40.75
N GLN D 73 34.13 24.69 -42.06
CA GLN D 73 34.29 25.99 -42.67
C GLN D 73 32.89 26.51 -42.98
N GLN D 74 32.61 27.72 -42.48
CA GLN D 74 31.29 28.32 -42.60
C GLN D 74 31.18 29.26 -43.78
N LEU D 75 30.49 28.75 -44.81
CA LEU D 75 30.24 29.48 -46.05
C LEU D 75 28.86 30.07 -46.06
N VAL D 76 28.78 31.40 -46.15
CA VAL D 76 27.53 32.15 -46.08
C VAL D 76 27.22 32.77 -47.43
N THR D 77 25.98 32.57 -47.85
CA THR D 77 25.44 33.07 -49.11
C THR D 77 24.20 33.87 -48.80
N GLY D 78 24.10 35.04 -49.39
CA GLY D 78 22.96 35.93 -49.22
C GLY D 78 23.24 37.41 -49.43
N GLN D 79 22.22 38.23 -49.14
CA GLN D 79 22.20 39.69 -49.27
C GLN D 79 20.98 40.20 -48.49
N SER D 80 20.80 41.54 -48.43
CA SER D 80 19.67 42.23 -47.80
C SER D 80 19.29 41.62 -46.45
N GLY D 81 20.29 41.40 -45.59
CA GLY D 81 20.10 40.82 -44.27
C GLY D 81 19.65 39.37 -44.20
N LEU D 82 19.48 38.72 -45.37
CA LEU D 82 19.02 37.33 -45.55
C LEU D 82 20.12 36.42 -46.00
N PHE D 83 20.39 35.36 -45.21
CA PHE D 83 21.51 34.46 -45.49
C PHE D 83 21.27 32.96 -45.22
N THR D 84 22.06 32.12 -45.93
CA THR D 84 22.12 30.66 -45.80
C THR D 84 23.57 30.29 -45.52
N GLN D 85 23.77 29.51 -44.45
CA GLN D 85 25.06 29.04 -44.02
C GLN D 85 25.23 27.59 -44.43
N TYR D 86 26.25 27.34 -45.21
CA TYR D 86 26.66 26.02 -45.65
C TYR D 86 27.91 25.68 -44.85
N ASN D 87 27.88 24.53 -44.18
CA ASN D 87 29.01 24.04 -43.39
C ASN D 87 29.80 23.04 -44.21
N ILE D 88 31.13 23.26 -44.35
CA ILE D 88 32.05 22.39 -45.11
C ILE D 88 32.97 21.69 -44.12
N GLN D 89 32.83 20.37 -43.98
CA GLN D 89 33.65 19.60 -43.04
C GLN D 89 35.08 19.56 -43.52
N LYS D 90 36.02 19.88 -42.61
CA LYS D 90 37.44 19.91 -42.88
C LYS D 90 38.13 18.80 -42.08
N LYS D 91 39.39 18.48 -42.43
CA LYS D 91 40.19 17.47 -41.74
C LYS D 91 40.46 17.87 -40.27
N ALA D 92 40.55 16.86 -39.38
CA ALA D 92 40.81 17.02 -37.94
C ALA D 92 42.02 17.89 -37.68
N MET D 93 41.90 18.73 -36.67
CA MET D 93 42.98 19.62 -36.31
C MET D 93 43.01 19.81 -34.82
N THR D 94 44.16 20.29 -34.30
CA THR D 94 44.36 20.56 -32.89
C THR D 94 43.91 21.98 -32.55
N VAL D 95 43.79 22.28 -31.24
CA VAL D 95 43.45 23.61 -30.71
C VAL D 95 44.60 24.56 -31.07
N ARG D 96 45.86 24.05 -31.07
CA ARG D 96 47.06 24.77 -31.46
C ARG D 96 46.96 25.22 -32.91
N GLU D 97 46.54 24.30 -33.81
CA GLU D 97 46.36 24.58 -35.23
C GLU D 97 45.23 25.59 -35.44
N PHE D 98 44.09 25.43 -34.67
CA PHE D 98 42.93 26.31 -34.73
C PHE D 98 43.22 27.76 -34.28
N ARG D 99 43.86 27.92 -33.10
CA ARG D 99 44.22 29.22 -32.51
C ARG D 99 45.16 30.00 -33.42
N LYS D 100 46.13 29.30 -34.06
CA LYS D 100 47.08 29.90 -35.00
C LYS D 100 46.31 30.54 -36.18
N ILE D 101 45.31 29.80 -36.74
CA ILE D 101 44.46 30.29 -37.82
C ILE D 101 43.63 31.49 -37.32
N ALA D 102 42.90 31.32 -36.20
CA ALA D 102 42.05 32.36 -35.58
C ALA D 102 42.76 33.71 -35.42
N ASN D 103 43.98 33.67 -34.85
CA ASN D 103 44.82 34.83 -34.55
C ASN D 103 45.59 35.40 -35.75
N SER D 104 45.64 34.66 -36.88
CA SER D 104 46.32 35.11 -38.11
C SER D 104 45.65 36.38 -38.67
N ASP D 105 46.43 37.17 -39.43
CA ASP D 105 45.99 38.42 -40.06
C ASP D 105 44.78 38.20 -40.95
N LYS D 106 44.68 37.02 -41.56
CA LYS D 106 43.54 36.65 -42.41
C LYS D 106 42.25 36.42 -41.62
N TYR D 107 42.35 36.03 -40.34
CA TYR D 107 41.14 35.69 -39.58
C TYR D 107 40.89 36.45 -38.28
N CYS D 108 41.85 37.26 -37.80
CA CYS D 108 41.72 38.03 -36.56
C CYS D 108 40.55 39.03 -36.59
N THR D 109 40.00 39.31 -35.39
CA THR D 109 38.94 40.26 -35.12
C THR D 109 39.41 41.64 -35.62
N PRO D 110 38.57 42.41 -36.33
CA PRO D 110 39.01 43.76 -36.72
C PRO D 110 39.07 44.71 -35.51
N ARG D 111 39.73 45.87 -35.68
CA ARG D 111 39.82 46.88 -34.62
C ARG D 111 38.47 47.55 -34.51
N TYR D 112 37.96 47.69 -33.29
CA TYR D 112 36.66 48.30 -33.06
C TYR D 112 36.56 49.00 -31.71
N SER D 113 35.66 49.97 -31.62
CA SER D 113 35.48 50.72 -30.39
C SER D 113 34.33 50.22 -29.52
N GLU D 114 33.18 50.04 -30.13
CA GLU D 114 31.97 49.60 -29.44
C GLU D 114 31.44 48.39 -30.15
N PHE D 115 30.63 47.60 -29.45
CA PHE D 115 30.08 46.38 -30.01
C PHE D 115 29.25 46.71 -31.24
N GLU D 116 28.47 47.76 -31.16
CA GLU D 116 27.64 48.17 -32.30
C GLU D 116 28.47 48.19 -33.60
N GLU D 117 29.75 48.60 -33.50
CA GLU D 117 30.74 48.65 -34.56
C GLU D 117 31.11 47.22 -34.99
N LEU D 118 31.40 46.33 -34.03
CA LEU D 118 31.75 44.96 -34.37
C LEU D 118 30.56 44.20 -34.96
N GLU D 119 29.37 44.44 -34.44
CA GLU D 119 28.12 43.86 -34.91
C GLU D 119 27.92 44.27 -36.38
N ARG D 120 28.04 45.59 -36.68
CA ARG D 120 27.90 46.14 -38.04
C ARG D 120 28.93 45.53 -38.99
N LYS D 121 30.18 45.34 -38.52
CA LYS D 121 31.27 44.75 -39.29
C LYS D 121 30.99 43.28 -39.61
N TYR D 122 30.28 42.58 -38.71
CA TYR D 122 29.92 41.18 -38.88
C TYR D 122 28.84 41.06 -39.95
N TRP D 123 27.78 41.88 -39.83
CA TRP D 123 26.67 41.82 -40.77
C TRP D 123 27.09 42.30 -42.17
N LYS D 124 28.17 43.08 -42.26
CA LYS D 124 28.73 43.56 -43.53
C LYS D 124 29.68 42.51 -44.13
N ASN D 125 30.39 41.71 -43.31
CA ASN D 125 31.39 40.80 -43.82
C ASN D 125 31.18 39.30 -43.65
N LEU D 126 30.06 38.85 -43.09
CA LEU D 126 29.85 37.41 -42.83
C LEU D 126 29.89 36.51 -44.09
N THR D 127 29.77 37.09 -45.31
CA THR D 127 29.84 36.35 -46.58
C THR D 127 31.26 36.25 -47.15
N PHE D 128 32.21 37.10 -46.64
CA PHE D 128 33.61 37.14 -47.07
C PHE D 128 34.53 36.38 -46.12
N ASN D 129 35.72 35.97 -46.58
CA ASN D 129 36.72 35.21 -45.80
C ASN D 129 36.04 34.16 -44.88
N PRO D 130 35.41 33.08 -45.43
CA PRO D 130 34.74 32.09 -44.55
C PRO D 130 35.61 31.56 -43.41
N PRO D 131 35.13 31.67 -42.15
CA PRO D 131 35.96 31.22 -41.02
C PRO D 131 35.78 29.74 -40.74
N ILE D 132 36.63 29.17 -39.88
CA ILE D 132 36.53 27.78 -39.45
C ILE D 132 35.96 27.74 -38.02
N TYR D 133 35.03 26.82 -37.78
CA TYR D 133 34.37 26.61 -36.50
C TYR D 133 34.62 25.19 -35.98
N GLY D 134 35.22 25.10 -34.82
CA GLY D 134 35.51 23.84 -34.17
C GLY D 134 34.35 23.43 -33.32
N ALA D 135 33.22 23.22 -33.97
CA ALA D 135 31.93 22.94 -33.39
C ALA D 135 31.69 21.49 -33.10
N ASP D 136 30.83 21.25 -32.10
CA ASP D 136 30.35 19.92 -31.74
C ASP D 136 31.49 18.98 -31.32
N VAL D 137 32.35 19.45 -30.43
CA VAL D 137 33.44 18.59 -29.99
C VAL D 137 32.98 17.90 -28.71
N ASN D 138 32.82 16.57 -28.77
CA ASN D 138 32.43 15.73 -27.64
C ASN D 138 33.48 15.90 -26.56
N GLY D 139 33.01 16.31 -25.39
CA GLY D 139 33.89 16.52 -24.26
C GLY D 139 33.57 17.73 -23.42
N THR D 140 34.29 17.83 -22.30
CA THR D 140 34.16 18.82 -21.26
C THR D 140 35.52 19.38 -20.81
N LEU D 141 35.54 20.64 -20.38
CA LEU D 141 36.76 21.25 -19.85
C LEU D 141 36.62 21.45 -18.32
N TYR D 142 35.54 20.90 -17.74
CA TYR D 142 35.27 20.93 -16.31
C TYR D 142 36.17 19.91 -15.66
N GLU D 143 36.74 20.26 -14.50
CA GLU D 143 37.51 19.30 -13.72
C GLU D 143 36.51 18.36 -13.08
N LYS D 144 36.87 17.08 -12.94
CA LYS D 144 35.99 16.02 -12.41
C LYS D 144 35.34 16.35 -11.06
N HIS D 145 36.12 16.96 -10.13
CA HIS D 145 35.68 17.32 -8.79
C HIS D 145 34.65 18.45 -8.72
N VAL D 146 34.59 19.33 -9.76
CA VAL D 146 33.67 20.48 -9.86
C VAL D 146 32.21 20.03 -9.85
N ASP D 147 31.49 20.27 -8.73
CA ASP D 147 30.10 19.84 -8.53
C ASP D 147 29.05 20.89 -8.90
N GLU D 148 29.43 22.16 -8.90
CA GLU D 148 28.51 23.26 -9.16
C GLU D 148 28.36 23.57 -10.63
N TRP D 149 27.12 23.46 -11.14
CA TRP D 149 26.72 23.74 -12.52
C TRP D 149 27.54 22.99 -13.57
N ASN D 150 27.89 21.70 -13.28
CA ASN D 150 28.66 20.86 -14.18
C ASN D 150 27.84 20.45 -15.39
N ILE D 151 28.23 20.94 -16.55
CA ILE D 151 27.52 20.67 -17.79
C ILE D 151 27.46 19.18 -18.12
N GLY D 152 28.54 18.48 -17.81
CA GLY D 152 28.62 17.06 -18.03
C GLY D 152 27.60 16.30 -17.23
N ARG D 153 27.36 16.74 -16.00
CA ARG D 153 26.39 16.07 -15.15
C ARG D 153 25.41 17.00 -14.44
N LEU D 154 24.49 17.57 -15.20
CA LEU D 154 23.49 18.45 -14.62
C LEU D 154 22.50 17.78 -13.68
N ARG D 155 22.16 16.54 -14.02
CA ARG D 155 21.22 15.67 -13.31
C ARG D 155 19.77 16.24 -13.22
N THR D 156 19.23 16.67 -14.37
CA THR D 156 17.86 17.17 -14.52
C THR D 156 16.93 15.97 -14.84
N ILE D 157 15.63 16.24 -15.04
CA ILE D 157 14.64 15.21 -15.38
C ILE D 157 14.91 14.64 -16.78
N LEU D 158 15.79 15.28 -17.57
CA LEU D 158 16.17 14.82 -18.91
C LEU D 158 16.88 13.47 -18.85
N ASP D 159 17.65 13.25 -17.75
CA ASP D 159 18.41 12.04 -17.45
C ASP D 159 17.56 10.76 -17.42
N LEU D 160 16.22 10.91 -17.52
CA LEU D 160 15.25 9.82 -17.55
C LEU D 160 15.34 9.05 -18.86
N VAL D 161 15.76 9.74 -19.91
CA VAL D 161 15.97 9.18 -21.25
C VAL D 161 17.04 8.06 -21.20
N GLU D 162 18.19 8.29 -20.53
CA GLU D 162 19.31 7.35 -20.39
C GLU D 162 19.11 6.41 -19.22
N LYS D 163 18.35 6.86 -18.18
CA LYS D 163 18.01 6.04 -17.00
C LYS D 163 17.13 4.83 -17.43
N GLU D 164 16.11 5.08 -18.27
CA GLU D 164 15.17 4.08 -18.79
C GLU D 164 15.61 3.45 -20.11
N SER D 165 16.15 4.25 -21.08
CA SER D 165 16.56 3.71 -22.40
C SER D 165 18.05 3.28 -22.52
N GLY D 166 18.97 4.11 -22.06
CA GLY D 166 20.40 3.83 -22.13
C GLY D 166 21.05 4.48 -23.34
N ILE D 167 20.23 4.73 -24.39
CA ILE D 167 20.61 5.38 -25.66
C ILE D 167 21.44 6.64 -25.39
N THR D 168 22.71 6.62 -25.81
CA THR D 168 23.61 7.74 -25.67
C THR D 168 23.26 8.73 -26.81
N ILE D 169 22.53 9.80 -26.46
CA ILE D 169 22.10 10.82 -27.42
C ILE D 169 22.83 12.12 -27.20
N VAL D 172 22.74 16.12 -26.44
CA VAL D 172 21.47 16.01 -25.71
C VAL D 172 21.77 15.84 -24.23
N ASN D 173 22.32 14.68 -23.86
CA ASN D 173 22.63 14.32 -22.49
C ASN D 173 24.12 14.43 -22.23
N THR D 174 24.88 14.79 -23.30
CA THR D 174 26.34 14.89 -23.32
C THR D 174 26.89 16.32 -23.60
N PRO D 175 28.06 16.67 -22.99
CA PRO D 175 28.64 17.98 -23.27
C PRO D 175 29.33 18.07 -24.63
N TYR D 176 29.39 19.29 -25.17
CA TYR D 176 29.98 19.58 -26.46
C TYR D 176 30.80 20.82 -26.30
N LEU D 177 31.85 20.96 -27.09
CA LEU D 177 32.70 22.13 -27.03
C LEU D 177 32.70 22.80 -28.38
N TYR D 178 32.87 24.11 -28.37
CA TYR D 178 32.86 24.93 -29.58
C TYR D 178 34.00 25.96 -29.43
N PHE D 179 35.03 25.82 -30.28
CA PHE D 179 36.20 26.66 -30.36
C PHE D 179 35.92 27.60 -31.52
N GLY D 180 35.75 28.88 -31.20
CA GLY D 180 35.35 29.85 -32.22
C GLY D 180 36.38 30.89 -32.56
N MET D 181 36.31 31.39 -33.76
CA MET D 181 37.16 32.47 -34.20
C MET D 181 36.25 33.64 -34.57
N TRP D 182 36.82 34.77 -34.98
CA TRP D 182 35.98 35.89 -35.36
C TRP D 182 35.06 35.50 -36.50
N LYS D 183 33.78 35.94 -36.44
CA LYS D 183 32.74 35.71 -37.47
C LYS D 183 32.12 34.33 -37.50
N THR D 184 32.51 33.39 -36.61
CA THR D 184 31.90 32.06 -36.58
C THR D 184 30.50 32.25 -36.01
N SER D 185 29.51 31.60 -36.58
CA SER D 185 28.11 31.77 -36.22
C SER D 185 27.24 30.57 -35.92
N PHE D 186 26.17 30.83 -35.21
CA PHE D 186 25.15 29.84 -34.97
C PHE D 186 23.87 30.48 -35.49
N ALA D 187 23.19 29.76 -36.36
CA ALA D 187 21.97 30.21 -37.00
C ALA D 187 20.74 30.15 -36.13
N TRP D 188 19.68 30.79 -36.59
CA TRP D 188 18.42 30.82 -35.85
C TRP D 188 17.87 29.43 -35.67
N HIS D 189 17.56 29.08 -34.42
CA HIS D 189 17.03 27.78 -34.09
C HIS D 189 16.51 27.70 -32.68
N THR D 190 15.82 26.62 -32.38
CA THR D 190 15.36 26.32 -31.04
C THR D 190 16.06 25.00 -30.81
N GLU D 191 16.26 24.65 -29.55
CA GLU D 191 16.93 23.41 -29.17
C GLU D 191 16.18 22.22 -29.66
N ASP D 192 16.89 21.14 -29.87
CA ASP D 192 16.23 19.91 -30.33
C ASP D 192 15.22 19.47 -29.27
N MET D 193 13.98 19.17 -29.71
CA MET D 193 12.81 18.80 -28.88
C MET D 193 12.31 20.01 -28.06
N ASP D 194 12.72 21.24 -28.45
CA ASP D 194 12.44 22.51 -27.80
C ASP D 194 12.90 22.47 -26.34
N LEU D 195 14.07 21.82 -26.11
CA LEU D 195 14.69 21.66 -24.79
C LEU D 195 15.29 22.95 -24.33
N TYR D 196 15.85 22.96 -23.11
CA TYR D 196 16.61 24.08 -22.54
C TYR D 196 18.06 23.85 -22.91
N SER D 197 18.88 24.87 -22.84
CA SER D 197 20.34 24.70 -22.98
C SER D 197 21.15 25.65 -22.07
N ILE D 198 22.29 25.15 -21.58
CA ILE D 198 23.26 25.86 -20.76
C ILE D 198 24.50 26.04 -21.67
N ASN D 199 25.18 27.20 -21.57
CA ASN D 199 26.33 27.52 -22.41
C ASN D 199 27.28 28.33 -21.60
N TYR D 200 28.38 27.71 -21.20
CA TYR D 200 29.44 28.38 -20.46
C TYR D 200 30.56 28.75 -21.40
N LEU D 201 31.05 30.00 -21.35
CA LEU D 201 32.20 30.41 -22.15
C LEU D 201 33.40 30.27 -21.26
N HIS D 202 34.18 29.18 -21.47
CA HIS D 202 35.38 28.85 -20.70
C HIS D 202 36.45 29.93 -20.72
N PHE D 203 36.79 30.39 -21.91
CA PHE D 203 37.81 31.41 -22.13
C PHE D 203 37.67 32.06 -23.50
N GLY D 204 38.43 33.12 -23.71
CA GLY D 204 38.52 33.80 -24.98
C GLY D 204 37.69 35.04 -25.16
N GLU D 205 37.58 35.44 -26.43
CA GLU D 205 36.84 36.61 -26.87
C GLU D 205 35.32 36.40 -26.74
N PRO D 206 34.51 37.45 -26.45
CA PRO D 206 33.07 37.21 -26.22
C PRO D 206 32.33 36.52 -27.38
N LYS D 207 31.08 36.14 -27.08
CA LYS D 207 30.10 35.50 -27.93
C LYS D 207 28.87 36.40 -27.85
N SER D 208 28.39 36.88 -29.00
CA SER D 208 27.17 37.70 -29.01
C SER D 208 25.96 36.87 -29.39
N TRP D 209 24.84 37.14 -28.71
CA TRP D 209 23.59 36.40 -28.87
C TRP D 209 22.43 37.32 -29.27
N TYR D 210 21.50 36.77 -30.06
CA TYR D 210 20.23 37.40 -30.47
C TYR D 210 19.13 36.44 -30.02
N SER D 211 18.02 36.96 -29.49
CA SER D 211 16.91 36.11 -29.03
C SER D 211 15.56 36.66 -29.39
N VAL D 212 14.61 35.76 -29.70
CA VAL D 212 13.20 36.08 -29.96
C VAL D 212 12.39 35.45 -28.82
N PRO D 213 11.57 36.22 -28.07
CA PRO D 213 10.83 35.62 -26.97
C PRO D 213 9.98 34.45 -27.41
N PRO D 214 9.87 33.32 -26.64
CA PRO D 214 9.02 32.19 -27.08
C PRO D 214 7.60 32.59 -27.52
N GLU D 215 7.04 33.62 -26.91
CA GLU D 215 5.72 34.13 -27.26
C GLU D 215 5.70 34.63 -28.70
N HIS D 216 6.83 35.08 -29.23
CA HIS D 216 6.90 35.54 -30.62
C HIS D 216 7.51 34.55 -31.66
N GLY D 217 7.92 33.37 -31.23
CA GLY D 217 8.56 32.34 -32.04
C GLY D 217 7.96 32.09 -33.42
N LYS D 218 6.62 31.96 -33.46
CA LYS D 218 5.82 31.69 -34.66
C LYS D 218 5.90 32.81 -35.71
N ARG D 219 6.11 34.07 -35.28
CA ARG D 219 6.23 35.22 -36.16
C ARG D 219 7.55 35.10 -36.93
N LEU D 220 8.65 34.74 -36.24
CA LEU D 220 9.96 34.51 -36.88
C LEU D 220 9.84 33.37 -37.91
N GLU D 221 9.14 32.29 -37.55
CA GLU D 221 8.88 31.13 -38.41
C GLU D 221 8.15 31.57 -39.69
N ARG D 222 7.04 32.32 -39.51
CA ARG D 222 6.22 32.85 -40.59
C ARG D 222 7.05 33.70 -41.54
N LEU D 223 7.91 34.56 -40.96
CA LEU D 223 8.84 35.41 -41.71
C LEU D 223 9.80 34.57 -42.57
N ALA D 224 10.50 33.57 -41.97
CA ALA D 224 11.42 32.66 -42.66
C ALA D 224 10.72 31.82 -43.71
N LYS D 225 9.45 31.38 -43.44
CA LYS D 225 8.62 30.61 -44.38
C LYS D 225 8.35 31.42 -45.65
N GLY D 226 8.25 32.75 -45.50
CA GLY D 226 8.01 33.67 -46.59
C GLY D 226 9.24 33.92 -47.41
N PHE D 227 10.42 33.90 -46.75
CA PHE D 227 11.74 34.14 -47.35
C PHE D 227 12.34 32.91 -48.03
N PHE D 228 12.15 31.73 -47.44
CA PHE D 228 12.67 30.48 -47.99
C PHE D 228 11.51 29.51 -48.21
N PRO D 229 10.60 29.79 -49.20
CA PRO D 229 9.42 28.91 -49.39
C PRO D 229 9.74 27.53 -49.97
N GLY D 230 10.86 27.44 -50.68
CA GLY D 230 11.35 26.18 -51.26
C GLY D 230 11.84 25.27 -50.15
N SER D 231 12.52 25.87 -49.15
CA SER D 231 13.05 25.20 -47.95
C SER D 231 11.90 24.83 -47.00
N ALA D 232 10.84 25.67 -46.95
CA ALA D 232 9.65 25.46 -46.12
C ALA D 232 8.73 24.36 -46.67
N GLN D 233 8.65 24.23 -48.02
CA GLN D 233 7.85 23.20 -48.69
C GLN D 233 8.54 21.84 -48.56
N SER D 234 9.89 21.85 -48.42
CA SER D 234 10.75 20.67 -48.28
C SER D 234 10.79 20.17 -46.83
N CYS D 235 10.72 21.09 -45.85
CA CYS D 235 10.76 20.79 -44.42
C CYS D 235 9.95 21.80 -43.61
N GLU D 236 9.02 21.28 -42.78
CA GLU D 236 8.17 22.09 -41.89
C GLU D 236 9.05 22.86 -40.87
N ALA D 237 10.03 22.14 -40.29
CA ALA D 237 10.96 22.69 -39.31
C ALA D 237 12.38 22.84 -39.95
N PHE D 238 12.48 23.69 -40.99
CA PHE D 238 13.74 23.86 -41.72
C PHE D 238 14.77 24.69 -40.95
N LEU D 239 14.35 25.45 -39.88
CA LEU D 239 15.24 26.22 -39.02
C LEU D 239 16.14 25.29 -38.17
N ARG D 240 15.65 24.06 -37.90
CA ARG D 240 16.35 22.99 -37.18
C ARG D 240 17.63 22.53 -37.92
N HIS D 241 17.71 22.81 -39.21
CA HIS D 241 18.86 22.53 -40.04
C HIS D 241 20.02 23.40 -39.53
N LYS D 242 19.66 24.55 -38.94
CA LYS D 242 20.50 25.62 -38.39
C LYS D 242 21.37 26.20 -39.49
N MET D 243 20.72 26.68 -40.55
CA MET D 243 21.37 27.26 -41.72
C MET D 243 20.89 28.70 -42.06
N THR D 244 19.89 29.20 -41.36
CA THR D 244 19.31 30.49 -41.69
C THR D 244 19.81 31.63 -40.82
N LEU D 245 20.35 32.67 -41.46
CA LEU D 245 20.84 33.86 -40.77
C LEU D 245 20.00 35.07 -41.20
N ILE D 246 19.46 35.79 -40.21
CA ILE D 246 18.59 36.96 -40.42
C ILE D 246 19.15 38.07 -39.59
N SER D 247 19.48 39.20 -40.20
CA SER D 247 20.10 40.35 -39.49
C SER D 247 19.12 41.08 -38.57
N PRO D 248 19.58 41.68 -37.43
CA PRO D 248 18.66 42.38 -36.52
C PRO D 248 17.83 43.45 -37.23
N LEU D 249 18.41 44.13 -38.24
CA LEU D 249 17.72 45.14 -39.01
C LEU D 249 16.50 44.56 -39.78
N MET D 250 16.67 43.37 -40.34
CA MET D 250 15.65 42.61 -41.07
C MET D 250 14.52 42.28 -40.12
N LEU D 251 14.85 41.78 -38.91
CA LEU D 251 13.88 41.50 -37.83
C LEU D 251 13.08 42.72 -37.46
N LYS D 252 13.78 43.86 -37.25
CA LYS D 252 13.19 45.16 -36.89
C LYS D 252 12.25 45.64 -37.99
N LYS D 253 12.65 45.49 -39.26
CA LYS D 253 11.88 45.88 -40.44
C LYS D 253 10.52 45.14 -40.49
N TYR D 254 10.54 43.85 -40.19
CA TYR D 254 9.39 42.98 -40.25
C TYR D 254 8.65 42.85 -38.91
N GLY D 255 9.00 43.69 -37.95
CA GLY D 255 8.36 43.77 -36.65
C GLY D 255 8.51 42.57 -35.72
N ILE D 256 9.64 41.87 -35.77
CA ILE D 256 9.86 40.74 -34.87
C ILE D 256 10.41 41.29 -33.55
N PRO D 257 9.78 41.11 -32.38
CA PRO D 257 10.42 41.57 -31.15
C PRO D 257 11.59 40.63 -30.84
N PHE D 258 12.73 41.23 -30.46
CA PHE D 258 13.96 40.49 -30.20
C PHE D 258 14.83 41.30 -29.29
N ASP D 259 15.80 40.62 -28.66
CA ASP D 259 16.76 41.27 -27.80
C ASP D 259 18.14 40.73 -28.11
N LYS D 260 19.18 41.49 -27.77
CA LYS D 260 20.58 41.06 -27.96
C LYS D 260 21.38 41.14 -26.63
N VAL D 261 22.40 40.29 -26.48
CA VAL D 261 23.27 40.25 -25.30
C VAL D 261 24.63 39.65 -25.66
N THR D 262 25.69 40.14 -25.01
CA THR D 262 27.05 39.67 -25.20
C THR D 262 27.49 38.84 -23.97
N GLN D 263 27.91 37.60 -24.21
CA GLN D 263 28.38 36.72 -23.16
C GLN D 263 29.88 36.86 -23.11
N GLU D 264 30.43 37.14 -21.93
CA GLU D 264 31.88 37.24 -21.74
C GLU D 264 32.38 35.93 -21.13
N ALA D 265 33.71 35.73 -21.07
CA ALA D 265 34.30 34.53 -20.52
C ALA D 265 33.94 34.40 -19.06
N GLY D 266 33.54 33.19 -18.69
CA GLY D 266 33.15 32.88 -17.32
C GLY D 266 31.71 33.16 -16.94
N GLU D 267 30.84 33.39 -17.94
CA GLU D 267 29.42 33.65 -17.70
C GLU D 267 28.59 32.57 -18.42
N PHE D 268 27.41 32.26 -17.89
CA PHE D 268 26.51 31.25 -18.44
C PHE D 268 25.33 31.86 -19.13
N MET D 269 24.91 31.24 -20.21
CA MET D 269 23.70 31.63 -20.94
C MET D 269 22.76 30.44 -20.91
N ILE D 270 21.49 30.72 -20.66
CA ILE D 270 20.43 29.73 -20.56
C ILE D 270 19.40 30.04 -21.64
N THR D 271 19.15 29.09 -22.51
CA THR D 271 18.13 29.25 -23.53
C THR D 271 16.95 28.47 -22.96
N PHE D 272 15.74 28.99 -23.18
CA PHE D 272 14.52 28.40 -22.65
C PHE D 272 13.78 27.68 -23.77
N PRO D 273 12.81 26.74 -23.44
CA PRO D 273 12.06 26.04 -24.50
C PRO D 273 11.40 26.97 -25.51
N TYR D 274 11.57 26.62 -26.80
CA TYR D 274 11.01 27.31 -27.97
C TYR D 274 11.51 28.77 -28.10
N GLY D 275 12.65 29.03 -27.48
CA GLY D 275 13.32 30.32 -27.51
C GLY D 275 14.35 30.29 -28.60
N TYR D 276 14.01 30.95 -29.73
CA TYR D 276 14.84 31.04 -30.95
C TYR D 276 16.01 31.95 -30.65
N HIS D 277 17.19 31.54 -31.08
CA HIS D 277 18.40 32.30 -30.84
C HIS D 277 19.35 32.07 -31.98
N ALA D 278 20.26 33.03 -32.17
CA ALA D 278 21.34 33.07 -33.15
C ALA D 278 22.45 33.91 -32.55
N GLY D 279 23.59 33.97 -33.21
CA GLY D 279 24.73 34.74 -32.73
C GLY D 279 26.03 34.43 -33.43
N PHE D 280 27.10 35.07 -32.96
CA PHE D 280 28.43 34.98 -33.56
C PHE D 280 29.52 35.18 -32.50
N ASN D 281 30.75 34.71 -32.80
CA ASN D 281 31.89 34.85 -31.89
C ASN D 281 32.75 36.01 -32.34
N HIS D 282 33.28 36.76 -31.37
CA HIS D 282 34.10 37.95 -31.58
C HIS D 282 35.49 37.61 -31.98
N GLY D 283 35.98 36.49 -31.49
CA GLY D 283 37.35 36.08 -31.77
C GLY D 283 37.62 34.72 -31.18
N PHE D 284 38.92 34.38 -31.01
CA PHE D 284 39.30 33.08 -30.48
C PHE D 284 38.69 32.84 -29.11
N ASN D 285 38.00 31.73 -28.95
CA ASN D 285 37.32 31.35 -27.70
C ASN D 285 36.92 29.90 -27.67
N CYS D 286 36.53 29.46 -26.48
CA CYS D 286 36.00 28.13 -26.24
C CYS D 286 34.82 28.24 -25.28
N ALA D 287 33.68 27.59 -25.67
CA ALA D 287 32.43 27.43 -24.91
C ALA D 287 31.99 25.98 -24.82
N GLU D 288 31.41 25.59 -23.68
CA GLU D 288 30.85 24.25 -23.45
C GLU D 288 29.32 24.36 -23.36
N SER D 289 28.57 23.31 -23.83
CA SER D 289 27.09 23.33 -23.78
C SER D 289 26.47 21.94 -23.76
N THR D 290 25.20 21.88 -23.31
CA THR D 290 24.33 20.69 -23.29
C THR D 290 22.88 21.10 -23.17
N ASN D 291 21.98 20.13 -23.30
CA ASN D 291 20.55 20.34 -23.16
C ASN D 291 20.12 19.83 -21.80
N PHE D 292 19.07 20.43 -21.24
CA PHE D 292 18.51 20.02 -19.97
C PHE D 292 17.00 20.23 -20.01
N ALA D 293 16.29 19.81 -18.94
CA ALA D 293 14.85 19.95 -18.85
C ALA D 293 14.35 20.27 -17.44
N THR D 294 13.10 20.78 -17.36
CA THR D 294 12.31 21.06 -16.15
C THR D 294 10.92 20.50 -16.46
N ARG D 295 10.05 20.35 -15.46
CA ARG D 295 8.67 19.83 -15.64
C ARG D 295 7.86 20.57 -16.73
N ARG D 296 8.08 21.90 -16.85
CA ARG D 296 7.47 22.77 -17.85
C ARG D 296 7.81 22.33 -19.29
N TRP D 297 9.04 21.79 -19.51
CA TRP D 297 9.49 21.35 -20.85
C TRP D 297 8.62 20.22 -21.45
N ILE D 298 8.12 19.28 -20.62
CA ILE D 298 7.37 18.11 -21.10
C ILE D 298 6.32 18.48 -22.16
N GLU D 299 5.55 19.57 -21.94
CA GLU D 299 4.52 20.00 -22.90
C GLU D 299 5.09 20.51 -24.22
N TYR D 300 6.29 21.10 -24.17
CA TYR D 300 7.02 21.56 -25.32
C TYR D 300 7.60 20.36 -26.06
N GLY D 301 7.99 19.32 -25.32
CA GLY D 301 8.53 18.09 -25.89
C GLY D 301 7.50 17.33 -26.70
N LYS D 302 6.25 17.30 -26.17
CA LYS D 302 5.08 16.65 -26.76
C LYS D 302 4.54 17.39 -27.99
N GLN D 303 4.62 18.73 -28.01
CA GLN D 303 4.08 19.58 -29.08
C GLN D 303 5.10 20.00 -30.13
N ALA D 304 6.41 19.71 -29.92
CA ALA D 304 7.54 20.11 -30.79
C ALA D 304 7.41 19.69 -32.27
N VAL D 305 7.53 20.68 -33.19
CA VAL D 305 7.50 20.46 -34.64
C VAL D 305 8.92 20.08 -35.06
N LEU D 306 9.09 18.83 -35.49
CA LEU D 306 10.39 18.29 -35.83
C LEU D 306 10.68 18.22 -37.31
N CYS D 307 11.98 18.13 -37.63
CA CYS D 307 12.53 18.02 -38.96
C CYS D 307 12.01 16.73 -39.61
N SER D 308 11.27 16.90 -40.72
CA SER D 308 10.66 15.81 -41.49
C SER D 308 11.57 15.21 -42.58
N CYS D 309 12.54 15.98 -43.09
CA CYS D 309 13.46 15.54 -44.15
C CYS D 309 14.65 14.75 -43.60
N MET D 313 18.36 13.40 -37.47
CA MET D 313 17.93 14.44 -36.55
C MET D 313 17.57 13.90 -35.16
N VAL D 314 17.61 14.79 -34.13
CA VAL D 314 17.37 14.43 -32.74
C VAL D 314 15.88 14.29 -32.42
N LYS D 315 15.47 13.07 -32.03
CA LYS D 315 14.11 12.74 -31.61
C LYS D 315 14.17 12.03 -30.26
N ILE D 316 13.28 12.41 -29.33
CA ILE D 316 13.16 11.83 -27.99
C ILE D 316 11.75 11.23 -27.85
N SER D 317 11.65 10.00 -27.30
CA SER D 317 10.37 9.35 -27.02
C SER D 317 9.78 10.06 -25.79
N MET D 318 8.63 10.71 -25.98
CA MET D 318 7.98 11.46 -24.91
C MET D 318 7.24 10.59 -23.91
N ASP D 319 6.86 9.35 -24.33
CA ASP D 319 6.08 8.36 -23.57
C ASP D 319 6.47 8.30 -22.08
N VAL D 320 7.79 8.18 -21.79
CA VAL D 320 8.37 8.06 -20.44
C VAL D 320 8.08 9.29 -19.55
N PHE D 321 8.06 10.51 -20.14
CA PHE D 321 7.80 11.77 -19.43
C PHE D 321 6.32 11.92 -19.12
N VAL D 322 5.48 11.59 -20.11
CA VAL D 322 4.03 11.67 -19.96
C VAL D 322 3.58 10.64 -18.93
N ARG D 323 4.15 9.41 -18.97
CA ARG D 323 3.82 8.33 -18.04
C ARG D 323 4.11 8.68 -16.56
N LYS D 324 5.24 9.38 -16.27
CA LYS D 324 5.68 9.76 -14.92
C LYS D 324 5.08 11.06 -14.41
N PHE D 325 4.97 12.08 -15.28
CA PHE D 325 4.52 13.38 -14.82
C PHE D 325 3.07 13.72 -15.17
N GLN D 326 2.49 13.07 -16.20
CA GLN D 326 1.10 13.30 -16.61
C GLN D 326 0.36 11.94 -16.82
N PRO D 327 0.39 10.95 -15.86
CA PRO D 327 -0.27 9.65 -16.14
C PRO D 327 -1.77 9.71 -16.45
N GLU D 328 -2.47 10.75 -15.95
CA GLU D 328 -3.90 11.00 -16.19
C GLU D 328 -4.15 11.41 -17.65
N ARG D 329 -3.13 12.02 -18.28
CA ARG D 329 -3.16 12.47 -19.67
C ARG D 329 -2.51 11.47 -20.63
N TYR D 330 -1.88 10.40 -20.11
CA TYR D 330 -1.21 9.38 -20.92
C TYR D 330 -2.11 8.76 -21.98
N LYS D 331 -3.32 8.32 -21.59
CA LYS D 331 -4.27 7.68 -22.49
C LYS D 331 -4.78 8.66 -23.55
N LEU D 332 -5.17 9.88 -23.12
CA LEU D 332 -5.65 10.95 -23.99
C LEU D 332 -4.60 11.41 -25.01
N TRP D 333 -3.32 11.47 -24.59
CA TRP D 333 -2.20 11.86 -25.44
C TRP D 333 -1.84 10.74 -26.43
N LYS D 334 -1.86 9.48 -25.96
CA LYS D 334 -1.58 8.29 -26.79
C LYS D 334 -2.69 8.07 -27.85
N ALA D 335 -3.88 8.68 -27.62
CA ALA D 335 -5.04 8.64 -28.52
C ALA D 335 -5.03 9.82 -29.51
N GLY D 336 -4.25 10.85 -29.20
CA GLY D 336 -4.11 12.04 -30.03
C GLY D 336 -5.13 13.13 -29.73
N LYS D 337 -5.76 13.04 -28.53
CA LYS D 337 -6.77 14.00 -28.07
C LYS D 337 -6.22 15.09 -27.13
N ASP D 338 -4.90 15.07 -26.80
CA ASP D 338 -4.30 16.08 -25.92
C ASP D 338 -4.28 17.47 -26.59
N ASN D 339 -5.36 18.24 -26.36
CA ASN D 339 -5.59 19.57 -26.91
C ASN D 339 -5.05 20.72 -26.02
N THR D 340 -4.02 20.43 -25.18
CA THR D 340 -3.37 21.39 -24.28
C THR D 340 -2.72 22.53 -25.04
N VAL D 341 -3.03 23.75 -24.62
CA VAL D 341 -2.45 24.95 -25.19
C VAL D 341 -1.36 25.44 -24.23
N ILE D 342 -0.16 25.75 -24.77
CA ILE D 342 0.99 26.23 -23.99
C ILE D 342 0.92 27.74 -23.77
N ASP D 343 1.23 28.19 -22.54
CA ASP D 343 1.33 29.59 -22.14
C ASP D 343 2.83 29.84 -21.93
N HIS D 344 3.45 30.58 -22.87
CA HIS D 344 4.88 30.85 -22.86
C HIS D 344 5.35 31.77 -21.70
N THR D 345 4.38 32.35 -20.95
CA THR D 345 4.62 33.26 -19.84
C THR D 345 4.55 32.54 -18.48
N LEU D 346 4.01 31.33 -18.44
CA LEU D 346 3.87 30.57 -17.21
C LEU D 346 5.20 29.99 -16.76
N PRO D 347 5.63 30.21 -15.50
CA PRO D 347 6.89 29.62 -15.05
C PRO D 347 6.79 28.10 -14.86
N THR D 348 7.91 27.45 -14.57
CA THR D 348 7.96 26.02 -14.29
C THR D 348 7.32 25.73 -12.91
N PRO D 349 6.64 24.55 -12.73
CA PRO D 349 6.06 24.24 -11.41
C PRO D 349 7.00 24.27 -10.20
N GLU D 350 8.31 24.01 -10.44
CA GLU D 350 9.41 24.00 -9.46
C GLU D 350 9.68 25.38 -8.80
N ALA D 351 9.09 26.45 -9.40
CA ALA D 351 9.20 27.84 -8.94
C ALA D 351 8.31 28.13 -7.75
N ALA D 352 7.31 27.26 -7.48
CA ALA D 352 6.33 27.39 -6.39
C ALA D 352 6.90 27.98 -5.09
N GLU D 353 8.09 27.50 -4.69
CA GLU D 353 8.83 27.89 -3.49
C GLU D 353 9.29 29.37 -3.47
N PHE D 354 9.10 30.11 -4.59
CA PHE D 354 9.49 31.51 -4.77
C PHE D 354 8.29 32.40 -5.21
N LEU D 355 7.09 31.80 -5.32
CA LEU D 355 5.88 32.50 -5.73
C LEU D 355 4.89 32.68 -4.57
#